data_8IPR
#
_entry.id   8IPR
#
_cell.length_a   1.00
_cell.length_b   1.00
_cell.length_c   1.00
_cell.angle_alpha   90.00
_cell.angle_beta   90.00
_cell.angle_gamma   90.00
#
_symmetry.space_group_name_H-M   'P 1'
#
loop_
_entity.id
_entity.type
_entity.pdbx_description
1 polymer "Component linked with the assembly of cytochrome' ABC transporter ATP-binding protein CydC"
2 polymer 'Transmembrane ATP-binding protein ABC transporter cydD'
3 non-polymer 'MAGNESIUM ION'
4 non-polymer "ADENOSINE-5'-TRIPHOSPHATE"
#
loop_
_entity_poly.entity_id
_entity_poly.type
_entity_poly.pdbx_seq_one_letter_code
_entity_poly.pdbx_strand_id
1 'polypeptide(L)'
;LRHDPLLRLTLELLRPRLGRFLLAAALGVLSLGSALALAGISAWLITRAWQMPPVLDLTVAVVAVRALGISRGVLGYCQR
LASHDSALRAAANARTGLYRKLADAPPDEAMRLPSGELVARLGPAVDELADVLVRALLPIVVAVVLGCAAVGVIAVISPA
SAAVLAVCLVVAGVVAPALAARAAHASETVAAEHRSQRDTAGMLALEHAPELRVSGRLDSVIATFERHHRAWGEAADRAA
APAAVAAAMPTAAMGVSVVGAVIAGIALAPTVAPTTAAILMLLPLSAFEATTALPDAAAQLMRSRVAARRLLELTTPTPL
RSRPDVATVDLAPGDRLAVVGPSGSGKTTMLMAIADRLNGAGGETPQRAAVFAEDAHLFDTTVRDNLLVVRGDATDTELV
AALDRVGLGEWLAGLPDGLSTVLVGGAAAVSAGQRRRLLIARALISAFPVVLLDQPTENLDAGDARQMLEGLLTPGALFA
ADRTVVVATHHLPPGFDCPIVRCT
;
A,D
2 'polypeptide(L)'
;SYFQSNVVIAGCTIASAVVLAHIVAGIITNPATALGGETDWAPGLVALAVLWSVRVVAQWFQGRLSQRGATAVIGELSRQ
VLSSVTTSSPRRLAADRDSAAAVVTRGLDGLRPYFTGYLPAVVLAGILTPAALVVMAAYDWQAAAIVVIALPLIPIFMVL
IGLLTAERSAAALTAMTTLQGRMLDLIAGIPTLRAVGRAGGSVQRIAELSASHRRSTMATLRISFLSALVLELLATLGVA
LVAVSVGLRLVFGDMTLAAGLTALLLAPEVFWPLRRVGAAFHAAQDGKTAAEQALRLCAEPHPPTGHEVVPAGAPVIEVP
ALKAVMEPGRVTVLTGPNGVGKSTLLQAILGLQESPCGPILVAGVEVGALDRSAWWGRLAWMPHRPVLVPGTVRENLELL
GPVPGLDEVCRSVGFDEVLGELPDGSETPLGRGGVGLSLGQRQRLGLVRALGAPADVLLLDQPTAHLDGALEDRVLAAIV
ARARAGATVVMVGHRAPVLAAADHVVTMESSLVAP
;
C,E
#
loop_
_chem_comp.id
_chem_comp.type
_chem_comp.name
_chem_comp.formula
ATP non-polymer ADENOSINE-5'-TRIPHOSPHATE 'C10 H16 N5 O13 P3'
MG non-polymer 'MAGNESIUM ION' 'Mg 2'
#
# COMPACT_ATOMS: atom_id res chain seq x y z
N LEU A 1 -41.41 -7.64 -23.86
CA LEU A 1 -41.36 -9.09 -23.70
C LEU A 1 -41.13 -9.46 -22.24
N ARG A 2 -41.60 -10.64 -21.84
CA ARG A 2 -41.43 -11.11 -20.47
C ARG A 2 -40.91 -12.55 -20.45
N HIS A 3 -41.19 -13.30 -21.51
CA HIS A 3 -40.83 -14.71 -21.58
C HIS A 3 -39.46 -14.95 -22.18
N ASP A 4 -38.72 -13.90 -22.51
CA ASP A 4 -37.37 -14.06 -23.05
C ASP A 4 -36.46 -14.64 -21.98
N PRO A 5 -35.80 -15.77 -22.23
CA PRO A 5 -34.87 -16.31 -21.23
C PRO A 5 -33.72 -15.37 -20.91
N LEU A 6 -33.25 -14.60 -21.90
CA LEU A 6 -32.19 -13.63 -21.64
C LEU A 6 -32.64 -12.59 -20.63
N LEU A 7 -33.90 -12.14 -20.74
CA LEU A 7 -34.41 -11.13 -19.81
C LEU A 7 -34.44 -11.66 -18.38
N ARG A 8 -34.90 -12.89 -18.19
CA ARG A 8 -34.89 -13.49 -16.86
C ARG A 8 -33.47 -13.66 -16.34
N LEU A 9 -32.55 -14.06 -17.24
CA LEU A 9 -31.16 -14.23 -16.83
C LEU A 9 -30.56 -12.92 -16.33
N THR A 10 -30.76 -11.83 -17.08
CA THR A 10 -30.19 -10.56 -16.63
C THR A 10 -30.98 -9.97 -15.47
N LEU A 11 -32.22 -10.41 -15.25
CA LEU A 11 -32.96 -9.95 -14.08
C LEU A 11 -32.45 -10.61 -12.81
N GLU A 12 -32.15 -11.91 -12.87
CA GLU A 12 -31.58 -12.57 -11.67
C GLU A 12 -30.17 -12.02 -11.42
N LEU A 13 -29.21 -12.31 -12.32
CA LEU A 13 -27.77 -12.13 -11.99
C LEU A 13 -27.50 -10.65 -11.76
N LEU A 14 -28.03 -9.79 -12.64
CA LEU A 14 -27.80 -8.32 -12.58
C LEU A 14 -28.90 -7.65 -11.75
N ARG A 15 -29.30 -8.23 -10.61
CA ARG A 15 -30.41 -7.71 -9.82
C ARG A 15 -30.28 -6.22 -9.54
N PRO A 16 -31.18 -5.42 -10.10
CA PRO A 16 -31.11 -3.97 -9.86
C PRO A 16 -32.03 -3.51 -8.74
N ARG A 17 -31.95 -2.22 -8.42
CA ARG A 17 -32.84 -1.59 -7.45
C ARG A 17 -33.54 -0.42 -8.11
N LEU A 18 -34.86 -0.32 -7.86
CA LEU A 18 -35.65 0.74 -8.49
C LEU A 18 -35.25 2.12 -8.00
N GLY A 19 -34.79 2.23 -6.76
CA GLY A 19 -34.45 3.54 -6.21
C GLY A 19 -33.35 4.24 -6.98
N ARG A 20 -32.28 3.51 -7.29
CA ARG A 20 -31.16 4.12 -7.99
C ARG A 20 -31.52 4.49 -9.43
N PHE A 21 -32.30 3.64 -10.10
CA PHE A 21 -32.75 3.96 -11.44
C PHE A 21 -33.61 5.22 -11.45
N LEU A 22 -34.56 5.31 -10.51
CA LEU A 22 -35.39 6.49 -10.42
C LEU A 22 -34.56 7.73 -10.07
N LEU A 23 -33.58 7.58 -9.20
CA LEU A 23 -32.72 8.70 -8.85
C LEU A 23 -31.92 9.19 -10.05
N ALA A 24 -31.40 8.27 -10.85
CA ALA A 24 -30.65 8.67 -12.04
C ALA A 24 -31.55 9.37 -13.06
N ALA A 25 -32.77 8.85 -13.25
CA ALA A 25 -33.70 9.51 -14.16
C ALA A 25 -34.06 10.91 -13.66
N ALA A 26 -34.29 11.05 -12.35
CA ALA A 26 -34.59 12.36 -11.78
C ALA A 26 -33.40 13.31 -11.94
N LEU A 27 -32.18 12.80 -11.76
CA LEU A 27 -31.00 13.64 -11.93
C LEU A 27 -30.85 14.11 -13.36
N GLY A 28 -31.15 13.25 -14.33
CA GLY A 28 -31.14 13.69 -15.72
C GLY A 28 -32.19 14.77 -15.98
N VAL A 29 -33.40 14.56 -15.47
CA VAL A 29 -34.47 15.54 -15.65
C VAL A 29 -34.07 16.87 -15.03
N LEU A 30 -33.44 16.83 -13.86
CA LEU A 30 -33.01 18.06 -13.19
C LEU A 30 -31.85 18.72 -13.93
N SER A 31 -30.95 17.93 -14.53
CA SER A 31 -29.89 18.50 -15.34
C SER A 31 -30.47 19.21 -16.56
N LEU A 32 -31.62 18.75 -17.05
CA LEU A 32 -32.35 19.52 -18.05
C LEU A 32 -32.87 20.85 -17.49
N GLY A 33 -32.86 21.00 -16.16
CA GLY A 33 -33.41 22.21 -15.56
C GLY A 33 -32.64 23.47 -15.92
N SER A 34 -31.31 23.39 -15.91
CA SER A 34 -30.51 24.55 -16.29
C SER A 34 -30.72 24.91 -17.76
N ALA A 35 -30.85 23.88 -18.61
CA ALA A 35 -31.16 24.12 -20.01
C ALA A 35 -32.50 24.85 -20.14
N LEU A 36 -33.47 24.47 -19.33
CA LEU A 36 -34.75 25.20 -19.32
C LEU A 36 -34.58 26.62 -18.82
N ALA A 37 -33.74 26.83 -17.81
CA ALA A 37 -33.74 28.06 -17.02
C ALA A 37 -32.66 29.06 -17.43
N LEU A 38 -31.87 28.78 -18.47
CA LEU A 38 -30.93 29.81 -18.92
C LEU A 38 -31.65 31.09 -19.34
N ALA A 39 -32.74 30.95 -20.10
CA ALA A 39 -33.51 32.09 -20.55
C ALA A 39 -34.87 32.21 -19.87
N GLY A 40 -35.13 31.39 -18.85
CA GLY A 40 -36.42 31.41 -18.19
C GLY A 40 -36.60 32.47 -17.13
N ILE A 41 -35.56 33.20 -16.78
CA ILE A 41 -35.66 34.25 -15.77
C ILE A 41 -35.17 35.61 -16.23
N SER A 42 -34.34 35.70 -17.27
CA SER A 42 -33.79 36.97 -17.74
C SER A 42 -33.86 37.06 -19.25
N ALA A 43 -35.06 36.85 -19.80
CA ALA A 43 -35.25 36.90 -21.25
C ALA A 43 -34.79 38.24 -21.81
N TRP A 44 -35.25 39.33 -21.22
CA TRP A 44 -34.81 40.67 -21.61
C TRP A 44 -34.90 41.58 -20.39
N LEU A 45 -34.84 42.89 -20.62
CA LEU A 45 -34.90 43.85 -19.52
C LEU A 45 -36.34 44.13 -19.13
N ILE A 46 -37.14 43.07 -18.96
CA ILE A 46 -38.52 43.21 -18.52
C ILE A 46 -38.78 42.26 -17.35
N THR A 47 -38.48 40.97 -17.55
CA THR A 47 -38.91 39.94 -16.63
C THR A 47 -38.25 40.07 -15.27
N ARG A 48 -36.93 40.22 -15.24
CA ARG A 48 -36.16 40.22 -14.00
C ARG A 48 -35.87 41.65 -13.58
N ALA A 49 -36.29 42.01 -12.37
CA ALA A 49 -36.03 43.32 -11.78
C ALA A 49 -36.53 44.44 -12.68
N TRP A 50 -37.73 44.24 -13.23
CA TRP A 50 -38.39 45.17 -14.15
C TRP A 50 -37.41 45.79 -15.15
N GLN A 51 -37.05 47.05 -14.94
CA GLN A 51 -36.06 47.72 -15.83
C GLN A 51 -34.80 48.03 -15.01
N MET A 52 -33.63 47.91 -15.64
CA MET A 52 -32.33 48.05 -14.92
C MET A 52 -31.28 48.66 -15.85
N PRO A 53 -30.30 49.42 -15.34
CA PRO A 53 -29.22 49.96 -16.18
C PRO A 53 -28.47 48.83 -16.90
N PRO A 54 -27.97 49.05 -18.13
CA PRO A 54 -27.31 47.94 -18.88
C PRO A 54 -26.21 47.22 -18.13
N VAL A 55 -25.38 47.93 -17.36
CA VAL A 55 -24.27 47.27 -16.68
C VAL A 55 -24.80 46.33 -15.59
N LEU A 56 -25.87 46.75 -14.90
CA LEU A 56 -26.50 45.88 -13.91
C LEU A 56 -27.04 44.61 -14.58
N ASP A 57 -27.67 44.75 -15.75
CA ASP A 57 -28.17 43.60 -16.46
C ASP A 57 -27.04 42.68 -16.89
N LEU A 58 -25.92 43.25 -17.34
CA LEU A 58 -24.78 42.44 -17.73
C LEU A 58 -24.24 41.63 -16.56
N THR A 59 -24.08 42.29 -15.41
CA THR A 59 -23.59 41.60 -14.22
C THR A 59 -24.54 40.50 -13.79
N VAL A 60 -25.84 40.78 -13.80
CA VAL A 60 -26.84 39.78 -13.41
C VAL A 60 -26.79 38.59 -14.37
N ALA A 61 -26.70 38.86 -15.67
CA ALA A 61 -26.65 37.78 -16.64
C ALA A 61 -25.42 36.91 -16.44
N VAL A 62 -24.25 37.53 -16.22
CA VAL A 62 -23.02 36.77 -16.03
C VAL A 62 -23.12 35.90 -14.78
N VAL A 63 -23.59 36.47 -13.68
CA VAL A 63 -23.64 35.71 -12.43
C VAL A 63 -24.66 34.59 -12.53
N ALA A 64 -25.79 34.83 -13.21
CA ALA A 64 -26.78 33.78 -13.39
C ALA A 64 -26.24 32.64 -14.25
N VAL A 65 -25.54 32.99 -15.34
CA VAL A 65 -24.98 31.96 -16.21
C VAL A 65 -23.95 31.12 -15.46
N ARG A 66 -23.08 31.77 -14.68
CA ARG A 66 -22.08 31.03 -13.93
C ARG A 66 -22.71 30.14 -12.87
N ALA A 67 -23.74 30.64 -12.17
CA ALA A 67 -24.41 29.82 -11.17
C ALA A 67 -25.09 28.62 -11.81
N LEU A 68 -25.74 28.81 -12.96
CA LEU A 68 -26.36 27.68 -13.65
C LEU A 68 -25.31 26.67 -14.10
N GLY A 69 -24.16 27.15 -14.57
CA GLY A 69 -23.08 26.24 -14.92
C GLY A 69 -22.58 25.42 -13.74
N ILE A 70 -22.44 26.08 -12.58
CA ILE A 70 -22.02 25.37 -11.37
C ILE A 70 -23.03 24.29 -11.00
N SER A 71 -24.32 24.66 -11.05
CA SER A 71 -25.36 23.69 -10.70
C SER A 71 -25.36 22.51 -11.67
N ARG A 72 -25.23 22.77 -12.97
CA ARG A 72 -25.20 21.69 -13.95
C ARG A 72 -23.98 20.79 -13.73
N GLY A 73 -22.83 21.38 -13.44
CA GLY A 73 -21.65 20.56 -13.19
C GLY A 73 -21.79 19.67 -11.97
N VAL A 74 -22.33 20.21 -10.88
CA VAL A 74 -22.52 19.41 -9.67
C VAL A 74 -23.53 18.30 -9.92
N LEU A 75 -24.63 18.62 -10.62
CA LEU A 75 -25.64 17.62 -10.92
C LEU A 75 -25.07 16.51 -11.81
N GLY A 76 -24.26 16.88 -12.81
CA GLY A 76 -23.64 15.87 -13.65
C GLY A 76 -22.67 14.99 -12.89
N TYR A 77 -21.92 15.59 -11.96
CA TYR A 77 -21.02 14.79 -11.13
C TYR A 77 -21.80 13.78 -10.30
N CYS A 78 -22.89 14.23 -9.68
CA CYS A 78 -23.70 13.32 -8.87
C CYS A 78 -24.32 12.21 -9.71
N GLN A 79 -24.83 12.55 -10.89
CA GLN A 79 -25.45 11.55 -11.75
C GLN A 79 -24.42 10.53 -12.24
N ARG A 80 -23.23 10.99 -12.62
CA ARG A 80 -22.19 10.06 -13.05
C ARG A 80 -21.79 9.13 -11.91
N LEU A 81 -21.64 9.67 -10.70
CA LEU A 81 -21.31 8.84 -9.55
C LEU A 81 -22.37 7.76 -9.33
N ALA A 82 -23.65 8.15 -9.35
CA ALA A 82 -24.72 7.19 -9.12
C ALA A 82 -24.74 6.11 -10.20
N SER A 83 -24.63 6.51 -11.47
CA SER A 83 -24.69 5.55 -12.56
C SER A 83 -23.54 4.56 -12.48
N HIS A 84 -22.31 5.04 -12.25
CA HIS A 84 -21.18 4.13 -12.20
C HIS A 84 -21.23 3.23 -10.97
N ASP A 85 -21.73 3.74 -9.84
CA ASP A 85 -21.90 2.90 -8.66
C ASP A 85 -22.90 1.78 -8.94
N SER A 86 -24.01 2.11 -9.61
CA SER A 86 -24.98 1.07 -9.97
C SER A 86 -24.36 0.03 -10.89
N ALA A 87 -23.58 0.49 -11.87
CA ALA A 87 -22.92 -0.44 -12.79
C ALA A 87 -21.98 -1.38 -12.04
N LEU A 88 -21.18 -0.86 -11.12
CA LEU A 88 -20.23 -1.70 -10.39
C LEU A 88 -20.95 -2.69 -9.49
N ARG A 89 -22.00 -2.24 -8.80
CA ARG A 89 -22.79 -3.16 -7.97
C ARG A 89 -23.37 -4.28 -8.81
N ALA A 90 -23.93 -3.93 -9.97
CA ALA A 90 -24.53 -4.94 -10.84
C ALA A 90 -23.48 -5.93 -11.35
N ALA A 91 -22.29 -5.44 -11.71
CA ALA A 91 -21.24 -6.34 -12.19
C ALA A 91 -20.79 -7.30 -11.10
N ALA A 92 -20.60 -6.80 -9.88
CA ALA A 92 -20.21 -7.69 -8.79
C ALA A 92 -21.27 -8.73 -8.50
N ASN A 93 -22.54 -8.32 -8.49
CA ASN A 93 -23.62 -9.26 -8.26
C ASN A 93 -23.68 -10.31 -9.36
N ALA A 94 -23.49 -9.89 -10.63
CA ALA A 94 -23.51 -10.83 -11.73
C ALA A 94 -22.39 -11.85 -11.63
N ARG A 95 -21.18 -11.40 -11.27
CA ARG A 95 -20.07 -12.33 -11.12
C ARG A 95 -20.34 -13.34 -10.01
N THR A 96 -20.83 -12.86 -8.86
CA THR A 96 -21.12 -13.77 -7.76
C THR A 96 -22.21 -14.76 -8.12
N GLY A 97 -23.27 -14.28 -8.80
CA GLY A 97 -24.34 -15.18 -9.20
C GLY A 97 -23.90 -16.20 -10.22
N LEU A 98 -23.03 -15.81 -11.15
CA LEU A 98 -22.48 -16.76 -12.11
C LEU A 98 -21.67 -17.85 -11.41
N TYR A 99 -20.83 -17.46 -10.46
CA TYR A 99 -20.05 -18.47 -9.74
C TYR A 99 -20.96 -19.38 -8.93
N ARG A 100 -22.01 -18.83 -8.30
CA ARG A 100 -22.93 -19.66 -7.54
C ARG A 100 -23.68 -20.63 -8.44
N LYS A 101 -24.08 -20.18 -9.63
CA LYS A 101 -24.73 -21.08 -10.58
C LYS A 101 -23.79 -22.19 -11.02
N LEU A 102 -22.51 -21.86 -11.25
CA LEU A 102 -21.54 -22.89 -11.62
C LEU A 102 -21.35 -23.89 -10.48
N ALA A 103 -21.27 -23.41 -9.25
CA ALA A 103 -21.03 -24.28 -8.10
C ALA A 103 -22.24 -25.10 -7.72
N ASP A 104 -23.46 -24.66 -8.07
CA ASP A 104 -24.64 -25.45 -7.77
C ASP A 104 -24.87 -26.57 -8.79
N ALA A 105 -24.40 -26.39 -10.01
CA ALA A 105 -24.57 -27.39 -11.05
C ALA A 105 -23.67 -28.60 -10.76
N PRO A 106 -23.96 -29.74 -11.37
CA PRO A 106 -23.07 -30.91 -11.23
C PRO A 106 -21.66 -30.55 -11.66
N PRO A 107 -20.64 -31.08 -10.97
CA PRO A 107 -19.27 -30.62 -11.20
C PRO A 107 -18.77 -30.85 -12.62
N ASP A 108 -19.28 -31.87 -13.32
CA ASP A 108 -18.83 -32.14 -14.67
C ASP A 108 -19.28 -31.08 -15.67
N GLU A 109 -20.32 -30.31 -15.33
CA GLU A 109 -20.76 -29.24 -16.21
C GLU A 109 -19.85 -28.02 -16.14
N ALA A 110 -19.22 -27.77 -14.98
CA ALA A 110 -18.32 -26.64 -14.84
C ALA A 110 -17.01 -26.84 -15.59
N MET A 111 -16.69 -28.07 -15.98
CA MET A 111 -15.45 -28.39 -16.68
C MET A 111 -15.63 -28.47 -18.18
N ARG A 112 -16.77 -28.05 -18.71
CA ARG A 112 -17.00 -28.12 -20.15
C ARG A 112 -16.26 -27.03 -20.91
N LEU A 113 -16.07 -25.87 -20.30
CA LEU A 113 -15.49 -24.74 -21.02
C LEU A 113 -14.02 -24.58 -20.69
N PRO A 114 -13.21 -24.15 -21.66
CA PRO A 114 -11.80 -23.89 -21.39
C PRO A 114 -11.61 -22.67 -20.50
N SER A 115 -10.36 -22.48 -20.06
CA SER A 115 -10.04 -21.34 -19.21
C SER A 115 -10.21 -20.02 -19.95
N GLY A 116 -9.84 -19.97 -21.22
CA GLY A 116 -9.96 -18.74 -21.97
C GLY A 116 -11.41 -18.31 -22.14
N GLU A 117 -12.30 -19.26 -22.41
CA GLU A 117 -13.72 -18.94 -22.49
C GLU A 117 -14.24 -18.46 -21.14
N LEU A 118 -13.81 -19.10 -20.05
CA LEU A 118 -14.23 -18.66 -18.73
C LEU A 118 -13.80 -17.21 -18.47
N VAL A 119 -12.56 -16.87 -18.83
CA VAL A 119 -12.07 -15.51 -18.65
C VAL A 119 -12.91 -14.54 -19.47
N ALA A 120 -13.11 -14.87 -20.75
CA ALA A 120 -13.80 -13.96 -21.67
C ALA A 120 -15.27 -13.76 -21.27
N ARG A 121 -15.89 -14.76 -20.64
CA ARG A 121 -17.29 -14.63 -20.27
C ARG A 121 -17.47 -14.07 -18.86
N LEU A 122 -16.50 -14.23 -17.97
CA LEU A 122 -16.61 -13.66 -16.64
C LEU A 122 -15.99 -12.28 -16.53
N GLY A 123 -15.38 -11.79 -17.60
CA GLY A 123 -14.93 -10.42 -17.65
C GLY A 123 -15.84 -9.53 -18.49
N PRO A 124 -15.46 -9.38 -19.75
CA PRO A 124 -16.18 -8.44 -20.64
C PRO A 124 -17.68 -8.67 -20.73
N ALA A 125 -18.15 -9.91 -20.64
CA ALA A 125 -19.59 -10.14 -20.71
C ALA A 125 -20.32 -9.54 -19.51
N VAL A 126 -19.77 -9.72 -18.31
CA VAL A 126 -20.37 -9.13 -17.12
C VAL A 126 -20.29 -7.60 -17.19
N ASP A 127 -19.16 -7.08 -17.68
CA ASP A 127 -19.05 -5.64 -17.88
C ASP A 127 -20.11 -5.13 -18.84
N GLU A 128 -20.35 -5.86 -19.92
CA GLU A 128 -21.37 -5.47 -20.90
C GLU A 128 -22.76 -5.51 -20.28
N LEU A 129 -23.03 -6.48 -19.41
CA LEU A 129 -24.34 -6.52 -18.76
C LEU A 129 -24.55 -5.34 -17.82
N ALA A 130 -23.53 -4.98 -17.03
CA ALA A 130 -23.65 -3.78 -16.20
C ALA A 130 -23.84 -2.54 -17.07
N ASP A 131 -23.12 -2.48 -18.19
CA ASP A 131 -23.28 -1.36 -19.12
C ASP A 131 -24.68 -1.31 -19.69
N VAL A 132 -25.29 -2.47 -19.98
CA VAL A 132 -26.65 -2.44 -20.48
C VAL A 132 -27.56 -1.88 -19.42
N LEU A 133 -27.40 -2.31 -18.16
CA LEU A 133 -28.20 -1.73 -17.09
C LEU A 133 -28.16 -0.21 -17.18
N VAL A 134 -26.97 0.36 -17.01
CA VAL A 134 -26.85 1.82 -16.90
C VAL A 134 -27.28 2.50 -18.21
N ARG A 135 -26.55 2.22 -19.29
CA ARG A 135 -26.70 3.00 -20.52
C ARG A 135 -27.99 2.65 -21.26
N ALA A 136 -28.44 1.40 -21.18
CA ALA A 136 -29.71 1.04 -21.76
C ALA A 136 -30.87 1.67 -21.01
N LEU A 137 -30.78 1.74 -19.67
CA LEU A 137 -31.98 2.15 -18.94
C LEU A 137 -32.12 3.66 -18.85
N LEU A 138 -31.01 4.41 -18.67
CA LEU A 138 -31.17 5.84 -18.41
C LEU A 138 -31.62 6.61 -19.65
N PRO A 139 -30.82 6.82 -20.73
CA PRO A 139 -31.25 7.68 -21.84
C PRO A 139 -32.60 7.27 -22.44
N ILE A 140 -32.86 5.96 -22.53
CA ILE A 140 -34.13 5.49 -23.16
C ILE A 140 -35.32 5.99 -22.33
N VAL A 141 -35.36 5.64 -21.05
CA VAL A 141 -36.47 6.08 -20.16
C VAL A 141 -36.55 7.62 -20.24
N VAL A 142 -35.40 8.29 -20.37
CA VAL A 142 -35.40 9.75 -20.44
C VAL A 142 -36.02 10.21 -21.75
N ALA A 143 -35.63 9.59 -22.87
CA ALA A 143 -36.16 9.96 -24.17
C ALA A 143 -37.66 9.70 -24.25
N VAL A 144 -38.10 8.54 -23.76
CA VAL A 144 -39.53 8.21 -23.85
C VAL A 144 -40.35 9.21 -23.06
N VAL A 145 -39.95 9.48 -21.81
CA VAL A 145 -40.71 10.39 -20.96
C VAL A 145 -40.71 11.79 -21.55
N LEU A 146 -39.53 12.27 -21.98
CA LEU A 146 -39.43 13.62 -22.52
C LEU A 146 -40.28 13.77 -23.78
N GLY A 147 -40.20 12.80 -24.68
CA GLY A 147 -40.97 12.88 -25.91
C GLY A 147 -42.47 12.84 -25.66
N CYS A 148 -42.91 11.93 -24.79
CA CYS A 148 -44.35 11.84 -24.51
C CYS A 148 -44.85 13.13 -23.87
N ALA A 149 -44.12 13.65 -22.88
CA ALA A 149 -44.56 14.88 -22.23
C ALA A 149 -44.56 16.06 -23.19
N ALA A 150 -43.52 16.17 -24.02
CA ALA A 150 -43.43 17.28 -24.97
C ALA A 150 -44.55 17.22 -25.99
N VAL A 151 -44.84 16.01 -26.51
CA VAL A 151 -45.93 15.87 -27.47
C VAL A 151 -47.27 16.21 -26.83
N GLY A 152 -47.49 15.73 -25.61
CA GLY A 152 -48.73 16.07 -24.92
C GLY A 152 -48.89 17.55 -24.68
N VAL A 153 -47.80 18.24 -24.33
CA VAL A 153 -47.86 19.68 -24.11
C VAL A 153 -48.14 20.41 -25.41
N ILE A 154 -47.42 20.05 -26.47
CA ILE A 154 -47.57 20.74 -27.76
C ILE A 154 -48.87 20.37 -28.46
N ALA A 155 -49.58 19.34 -27.99
CA ALA A 155 -50.87 19.00 -28.58
C ALA A 155 -51.93 20.07 -28.34
N VAL A 156 -51.70 21.02 -27.44
CA VAL A 156 -52.66 22.07 -27.13
C VAL A 156 -52.45 23.29 -28.03
N ILE A 157 -51.20 23.72 -28.21
CA ILE A 157 -50.93 24.92 -29.01
C ILE A 157 -51.33 24.69 -30.46
N SER A 158 -50.97 23.54 -31.02
CA SER A 158 -51.27 23.22 -32.42
C SER A 158 -51.28 21.70 -32.59
N PRO A 159 -52.42 21.06 -32.30
CA PRO A 159 -52.50 19.60 -32.46
C PRO A 159 -52.20 19.13 -33.88
N ALA A 160 -52.63 19.89 -34.89
CA ALA A 160 -52.32 19.53 -36.27
C ALA A 160 -50.82 19.54 -36.52
N SER A 161 -50.12 20.56 -36.01
CA SER A 161 -48.67 20.58 -36.06
C SER A 161 -48.04 19.66 -35.02
N ALA A 162 -48.75 19.38 -33.93
CA ALA A 162 -48.23 18.44 -32.94
C ALA A 162 -48.09 17.04 -33.54
N ALA A 163 -49.06 16.64 -34.37
CA ALA A 163 -48.96 15.35 -35.03
C ALA A 163 -47.73 15.28 -35.93
N VAL A 164 -47.47 16.35 -36.68
CA VAL A 164 -46.30 16.36 -37.57
C VAL A 164 -45.00 16.30 -36.76
N LEU A 165 -44.94 17.09 -35.68
CA LEU A 165 -43.73 17.09 -34.85
C LEU A 165 -43.50 15.72 -34.21
N ALA A 166 -44.56 15.10 -33.71
CA ALA A 166 -44.44 13.77 -33.13
C ALA A 166 -43.99 12.76 -34.17
N VAL A 167 -44.55 12.84 -35.38
CA VAL A 167 -44.16 11.92 -36.45
C VAL A 167 -42.68 12.08 -36.76
N CYS A 168 -42.22 13.32 -36.89
CA CYS A 168 -40.81 13.56 -37.21
C CYS A 168 -39.90 13.04 -36.10
N LEU A 169 -40.25 13.34 -34.84
CA LEU A 169 -39.41 12.91 -33.73
C LEU A 169 -39.37 11.39 -33.62
N VAL A 170 -40.52 10.73 -33.75
CA VAL A 170 -40.56 9.28 -33.68
C VAL A 170 -39.79 8.66 -34.84
N VAL A 171 -39.93 9.22 -36.04
CA VAL A 171 -39.20 8.69 -37.19
C VAL A 171 -37.70 8.78 -36.95
N ALA A 172 -37.22 9.94 -36.50
CA ALA A 172 -35.79 10.09 -36.26
C ALA A 172 -35.29 9.14 -35.18
N GLY A 173 -35.96 9.15 -34.03
CA GLY A 173 -35.57 8.33 -32.89
C GLY A 173 -35.90 6.87 -33.01
N VAL A 174 -36.50 6.46 -34.13
CA VAL A 174 -36.65 5.06 -34.45
C VAL A 174 -35.64 4.61 -35.50
N VAL A 175 -35.43 5.42 -36.55
CA VAL A 175 -34.51 5.02 -37.61
C VAL A 175 -33.08 5.04 -37.13
N ALA A 176 -32.69 6.03 -36.30
CA ALA A 176 -31.32 6.05 -35.84
C ALA A 176 -30.98 4.85 -34.95
N PRO A 177 -31.76 4.52 -33.90
CA PRO A 177 -31.48 3.28 -33.17
C PRO A 177 -31.60 2.03 -34.02
N ALA A 178 -32.51 2.00 -35.01
CA ALA A 178 -32.64 0.83 -35.85
C ALA A 178 -31.37 0.59 -36.65
N LEU A 179 -30.83 1.65 -37.27
CA LEU A 179 -29.57 1.51 -38.00
C LEU A 179 -28.44 1.12 -37.06
N ALA A 180 -28.37 1.76 -35.88
CA ALA A 180 -27.31 1.44 -34.94
C ALA A 180 -27.36 -0.03 -34.53
N ALA A 181 -28.55 -0.53 -34.22
CA ALA A 181 -28.68 -1.92 -33.76
C ALA A 181 -28.40 -2.91 -34.89
N ARG A 182 -28.93 -2.63 -36.09
CA ARG A 182 -28.71 -3.55 -37.20
C ARG A 182 -27.25 -3.59 -37.62
N ALA A 183 -26.53 -2.48 -37.45
CA ALA A 183 -25.09 -2.51 -37.68
C ALA A 183 -24.34 -3.21 -36.55
N ALA A 184 -24.79 -3.02 -35.30
CA ALA A 184 -24.03 -3.50 -34.16
C ALA A 184 -24.17 -5.01 -33.98
N HIS A 185 -25.36 -5.58 -34.16
CA HIS A 185 -25.60 -6.95 -33.72
C HIS A 185 -24.75 -7.96 -34.49
N ALA A 186 -24.80 -7.91 -35.83
CA ALA A 186 -24.13 -8.91 -36.64
C ALA A 186 -22.62 -8.85 -36.47
N SER A 187 -22.07 -7.64 -36.39
CA SER A 187 -20.64 -7.49 -36.20
C SER A 187 -20.21 -7.86 -34.78
N GLU A 188 -21.05 -7.56 -33.79
CA GLU A 188 -20.67 -7.83 -32.41
C GLU A 188 -20.73 -9.31 -32.09
N THR A 189 -21.62 -10.07 -32.74
CA THR A 189 -21.61 -11.51 -32.56
C THR A 189 -20.27 -12.10 -33.00
N VAL A 190 -19.79 -11.68 -34.18
CA VAL A 190 -18.50 -12.14 -34.68
C VAL A 190 -17.38 -11.67 -33.78
N ALA A 191 -17.45 -10.43 -33.30
CA ALA A 191 -16.41 -9.91 -32.42
C ALA A 191 -16.33 -10.70 -31.12
N ALA A 192 -17.47 -11.03 -30.53
CA ALA A 192 -17.48 -11.84 -29.32
C ALA A 192 -16.95 -13.24 -29.57
N GLU A 193 -17.35 -13.85 -30.68
CA GLU A 193 -16.88 -15.20 -30.98
C GLU A 193 -15.40 -15.23 -31.32
N HIS A 194 -14.82 -14.12 -31.75
CA HIS A 194 -13.38 -14.06 -31.97
C HIS A 194 -12.62 -13.74 -30.69
N ARG A 195 -13.19 -12.90 -29.84
CA ARG A 195 -12.55 -12.59 -28.57
C ARG A 195 -12.50 -13.82 -27.67
N SER A 196 -13.58 -14.60 -27.62
CA SER A 196 -13.51 -15.86 -26.88
C SER A 196 -13.04 -17.00 -27.75
N GLN A 197 -12.03 -16.71 -28.57
CA GLN A 197 -11.10 -17.68 -29.15
C GLN A 197 -9.67 -17.17 -29.13
N ARG A 198 -9.47 -15.84 -29.06
CA ARG A 198 -8.13 -15.29 -28.94
C ARG A 198 -7.48 -15.70 -27.64
N ASP A 199 -8.22 -15.66 -26.53
CA ASP A 199 -7.63 -15.95 -25.23
C ASP A 199 -7.69 -17.43 -24.85
N THR A 200 -8.51 -18.22 -25.54
CA THR A 200 -8.44 -19.67 -25.35
C THR A 200 -7.08 -20.21 -25.75
N ALA A 201 -6.65 -19.87 -26.97
CA ALA A 201 -5.28 -20.13 -27.42
C ALA A 201 -4.46 -18.91 -27.07
N GLY A 202 -3.82 -18.96 -25.90
CA GLY A 202 -3.21 -17.79 -25.29
C GLY A 202 -3.33 -17.90 -23.79
N MET A 203 -4.28 -18.71 -23.33
CA MET A 203 -4.19 -19.34 -22.03
C MET A 203 -3.77 -20.80 -22.12
N LEU A 204 -4.12 -21.47 -23.21
CA LEU A 204 -3.52 -22.78 -23.50
C LEU A 204 -2.00 -22.67 -23.57
N ALA A 205 -1.50 -21.59 -24.16
CA ALA A 205 -0.05 -21.40 -24.24
C ALA A 205 0.55 -21.10 -22.87
N LEU A 206 -0.22 -20.55 -21.95
CA LEU A 206 0.30 -20.18 -20.65
C LEU A 206 0.30 -21.33 -19.66
N GLU A 207 -0.77 -22.11 -19.60
CA GLU A 207 -0.81 -23.22 -18.64
C GLU A 207 0.04 -24.41 -19.07
N HIS A 208 0.13 -24.68 -20.38
CA HIS A 208 0.82 -25.85 -20.88
C HIS A 208 1.96 -25.47 -21.80
N ALA A 209 2.75 -24.48 -21.41
CA ALA A 209 3.85 -24.01 -22.24
C ALA A 209 4.93 -25.05 -22.48
N PRO A 210 5.45 -25.76 -21.46
CA PRO A 210 6.58 -26.69 -21.74
C PRO A 210 6.21 -27.83 -22.67
N GLU A 211 5.01 -28.41 -22.53
CA GLU A 211 4.62 -29.51 -23.39
C GLU A 211 4.48 -29.06 -24.84
N LEU A 212 3.85 -27.90 -25.06
CA LEU A 212 3.73 -27.36 -26.41
C LEU A 212 5.09 -26.98 -26.97
N ARG A 213 6.00 -26.48 -26.13
CA ARG A 213 7.34 -26.14 -26.59
C ARG A 213 8.10 -27.38 -27.06
N VAL A 214 8.07 -28.45 -26.26
CA VAL A 214 8.79 -29.66 -26.63
C VAL A 214 8.16 -30.32 -27.85
N SER A 215 6.82 -30.30 -27.94
CA SER A 215 6.14 -30.87 -29.10
C SER A 215 6.19 -29.96 -30.31
N GLY A 216 6.73 -28.75 -30.18
CA GLY A 216 6.80 -27.81 -31.29
C GLY A 216 5.45 -27.30 -31.75
N ARG A 217 4.56 -26.96 -30.83
CA ARG A 217 3.22 -26.48 -31.17
C ARG A 217 2.87 -25.18 -30.45
N LEU A 218 3.87 -24.46 -29.94
CA LEU A 218 3.61 -23.18 -29.29
C LEU A 218 3.53 -22.03 -30.30
N ASP A 219 4.34 -22.09 -31.35
CA ASP A 219 4.27 -21.07 -32.40
C ASP A 219 2.90 -21.06 -33.05
N SER A 220 2.31 -22.23 -33.26
CA SER A 220 0.96 -22.30 -33.82
C SER A 220 -0.06 -21.65 -32.90
N VAL A 221 0.05 -21.89 -31.59
CA VAL A 221 -0.89 -21.29 -30.64
C VAL A 221 -0.76 -19.78 -30.64
N ILE A 222 0.48 -19.27 -30.66
CA ILE A 222 0.66 -17.82 -30.67
C ILE A 222 0.16 -17.23 -31.99
N ALA A 223 0.35 -17.95 -33.10
CA ALA A 223 -0.16 -17.48 -34.38
C ALA A 223 -1.68 -17.39 -34.38
N THR A 224 -2.34 -18.39 -33.80
CA THR A 224 -3.80 -18.33 -33.68
C THR A 224 -4.23 -17.17 -32.80
N PHE A 225 -3.49 -16.92 -31.71
CA PHE A 225 -3.76 -15.75 -30.88
C PHE A 225 -3.72 -14.47 -31.71
N GLU A 226 -2.65 -14.28 -32.48
CA GLU A 226 -2.53 -13.07 -33.29
C GLU A 226 -3.64 -12.97 -34.33
N ARG A 227 -3.96 -14.09 -34.99
CA ARG A 227 -4.97 -14.08 -36.05
C ARG A 227 -6.34 -13.72 -35.48
N HIS A 228 -6.70 -14.29 -34.33
CA HIS A 228 -7.99 -13.97 -33.75
C HIS A 228 -8.03 -12.56 -33.19
N HIS A 229 -6.89 -12.04 -32.71
CA HIS A 229 -6.84 -10.63 -32.32
C HIS A 229 -7.11 -9.72 -33.52
N ARG A 230 -6.49 -10.02 -34.65
CA ARG A 230 -6.74 -9.23 -35.87
C ARG A 230 -8.21 -9.31 -36.28
N ALA A 231 -8.78 -10.51 -36.26
CA ALA A 231 -10.18 -10.66 -36.66
C ALA A 231 -11.10 -9.88 -35.72
N TRP A 232 -10.81 -9.91 -34.42
CA TRP A 232 -11.61 -9.14 -33.47
C TRP A 232 -11.48 -7.65 -33.73
N GLY A 233 -10.28 -7.17 -34.07
CA GLY A 233 -10.11 -5.76 -34.35
C GLY A 233 -10.92 -5.30 -35.56
N GLU A 234 -10.86 -6.06 -36.65
CA GLU A 234 -11.67 -5.74 -37.82
C GLU A 234 -13.16 -5.78 -37.51
N ALA A 235 -13.61 -6.79 -36.74
CA ALA A 235 -15.02 -6.87 -36.39
C ALA A 235 -15.45 -5.66 -35.56
N ALA A 236 -14.60 -5.22 -34.63
CA ALA A 236 -14.93 -4.06 -33.82
C ALA A 236 -15.03 -2.79 -34.67
N ASP A 237 -14.10 -2.61 -35.62
CA ASP A 237 -14.16 -1.44 -36.49
C ASP A 237 -15.44 -1.45 -37.33
N ARG A 238 -15.79 -2.61 -37.88
CA ARG A 238 -17.02 -2.74 -38.64
C ARG A 238 -18.25 -2.45 -37.78
N ALA A 239 -18.21 -2.84 -36.50
CA ALA A 239 -19.28 -2.46 -35.59
C ALA A 239 -19.34 -0.96 -35.39
N ALA A 240 -18.17 -0.32 -35.27
CA ALA A 240 -18.13 1.08 -34.87
C ALA A 240 -18.64 2.02 -35.96
N ALA A 241 -18.26 1.78 -37.22
CA ALA A 241 -18.47 2.79 -38.25
C ALA A 241 -19.94 3.14 -38.50
N PRO A 242 -20.81 2.20 -38.92
CA PRO A 242 -22.19 2.60 -39.23
C PRO A 242 -22.95 3.13 -38.02
N ALA A 243 -22.65 2.62 -36.82
CA ALA A 243 -23.22 3.21 -35.61
C ALA A 243 -22.81 4.66 -35.48
N ALA A 244 -21.56 4.98 -35.85
CA ALA A 244 -21.10 6.36 -35.79
C ALA A 244 -21.89 7.25 -36.73
N VAL A 245 -22.11 6.80 -37.98
CA VAL A 245 -22.85 7.66 -38.92
C VAL A 245 -24.32 7.79 -38.50
N ALA A 246 -24.91 6.70 -38.02
CA ALA A 246 -26.30 6.74 -37.57
C ALA A 246 -26.47 7.62 -36.34
N ALA A 247 -25.47 7.71 -35.48
CA ALA A 247 -25.53 8.63 -34.36
C ALA A 247 -25.24 10.07 -34.77
N ALA A 248 -24.44 10.27 -35.82
CA ALA A 248 -24.19 11.62 -36.32
C ALA A 248 -25.42 12.22 -36.96
N MET A 249 -26.27 11.40 -37.61
CA MET A 249 -27.47 11.95 -38.24
C MET A 249 -28.39 12.66 -37.24
N PRO A 250 -28.73 12.13 -36.03
CA PRO A 250 -29.51 12.91 -35.06
C PRO A 250 -28.91 14.30 -34.83
N THR A 251 -27.59 14.44 -34.84
CA THR A 251 -27.05 15.77 -34.54
C THR A 251 -27.46 16.78 -35.62
N ALA A 252 -27.40 16.37 -36.89
CA ALA A 252 -27.87 17.24 -37.96
C ALA A 252 -29.37 17.52 -37.81
N ALA A 253 -30.14 16.49 -37.42
CA ALA A 253 -31.56 16.72 -37.17
C ALA A 253 -31.76 17.74 -36.04
N MET A 254 -30.96 17.64 -34.98
CA MET A 254 -31.04 18.60 -33.88
C MET A 254 -30.75 20.01 -34.36
N GLY A 255 -29.69 20.18 -35.15
CA GLY A 255 -29.35 21.50 -35.64
C GLY A 255 -30.44 22.10 -36.51
N VAL A 256 -30.97 21.29 -37.43
CA VAL A 256 -32.04 21.76 -38.32
C VAL A 256 -33.27 22.15 -37.52
N SER A 257 -33.65 21.29 -36.56
CA SER A 257 -34.83 21.57 -35.75
C SER A 257 -34.65 22.83 -34.92
N VAL A 258 -33.47 23.04 -34.35
CA VAL A 258 -33.23 24.23 -33.55
C VAL A 258 -33.30 25.48 -34.40
N VAL A 259 -32.67 25.45 -35.59
CA VAL A 259 -32.70 26.62 -36.46
C VAL A 259 -34.13 26.94 -36.90
N GLY A 260 -34.88 25.91 -37.29
CA GLY A 260 -36.26 26.14 -37.69
C GLY A 260 -37.12 26.64 -36.56
N ALA A 261 -36.91 26.11 -35.35
CA ALA A 261 -37.65 26.56 -34.18
C ALA A 261 -37.36 28.03 -33.88
N VAL A 262 -36.09 28.43 -33.95
CA VAL A 262 -35.75 29.84 -33.72
C VAL A 262 -36.41 30.72 -34.78
N ILE A 263 -36.34 30.30 -36.05
CA ILE A 263 -36.93 31.10 -37.13
C ILE A 263 -38.43 31.27 -36.90
N ALA A 264 -39.12 30.18 -36.52
CA ALA A 264 -40.53 30.29 -36.19
C ALA A 264 -40.76 31.15 -34.96
N GLY A 265 -39.78 31.19 -34.04
CA GLY A 265 -39.89 32.01 -32.84
C GLY A 265 -39.58 33.47 -33.03
N ILE A 266 -39.08 33.86 -34.20
CA ILE A 266 -38.96 35.27 -34.54
C ILE A 266 -40.13 35.74 -35.41
N ALA A 267 -41.26 35.03 -35.35
CA ALA A 267 -42.46 35.36 -36.12
C ALA A 267 -43.62 35.54 -35.15
N LEU A 268 -43.77 36.75 -34.61
CA LEU A 268 -44.88 37.11 -33.73
C LEU A 268 -45.00 36.20 -32.52
N ALA A 269 -43.88 35.62 -32.08
CA ALA A 269 -43.87 34.74 -30.92
C ALA A 269 -43.88 35.52 -29.60
N PRO A 270 -43.11 36.60 -29.45
CA PRO A 270 -43.23 37.39 -28.21
C PRO A 270 -44.63 37.93 -27.96
N THR A 271 -45.39 38.21 -29.02
CA THR A 271 -46.76 38.65 -28.86
C THR A 271 -47.62 37.49 -28.34
N VAL A 272 -48.85 37.83 -27.94
CA VAL A 272 -49.83 36.88 -27.43
C VAL A 272 -49.33 36.27 -26.12
N ALA A 273 -48.24 35.53 -26.17
CA ALA A 273 -47.69 34.89 -24.98
C ALA A 273 -46.18 34.77 -25.06
N PRO A 274 -45.44 35.35 -24.10
CA PRO A 274 -43.98 35.21 -24.14
C PRO A 274 -43.48 33.85 -23.67
N THR A 275 -44.28 33.10 -22.90
CA THR A 275 -43.87 31.78 -22.46
C THR A 275 -43.85 30.77 -23.62
N THR A 276 -44.44 31.11 -24.76
CA THR A 276 -44.30 30.27 -25.94
C THR A 276 -42.85 30.15 -26.36
N ALA A 277 -42.06 31.22 -26.17
CA ALA A 277 -40.63 31.13 -26.45
C ALA A 277 -39.94 30.13 -25.52
N ALA A 278 -40.30 30.12 -24.23
CA ALA A 278 -39.73 29.15 -23.32
C ALA A 278 -40.12 27.73 -23.70
N ILE A 279 -41.38 27.52 -24.07
CA ILE A 279 -41.82 26.19 -24.49
C ILE A 279 -41.08 25.76 -25.76
N LEU A 280 -40.85 26.72 -26.67
CA LEU A 280 -40.19 26.41 -27.93
C LEU A 280 -38.69 26.16 -27.74
N MET A 281 -38.10 26.74 -26.69
CA MET A 281 -36.72 26.39 -26.35
C MET A 281 -36.63 25.14 -25.50
N LEU A 282 -37.73 24.70 -24.90
CA LEU A 282 -37.70 23.51 -24.06
C LEU A 282 -37.93 22.24 -24.87
N LEU A 283 -38.96 22.24 -25.73
CA LEU A 283 -39.36 20.98 -26.38
C LEU A 283 -38.28 20.44 -27.31
N PRO A 284 -37.89 21.12 -28.40
CA PRO A 284 -36.91 20.52 -29.31
C PRO A 284 -35.58 20.21 -28.64
N LEU A 285 -35.11 21.08 -27.75
CA LEU A 285 -33.81 20.86 -27.13
C LEU A 285 -33.78 19.53 -26.38
N SER A 286 -34.73 19.33 -25.48
CA SER A 286 -34.75 18.10 -24.69
C SER A 286 -35.01 16.88 -25.57
N ALA A 287 -36.02 16.98 -26.46
CA ALA A 287 -36.37 15.82 -27.28
C ALA A 287 -35.22 15.39 -28.15
N PHE A 288 -34.54 16.34 -28.80
CA PHE A 288 -33.48 15.97 -29.72
C PHE A 288 -32.17 15.66 -29.02
N GLU A 289 -31.93 16.21 -27.82
CA GLU A 289 -30.80 15.72 -27.03
C GLU A 289 -30.99 14.25 -26.66
N ALA A 290 -32.21 13.89 -26.25
CA ALA A 290 -32.50 12.48 -25.98
C ALA A 290 -32.35 11.63 -27.24
N THR A 291 -32.81 12.15 -28.38
CA THR A 291 -32.66 11.43 -29.63
C THR A 291 -31.19 11.20 -29.97
N THR A 292 -30.34 12.20 -29.74
CA THR A 292 -28.91 12.03 -29.98
C THR A 292 -28.29 11.04 -29.00
N ALA A 293 -28.82 10.96 -27.78
CA ALA A 293 -28.31 9.97 -26.83
C ALA A 293 -28.74 8.55 -27.18
N LEU A 294 -29.85 8.41 -27.90
CA LEU A 294 -30.43 7.09 -28.15
C LEU A 294 -29.53 6.10 -28.87
N PRO A 295 -28.81 6.45 -29.96
CA PRO A 295 -28.09 5.41 -30.72
C PRO A 295 -27.07 4.64 -29.91
N ASP A 296 -26.36 5.30 -28.98
CA ASP A 296 -25.44 4.56 -28.11
C ASP A 296 -26.20 3.58 -27.23
N ALA A 297 -27.39 3.96 -26.79
CA ALA A 297 -28.21 3.04 -26.01
C ALA A 297 -28.61 1.82 -26.84
N ALA A 298 -28.96 2.02 -28.11
CA ALA A 298 -29.31 0.88 -28.96
C ALA A 298 -28.10 -0.03 -29.18
N ALA A 299 -26.93 0.56 -29.42
CA ALA A 299 -25.73 -0.24 -29.59
C ALA A 299 -25.42 -1.05 -28.33
N GLN A 300 -25.59 -0.44 -27.15
CA GLN A 300 -25.42 -1.17 -25.91
C GLN A 300 -26.45 -2.28 -25.76
N LEU A 301 -27.70 -2.02 -26.17
CA LEU A 301 -28.72 -3.06 -26.19
C LEU A 301 -28.22 -4.29 -26.93
N MET A 302 -27.75 -4.10 -28.16
CA MET A 302 -27.30 -5.24 -28.95
C MET A 302 -26.08 -5.93 -28.33
N ARG A 303 -25.08 -5.13 -27.92
CA ARG A 303 -23.85 -5.69 -27.38
C ARG A 303 -24.14 -6.56 -26.16
N SER A 304 -24.94 -6.06 -25.23
CA SER A 304 -25.19 -6.83 -24.04
C SER A 304 -26.26 -7.89 -24.22
N ARG A 305 -27.08 -7.81 -25.27
CA ARG A 305 -27.90 -8.96 -25.63
C ARG A 305 -27.01 -10.13 -26.04
N VAL A 306 -25.98 -9.84 -26.83
CA VAL A 306 -25.01 -10.88 -27.19
C VAL A 306 -24.30 -11.40 -25.94
N ALA A 307 -23.89 -10.49 -25.06
CA ALA A 307 -23.20 -10.90 -23.84
C ALA A 307 -24.08 -11.78 -22.95
N ALA A 308 -25.35 -11.42 -22.81
CA ALA A 308 -26.26 -12.22 -21.99
C ALA A 308 -26.52 -13.59 -22.62
N ARG A 309 -26.60 -13.64 -23.95
CA ARG A 309 -26.72 -14.94 -24.61
C ARG A 309 -25.52 -15.82 -24.31
N ARG A 310 -24.32 -15.25 -24.39
CA ARG A 310 -23.12 -16.02 -24.06
C ARG A 310 -23.12 -16.49 -22.62
N LEU A 311 -23.54 -15.62 -21.69
CA LEU A 311 -23.58 -16.01 -20.28
C LEU A 311 -24.57 -17.15 -20.06
N LEU A 312 -25.75 -17.07 -20.68
CA LEU A 312 -26.73 -18.13 -20.50
C LEU A 312 -26.23 -19.44 -21.07
N GLU A 313 -25.59 -19.40 -22.24
CA GLU A 313 -25.04 -20.63 -22.79
C GLU A 313 -23.89 -21.16 -21.96
N LEU A 314 -23.22 -20.30 -21.18
CA LEU A 314 -22.21 -20.79 -20.24
C LEU A 314 -22.86 -21.46 -19.04
N THR A 315 -23.94 -20.89 -18.51
CA THR A 315 -24.55 -21.42 -17.31
C THR A 315 -25.12 -22.82 -17.52
N THR A 316 -25.80 -23.04 -18.65
CA THR A 316 -26.49 -24.31 -18.93
C THR A 316 -25.87 -24.96 -20.15
N PRO A 317 -24.92 -25.87 -19.97
CA PRO A 317 -24.36 -26.61 -21.11
C PRO A 317 -25.08 -27.94 -21.32
N THR A 318 -24.83 -28.53 -22.49
CA THR A 318 -25.41 -29.83 -22.79
C THR A 318 -24.69 -30.92 -21.99
N PRO A 319 -25.44 -31.84 -21.39
CA PRO A 319 -24.80 -32.91 -20.61
C PRO A 319 -24.07 -33.91 -21.49
N LEU A 320 -23.06 -34.55 -20.91
CA LEU A 320 -22.35 -35.63 -21.58
C LEU A 320 -23.09 -36.94 -21.31
N ARG A 321 -22.45 -38.06 -21.65
CA ARG A 321 -23.03 -39.36 -21.36
C ARG A 321 -23.04 -39.62 -19.86
N SER A 322 -23.81 -40.62 -19.45
CA SER A 322 -23.97 -40.97 -18.05
C SER A 322 -23.07 -42.15 -17.69
N ARG A 323 -22.48 -42.09 -16.50
CA ARG A 323 -21.64 -43.18 -16.05
C ARG A 323 -22.49 -44.44 -15.84
N PRO A 324 -21.94 -45.63 -16.11
CA PRO A 324 -22.75 -46.85 -16.05
C PRO A 324 -23.24 -47.13 -14.64
N ASP A 325 -24.40 -47.79 -14.57
CA ASP A 325 -24.91 -48.25 -13.29
C ASP A 325 -23.99 -49.32 -12.72
N VAL A 326 -23.87 -49.33 -11.38
CA VAL A 326 -22.99 -50.25 -10.70
C VAL A 326 -23.78 -50.97 -9.60
N ALA A 327 -23.27 -52.13 -9.22
CA ALA A 327 -23.92 -52.95 -8.20
C ALA A 327 -23.84 -52.27 -6.84
N THR A 328 -24.94 -52.30 -6.11
CA THR A 328 -24.97 -51.73 -4.76
C THR A 328 -24.11 -52.56 -3.82
N VAL A 329 -23.39 -51.87 -2.93
CA VAL A 329 -22.51 -52.51 -1.96
C VAL A 329 -22.96 -52.11 -0.56
N ASP A 330 -23.19 -53.11 0.28
CA ASP A 330 -23.58 -52.86 1.67
C ASP A 330 -22.34 -52.56 2.49
N LEU A 331 -22.40 -51.51 3.30
CA LEU A 331 -21.28 -51.06 4.12
C LEU A 331 -21.65 -51.12 5.60
N ALA A 332 -20.65 -51.44 6.42
CA ALA A 332 -20.80 -51.50 7.86
C ALA A 332 -19.99 -50.40 8.52
N PRO A 333 -20.44 -49.88 9.67
CA PRO A 333 -19.70 -48.80 10.34
C PRO A 333 -18.40 -49.28 10.96
N GLY A 334 -17.36 -49.39 10.14
CA GLY A 334 -16.07 -49.87 10.59
C GLY A 334 -15.45 -50.85 9.63
N ASP A 335 -16.10 -51.06 8.48
CA ASP A 335 -15.64 -51.99 7.48
C ASP A 335 -14.48 -51.42 6.69
N ARG A 336 -13.73 -52.32 6.05
CA ARG A 336 -12.65 -51.95 5.13
C ARG A 336 -12.91 -52.63 3.81
N LEU A 337 -12.81 -51.88 2.72
CA LEU A 337 -13.14 -52.39 1.39
C LEU A 337 -11.99 -52.12 0.44
N ALA A 338 -11.85 -53.00 -0.56
CA ALA A 338 -10.73 -53.00 -1.50
C ALA A 338 -11.23 -53.16 -2.92
N VAL A 339 -12.18 -52.32 -3.32
CA VAL A 339 -12.73 -52.33 -4.68
C VAL A 339 -11.60 -52.33 -5.70
N VAL A 340 -11.59 -53.33 -6.58
CA VAL A 340 -10.56 -53.50 -7.59
C VAL A 340 -11.21 -53.80 -8.92
N GLY A 341 -10.38 -54.02 -9.94
CA GLY A 341 -10.85 -54.32 -11.27
C GLY A 341 -9.94 -53.78 -12.34
N PRO A 342 -10.34 -53.96 -13.61
CA PRO A 342 -9.53 -53.42 -14.71
C PRO A 342 -9.60 -51.90 -14.78
N SER A 343 -8.94 -51.32 -15.78
CA SER A 343 -8.76 -49.88 -15.89
C SER A 343 -9.92 -49.18 -16.59
N GLY A 344 -11.05 -49.85 -16.77
CA GLY A 344 -12.23 -49.22 -17.34
C GLY A 344 -13.51 -49.74 -16.73
N SER A 345 -13.39 -50.46 -15.61
CA SER A 345 -14.52 -51.20 -15.06
C SER A 345 -15.53 -50.29 -14.36
N GLY A 346 -15.07 -49.26 -13.65
CA GLY A 346 -15.99 -48.39 -12.96
C GLY A 346 -15.83 -48.34 -11.45
N LYS A 347 -14.60 -48.46 -10.96
CA LYS A 347 -14.36 -48.38 -9.53
C LYS A 347 -14.69 -46.99 -8.98
N THR A 348 -14.29 -45.93 -9.69
CA THR A 348 -14.64 -44.58 -9.26
C THR A 348 -16.14 -44.37 -9.30
N THR A 349 -16.80 -44.91 -10.33
CA THR A 349 -18.25 -44.83 -10.41
C THR A 349 -18.91 -45.51 -9.22
N MET A 350 -18.40 -46.67 -8.81
CA MET A 350 -18.96 -47.36 -7.66
C MET A 350 -18.69 -46.59 -6.38
N LEU A 351 -17.51 -45.98 -6.24
CA LEU A 351 -17.24 -45.16 -5.07
C LEU A 351 -18.22 -44.00 -4.98
N MET A 352 -18.46 -43.32 -6.09
CA MET A 352 -19.40 -42.20 -6.07
C MET A 352 -20.83 -42.67 -5.81
N ALA A 353 -21.21 -43.84 -6.34
CA ALA A 353 -22.54 -44.38 -6.06
C ALA A 353 -22.70 -44.73 -4.58
N ILE A 354 -21.67 -45.31 -3.98
CA ILE A 354 -21.71 -45.61 -2.55
C ILE A 354 -21.83 -44.33 -1.73
N ALA A 355 -21.08 -43.29 -2.10
CA ALA A 355 -21.17 -42.03 -1.39
C ALA A 355 -22.56 -41.41 -1.53
N ASP A 356 -23.13 -41.47 -2.73
CA ASP A 356 -24.48 -40.94 -2.94
C ASP A 356 -25.51 -41.70 -2.11
N ARG A 357 -25.37 -43.03 -2.05
CA ARG A 357 -26.29 -43.83 -1.24
C ARG A 357 -26.17 -43.47 0.24
N LEU A 358 -24.94 -43.34 0.73
CA LEU A 358 -24.74 -43.06 2.15
C LEU A 358 -25.22 -41.66 2.51
N ASN A 359 -24.94 -40.67 1.66
CA ASN A 359 -25.37 -39.31 1.97
C ASN A 359 -26.88 -39.17 1.93
N GLY A 360 -27.57 -39.95 1.10
CA GLY A 360 -29.01 -39.88 1.03
C GLY A 360 -29.54 -38.56 0.52
N ALA A 361 -28.90 -38.00 -0.49
CA ALA A 361 -29.30 -36.72 -1.09
C ALA A 361 -29.31 -35.59 -0.06
N GLY A 362 -29.94 -34.48 -0.41
CA GLY A 362 -30.01 -33.36 0.50
C GLY A 362 -30.99 -33.59 1.64
N GLY A 363 -30.90 -32.73 2.65
CA GLY A 363 -31.72 -32.93 3.86
C GLY A 363 -30.89 -33.63 4.92
N GLU A 364 -29.66 -34.02 4.56
CA GLU A 364 -28.74 -34.69 5.53
C GLU A 364 -27.48 -33.82 5.68
N THR A 365 -27.60 -32.67 6.35
CA THR A 365 -26.45 -31.77 6.53
C THR A 365 -25.22 -32.55 7.01
N PRO A 366 -25.25 -33.31 8.13
CA PRO A 366 -24.09 -34.13 8.51
C PRO A 366 -23.75 -35.09 7.37
N GLN A 367 -22.76 -34.75 6.55
CA GLN A 367 -22.43 -35.60 5.41
C GLN A 367 -21.69 -36.84 5.85
N ARG A 368 -22.28 -38.01 5.57
CA ARG A 368 -21.72 -39.27 6.08
C ARG A 368 -20.47 -39.67 5.30
N ALA A 369 -20.47 -39.50 3.98
CA ALA A 369 -19.41 -40.02 3.14
C ALA A 369 -18.86 -38.92 2.25
N ALA A 370 -17.58 -39.04 1.91
CA ALA A 370 -16.93 -38.14 0.98
C ALA A 370 -15.94 -38.92 0.13
N VAL A 371 -15.88 -38.61 -1.16
CA VAL A 371 -14.96 -39.24 -2.09
C VAL A 371 -13.76 -38.32 -2.28
N PHE A 372 -12.57 -38.87 -2.08
CA PHE A 372 -11.33 -38.14 -2.31
C PHE A 372 -10.76 -38.62 -3.64
N ALA A 373 -11.19 -37.97 -4.71
CA ALA A 373 -10.82 -38.39 -6.06
C ALA A 373 -9.32 -38.16 -6.31
N GLU A 374 -8.77 -38.99 -7.19
CA GLU A 374 -7.32 -38.96 -7.42
C GLU A 374 -6.90 -37.63 -8.04
N ASP A 375 -7.74 -37.05 -8.90
CA ASP A 375 -7.44 -35.79 -9.57
C ASP A 375 -7.92 -34.58 -8.78
N ALA A 376 -7.99 -34.68 -7.46
CA ALA A 376 -8.43 -33.56 -6.64
C ALA A 376 -7.50 -32.37 -6.82
N HIS A 377 -8.04 -31.18 -6.58
CA HIS A 377 -7.35 -29.93 -6.88
C HIS A 377 -6.42 -29.53 -5.75
N LEU A 378 -5.22 -29.08 -6.12
CA LEU A 378 -4.31 -28.39 -5.22
C LEU A 378 -4.34 -26.91 -5.56
N PHE A 379 -4.84 -26.10 -4.64
CA PHE A 379 -5.07 -24.69 -4.90
C PHE A 379 -3.77 -23.90 -4.84
N ASP A 380 -3.82 -22.68 -5.34
CA ASP A 380 -2.68 -21.76 -5.32
C ASP A 380 -2.66 -20.92 -4.04
N THR A 381 -2.76 -21.59 -2.90
CA THR A 381 -2.78 -20.96 -1.59
C THR A 381 -1.81 -21.71 -0.68
N THR A 382 -1.73 -21.26 0.57
CA THR A 382 -0.78 -21.81 1.52
C THR A 382 -1.07 -23.29 1.77
N VAL A 383 -0.07 -23.98 2.32
CA VAL A 383 -0.22 -25.39 2.66
C VAL A 383 -1.33 -25.58 3.69
N ARG A 384 -1.36 -24.70 4.69
CA ARG A 384 -2.41 -24.77 5.71
C ARG A 384 -3.78 -24.58 5.09
N ASP A 385 -3.92 -23.58 4.21
CA ASP A 385 -5.19 -23.34 3.55
C ASP A 385 -5.56 -24.48 2.62
N ASN A 386 -4.57 -25.12 1.99
CA ASN A 386 -4.85 -26.29 1.17
C ASN A 386 -5.37 -27.45 2.01
N LEU A 387 -4.82 -27.64 3.20
CA LEU A 387 -5.27 -28.70 4.08
C LEU A 387 -6.60 -28.38 4.77
N LEU A 388 -6.92 -27.11 4.95
CA LEU A 388 -8.12 -26.70 5.66
C LEU A 388 -9.36 -26.65 4.78
N VAL A 389 -9.24 -27.00 3.50
CA VAL A 389 -10.41 -27.01 2.63
C VAL A 389 -11.41 -28.10 3.04
N VAL A 390 -10.99 -29.06 3.85
CA VAL A 390 -11.86 -30.14 4.28
C VAL A 390 -12.48 -29.79 5.63
N ARG A 391 -11.63 -29.55 6.63
CA ARG A 391 -12.06 -29.16 7.96
C ARG A 391 -11.44 -27.81 8.29
N GLY A 392 -12.28 -26.80 8.47
CA GLY A 392 -11.79 -25.45 8.69
C GLY A 392 -11.39 -25.11 10.11
N ASP A 393 -11.64 -26.00 11.06
CA ASP A 393 -11.35 -25.76 12.47
C ASP A 393 -10.30 -26.74 12.98
N ALA A 394 -9.25 -26.95 12.19
CA ALA A 394 -8.16 -27.84 12.56
C ALA A 394 -6.95 -27.02 13.00
N THR A 395 -6.44 -27.31 14.19
CA THR A 395 -5.29 -26.59 14.71
C THR A 395 -4.03 -26.99 13.97
N ASP A 396 -3.00 -26.14 14.08
CA ASP A 396 -1.75 -26.39 13.37
C ASP A 396 -1.06 -27.65 13.88
N THR A 397 -1.28 -28.02 15.14
CA THR A 397 -0.69 -29.26 15.65
C THR A 397 -1.24 -30.47 14.91
N GLU A 398 -2.55 -30.50 14.67
CA GLU A 398 -3.15 -31.60 13.92
C GLU A 398 -2.63 -31.63 12.49
N LEU A 399 -2.49 -30.47 11.85
CA LEU A 399 -1.97 -30.42 10.49
C LEU A 399 -0.54 -30.96 10.44
N VAL A 400 0.31 -30.55 11.39
CA VAL A 400 1.69 -31.01 11.40
C VAL A 400 1.76 -32.50 11.68
N ALA A 401 0.91 -33.00 12.58
CA ALA A 401 0.89 -34.44 12.85
C ALA A 401 0.48 -35.23 11.61
N ALA A 402 -0.55 -34.76 10.90
CA ALA A 402 -0.96 -35.45 9.69
C ALA A 402 0.13 -35.43 8.63
N LEU A 403 0.76 -34.27 8.44
CA LEU A 403 1.84 -34.17 7.45
C LEU A 403 3.00 -35.08 7.81
N ASP A 404 3.35 -35.16 9.09
CA ASP A 404 4.44 -36.02 9.52
C ASP A 404 4.08 -37.49 9.32
N ARG A 405 2.84 -37.86 9.58
CA ARG A 405 2.46 -39.27 9.47
C ARG A 405 2.17 -39.71 8.04
N VAL A 406 1.98 -38.78 7.10
CA VAL A 406 1.88 -39.16 5.69
C VAL A 406 3.21 -39.10 4.97
N GLY A 407 4.30 -38.80 5.67
CA GLY A 407 5.62 -38.78 5.08
C GLY A 407 6.12 -37.44 4.60
N LEU A 408 5.50 -36.33 4.99
CA LEU A 408 5.89 -35.00 4.55
C LEU A 408 6.49 -34.16 5.68
N GLY A 409 7.02 -34.80 6.73
CA GLY A 409 7.65 -34.04 7.80
C GLY A 409 8.92 -33.34 7.34
N GLU A 410 9.78 -34.06 6.61
CA GLU A 410 11.01 -33.46 6.12
C GLU A 410 10.74 -32.45 5.02
N TRP A 411 9.71 -32.68 4.20
CA TRP A 411 9.32 -31.69 3.21
C TRP A 411 8.85 -30.40 3.87
N LEU A 412 8.05 -30.52 4.94
CA LEU A 412 7.57 -29.34 5.64
C LEU A 412 8.68 -28.63 6.38
N ALA A 413 9.65 -29.37 6.93
CA ALA A 413 10.75 -28.74 7.64
C ALA A 413 11.60 -27.88 6.71
N GLY A 414 11.67 -28.22 5.43
CA GLY A 414 12.43 -27.47 4.46
C GLY A 414 11.67 -26.37 3.76
N LEU A 415 10.42 -26.13 4.14
CA LEU A 415 9.65 -25.07 3.51
C LEU A 415 10.05 -23.70 4.09
N PRO A 416 10.17 -22.68 3.25
CA PRO A 416 10.60 -21.36 3.77
C PRO A 416 9.67 -20.79 4.84
N ASP A 417 8.36 -21.00 4.72
CA ASP A 417 7.40 -20.47 5.69
C ASP A 417 6.63 -21.58 6.39
N GLY A 418 7.12 -22.80 6.36
CA GLY A 418 6.41 -23.89 7.03
C GLY A 418 5.04 -24.10 6.42
N LEU A 419 4.00 -24.04 7.26
CA LEU A 419 2.63 -24.21 6.81
C LEU A 419 2.10 -22.99 6.06
N SER A 420 2.89 -21.93 5.94
CA SER A 420 2.45 -20.71 5.28
C SER A 420 3.07 -20.53 3.90
N THR A 421 3.75 -21.55 3.37
CA THR A 421 4.32 -21.45 2.04
C THR A 421 3.20 -21.43 1.00
N VAL A 422 3.32 -20.53 0.02
CA VAL A 422 2.19 -20.18 -0.83
C VAL A 422 1.86 -21.24 -1.86
N LEU A 423 2.81 -22.11 -2.22
CA LEU A 423 2.59 -23.14 -3.25
C LEU A 423 2.14 -22.52 -4.56
N VAL A 424 3.03 -21.72 -5.16
CA VAL A 424 2.72 -21.01 -6.39
C VAL A 424 2.60 -22.01 -7.53
N GLY A 425 1.44 -22.03 -8.18
CA GLY A 425 1.17 -22.95 -9.26
C GLY A 425 0.29 -24.13 -8.89
N GLY A 426 0.04 -24.35 -7.61
CA GLY A 426 -0.78 -25.46 -7.19
C GLY A 426 -0.03 -26.78 -7.19
N ALA A 427 -0.43 -27.68 -8.08
CA ALA A 427 0.27 -28.96 -8.23
C ALA A 427 1.62 -28.81 -8.90
N ALA A 428 1.94 -27.64 -9.46
CA ALA A 428 3.22 -27.41 -10.09
C ALA A 428 4.31 -27.03 -9.10
N ALA A 429 3.94 -26.75 -7.84
CA ALA A 429 4.94 -26.32 -6.83
C ALA A 429 5.48 -27.52 -6.05
N VAL A 430 4.93 -28.72 -6.29
CA VAL A 430 5.30 -29.92 -5.56
C VAL A 430 5.60 -31.02 -6.57
N SER A 431 5.87 -32.21 -6.03
CA SER A 431 6.15 -33.37 -6.89
C SER A 431 4.95 -34.33 -6.83
N ALA A 432 4.85 -35.26 -7.78
CA ALA A 432 3.68 -36.16 -7.87
C ALA A 432 3.45 -36.84 -6.51
N GLY A 433 4.48 -37.54 -6.00
CA GLY A 433 4.32 -38.26 -4.75
C GLY A 433 3.97 -37.33 -3.60
N GLN A 434 4.58 -36.14 -3.56
CA GLN A 434 4.26 -35.18 -2.52
C GLN A 434 2.81 -34.71 -2.62
N ARG A 435 2.32 -34.50 -3.84
CA ARG A 435 0.92 -34.13 -4.02
C ARG A 435 0.00 -35.25 -3.58
N ARG A 436 0.36 -36.50 -3.90
CA ARG A 436 -0.44 -37.63 -3.45
C ARG A 436 -0.48 -37.70 -1.93
N ARG A 437 0.67 -37.50 -1.28
CA ARG A 437 0.71 -37.51 0.18
C ARG A 437 -0.10 -36.36 0.77
N LEU A 438 -0.10 -35.20 0.09
CA LEU A 438 -0.92 -34.09 0.55
C LEU A 438 -2.40 -34.43 0.48
N LEU A 439 -2.83 -35.11 -0.59
CA LEU A 439 -4.22 -35.53 -0.67
C LEU A 439 -4.57 -36.56 0.40
N ILE A 440 -3.65 -37.48 0.69
CA ILE A 440 -3.87 -38.43 1.77
C ILE A 440 -3.99 -37.72 3.10
N ALA A 441 -3.18 -36.68 3.31
CA ALA A 441 -3.27 -35.89 4.54
C ALA A 441 -4.61 -35.17 4.62
N ARG A 442 -5.10 -34.65 3.49
CA ARG A 442 -6.43 -34.07 3.44
C ARG A 442 -7.48 -35.09 3.90
N ALA A 443 -7.37 -36.32 3.41
CA ALA A 443 -8.31 -37.36 3.81
C ALA A 443 -8.20 -37.65 5.30
N LEU A 444 -6.98 -37.69 5.83
CA LEU A 444 -6.77 -37.97 7.25
C LEU A 444 -7.36 -36.89 8.14
N ILE A 445 -7.17 -35.63 7.76
CA ILE A 445 -7.65 -34.52 8.58
C ILE A 445 -9.17 -34.48 8.64
N SER A 446 -9.84 -35.03 7.62
CA SER A 446 -11.30 -34.99 7.53
C SER A 446 -11.95 -35.63 8.75
N ALA A 447 -13.23 -35.28 8.95
CA ALA A 447 -14.03 -35.82 10.04
C ALA A 447 -15.19 -36.66 9.53
N PHE A 448 -15.14 -37.09 8.27
CA PHE A 448 -16.23 -37.86 7.70
C PHE A 448 -16.24 -39.28 8.29
N PRO A 449 -17.40 -39.78 8.71
CA PRO A 449 -17.45 -41.18 9.20
C PRO A 449 -17.01 -42.19 8.16
N VAL A 450 -17.31 -41.95 6.88
CA VAL A 450 -16.93 -42.85 5.80
C VAL A 450 -16.01 -42.10 4.86
N VAL A 451 -14.85 -42.67 4.57
CA VAL A 451 -13.85 -42.08 3.69
C VAL A 451 -13.66 -43.01 2.50
N LEU A 452 -13.87 -42.49 1.29
CA LEU A 452 -13.74 -43.25 0.06
C LEU A 452 -12.56 -42.71 -0.72
N LEU A 453 -11.48 -43.49 -0.79
CA LEU A 453 -10.24 -43.07 -1.43
C LEU A 453 -10.12 -43.70 -2.81
N ASP A 454 -9.65 -42.91 -3.77
CA ASP A 454 -9.55 -43.31 -5.16
C ASP A 454 -8.08 -43.35 -5.56
N GLN A 455 -7.53 -44.57 -5.67
CA GLN A 455 -6.14 -44.79 -6.03
C GLN A 455 -5.21 -43.93 -5.17
N PRO A 456 -5.15 -44.18 -3.86
CA PRO A 456 -4.41 -43.28 -2.97
C PRO A 456 -2.91 -43.51 -2.94
N THR A 457 -2.43 -44.62 -3.48
CA THR A 457 -0.99 -44.93 -3.45
C THR A 457 -0.37 -44.86 -4.85
N GLU A 458 -0.88 -43.97 -5.70
CA GLU A 458 -0.31 -43.75 -7.01
C GLU A 458 0.85 -42.75 -6.91
N ASN A 459 1.89 -42.98 -7.70
CA ASN A 459 3.08 -42.13 -7.75
C ASN A 459 3.82 -42.10 -6.43
N LEU A 460 3.57 -43.05 -5.54
CA LEU A 460 4.25 -43.10 -4.26
C LEU A 460 5.55 -43.90 -4.35
N ASP A 461 6.31 -43.86 -3.27
CA ASP A 461 7.62 -44.50 -3.21
C ASP A 461 7.49 -46.01 -3.22
N ALA A 462 8.57 -46.68 -3.63
CA ALA A 462 8.59 -48.14 -3.60
C ALA A 462 8.53 -48.66 -2.17
N GLY A 463 9.23 -48.01 -1.24
CA GLY A 463 9.25 -48.43 0.13
C GLY A 463 8.12 -47.91 1.00
N ASP A 464 7.25 -47.05 0.45
CA ASP A 464 6.16 -46.47 1.22
C ASP A 464 4.78 -46.79 0.69
N ALA A 465 4.66 -47.19 -0.59
CA ALA A 465 3.34 -47.41 -1.16
C ALA A 465 2.63 -48.59 -0.51
N ARG A 466 3.30 -49.73 -0.41
CA ARG A 466 2.67 -50.93 0.14
C ARG A 466 2.31 -50.73 1.61
N GLN A 467 3.21 -50.13 2.38
CA GLN A 467 2.93 -49.88 3.80
C GLN A 467 1.76 -48.92 3.95
N MET A 468 1.70 -47.88 3.13
CA MET A 468 0.60 -46.92 3.21
C MET A 468 -0.73 -47.58 2.85
N LEU A 469 -0.74 -48.42 1.82
CA LEU A 469 -1.97 -49.10 1.43
C LEU A 469 -2.43 -50.06 2.53
N GLU A 470 -1.48 -50.83 3.10
CA GLU A 470 -1.84 -51.75 4.17
C GLU A 470 -2.37 -51.00 5.39
N GLY A 471 -1.74 -49.87 5.72
CA GLY A 471 -2.23 -49.07 6.83
C GLY A 471 -3.60 -48.49 6.57
N LEU A 472 -3.86 -48.09 5.32
CA LEU A 472 -5.19 -47.61 4.97
C LEU A 472 -6.23 -48.70 5.13
N LEU A 473 -5.89 -49.93 4.74
CA LEU A 473 -6.82 -51.04 4.86
C LEU A 473 -6.69 -51.79 6.19
N THR A 474 -5.81 -51.34 7.09
CA THR A 474 -5.75 -51.89 8.44
C THR A 474 -6.69 -51.14 9.36
N PRO A 475 -7.55 -51.83 10.11
CA PRO A 475 -8.61 -51.13 10.86
C PRO A 475 -8.11 -50.30 12.04
N GLY A 476 -6.79 -50.15 12.20
CA GLY A 476 -6.29 -49.37 13.31
C GLY A 476 -5.01 -48.59 13.05
N ALA A 477 -4.58 -48.50 11.80
CA ALA A 477 -3.29 -47.90 11.49
C ALA A 477 -3.38 -46.38 11.26
N LEU A 478 -4.16 -45.97 10.25
CA LEU A 478 -4.36 -44.56 9.95
C LEU A 478 -5.77 -44.09 10.29
N PHE A 479 -6.79 -44.83 9.87
CA PHE A 479 -8.16 -44.59 10.29
C PHE A 479 -8.55 -45.64 11.31
N ALA A 480 -8.99 -45.19 12.49
CA ALA A 480 -9.13 -46.05 13.65
C ALA A 480 -10.59 -46.32 13.97
N ALA A 481 -10.90 -47.60 14.20
CA ALA A 481 -12.15 -48.03 14.83
C ALA A 481 -13.40 -47.69 14.02
N ASP A 482 -14.07 -46.60 14.40
CA ASP A 482 -15.41 -46.29 13.93
C ASP A 482 -15.42 -45.61 12.57
N ARG A 483 -14.36 -45.70 11.78
CA ARG A 483 -14.29 -45.10 10.46
C ARG A 483 -14.31 -46.18 9.40
N THR A 484 -15.22 -46.06 8.45
CA THR A 484 -15.27 -46.94 7.28
C THR A 484 -14.39 -46.37 6.20
N VAL A 485 -13.55 -47.23 5.61
CA VAL A 485 -12.61 -46.82 4.57
C VAL A 485 -12.82 -47.72 3.37
N VAL A 486 -13.11 -47.11 2.22
CA VAL A 486 -13.25 -47.83 0.95
C VAL A 486 -12.16 -47.32 0.02
N VAL A 487 -11.34 -48.24 -0.48
CA VAL A 487 -10.18 -47.88 -1.30
C VAL A 487 -10.30 -48.59 -2.63
N ALA A 488 -10.33 -47.81 -3.72
CA ALA A 488 -10.28 -48.34 -5.07
C ALA A 488 -8.82 -48.29 -5.53
N THR A 489 -8.21 -49.45 -5.71
CA THR A 489 -6.77 -49.53 -5.91
C THR A 489 -6.45 -50.47 -7.06
N HIS A 490 -5.24 -50.30 -7.60
CA HIS A 490 -4.70 -51.17 -8.64
C HIS A 490 -3.54 -52.02 -8.19
N HIS A 491 -3.02 -51.80 -6.98
CA HIS A 491 -1.81 -52.47 -6.50
C HIS A 491 -2.07 -53.15 -5.16
N LEU A 492 -3.17 -53.87 -5.06
CA LEU A 492 -3.43 -54.64 -3.85
C LEU A 492 -2.45 -55.79 -3.76
N PRO A 493 -1.78 -55.98 -2.63
CA PRO A 493 -0.80 -57.05 -2.52
C PRO A 493 -1.46 -58.39 -2.69
N PRO A 494 -0.76 -59.36 -3.30
CA PRO A 494 -1.36 -60.70 -3.50
C PRO A 494 -1.77 -61.37 -2.20
N GLY A 495 -0.97 -61.22 -1.14
CA GLY A 495 -1.33 -61.78 0.15
C GLY A 495 -1.76 -60.71 1.13
N PHE A 496 -3.07 -60.60 1.36
CA PHE A 496 -3.61 -59.56 2.22
C PHE A 496 -4.98 -60.01 2.72
N ASP A 497 -5.75 -59.06 3.25
CA ASP A 497 -7.04 -59.35 3.89
C ASP A 497 -8.08 -58.36 3.38
N CYS A 498 -9.23 -58.29 4.06
CA CYS A 498 -10.36 -57.39 3.83
C CYS A 498 -11.11 -57.75 2.56
N PRO A 499 -12.42 -57.52 2.51
CA PRO A 499 -13.21 -57.98 1.36
C PRO A 499 -12.86 -57.25 0.07
N ILE A 500 -13.13 -57.94 -1.04
CA ILE A 500 -12.87 -57.43 -2.39
C ILE A 500 -14.20 -57.34 -3.12
N VAL A 501 -14.38 -56.24 -3.86
CA VAL A 501 -15.62 -55.99 -4.61
C VAL A 501 -15.24 -55.82 -6.08
N ARG A 502 -14.29 -56.64 -6.54
CA ARG A 502 -13.76 -56.53 -7.91
C ARG A 502 -14.88 -56.37 -8.93
N CYS A 503 -14.62 -55.52 -9.92
CA CYS A 503 -15.57 -55.19 -10.97
C CYS A 503 -15.26 -56.01 -12.22
N THR A 504 -15.97 -55.72 -13.30
CA THR A 504 -15.77 -56.41 -14.57
C THR A 504 -15.58 -55.42 -15.71
N SER B 1 -2.40 11.44 -41.16
CA SER B 1 -1.89 11.25 -39.80
C SER B 1 -2.67 12.09 -38.81
N TYR B 2 -2.16 12.16 -37.58
CA TYR B 2 -2.79 13.01 -36.57
C TYR B 2 -2.71 14.48 -36.95
N PHE B 3 -1.58 14.90 -37.50
CA PHE B 3 -1.32 16.33 -37.72
C PHE B 3 -2.29 16.92 -38.72
N GLN B 4 -2.45 16.27 -39.88
CA GLN B 4 -3.30 16.83 -40.93
C GLN B 4 -4.76 16.91 -40.48
N SER B 5 -5.28 15.82 -39.89
CA SER B 5 -6.66 15.81 -39.46
C SER B 5 -6.90 16.83 -38.34
N ASN B 6 -5.96 16.93 -37.39
CA ASN B 6 -6.12 17.87 -36.30
C ASN B 6 -6.03 19.31 -36.78
N VAL B 7 -5.16 19.58 -37.76
CA VAL B 7 -5.09 20.91 -38.36
C VAL B 7 -6.41 21.26 -39.04
N VAL B 8 -6.98 20.29 -39.77
CA VAL B 8 -8.26 20.53 -40.43
C VAL B 8 -9.34 20.82 -39.39
N ILE B 9 -9.38 20.03 -38.30
CA ILE B 9 -10.40 20.22 -37.29
C ILE B 9 -10.27 21.57 -36.61
N ALA B 10 -9.04 21.95 -36.25
CA ALA B 10 -8.83 23.24 -35.59
C ALA B 10 -9.18 24.40 -36.50
N GLY B 11 -8.77 24.32 -37.77
CA GLY B 11 -9.13 25.37 -38.70
C GLY B 11 -10.62 25.49 -38.90
N CYS B 12 -11.31 24.35 -39.02
CA CYS B 12 -12.76 24.38 -39.16
C CYS B 12 -13.44 24.99 -37.95
N THR B 13 -12.97 24.64 -36.75
CA THR B 13 -13.56 25.19 -35.53
C THR B 13 -13.36 26.70 -35.45
N ILE B 14 -12.13 27.16 -35.72
CA ILE B 14 -11.85 28.60 -35.66
C ILE B 14 -12.67 29.35 -36.68
N ALA B 15 -12.71 28.83 -37.92
CA ALA B 15 -13.45 29.50 -38.98
C ALA B 15 -14.94 29.52 -38.69
N SER B 16 -15.48 28.42 -38.14
CA SER B 16 -16.90 28.39 -37.79
C SER B 16 -17.22 29.41 -36.71
N ALA B 17 -16.35 29.51 -35.69
CA ALA B 17 -16.59 30.49 -34.63
C ALA B 17 -16.55 31.92 -35.17
N VAL B 18 -15.56 32.21 -36.02
CA VAL B 18 -15.44 33.56 -36.58
C VAL B 18 -16.64 33.88 -37.46
N VAL B 19 -17.05 32.93 -38.30
CA VAL B 19 -18.17 33.16 -39.20
C VAL B 19 -19.46 33.38 -38.42
N LEU B 20 -19.68 32.57 -37.38
CA LEU B 20 -20.87 32.74 -36.56
C LEU B 20 -20.86 34.10 -35.86
N ALA B 21 -19.71 34.50 -35.33
CA ALA B 21 -19.62 35.81 -34.66
C ALA B 21 -19.93 36.93 -35.64
N HIS B 22 -19.36 36.87 -36.84
CA HIS B 22 -19.61 37.91 -37.83
C HIS B 22 -21.08 37.93 -38.24
N ILE B 23 -21.71 36.76 -38.36
CA ILE B 23 -23.13 36.83 -38.83
C ILE B 23 -23.99 37.39 -37.68
N VAL B 24 -23.76 36.97 -36.44
CA VAL B 24 -24.59 37.55 -35.38
C VAL B 24 -24.35 39.06 -35.28
N ALA B 25 -23.10 39.50 -35.49
CA ALA B 25 -22.83 40.93 -35.48
C ALA B 25 -23.58 41.64 -36.60
N GLY B 26 -23.61 41.04 -37.80
CA GLY B 26 -24.33 41.65 -38.90
C GLY B 26 -25.82 41.71 -38.67
N ILE B 27 -26.39 40.63 -38.11
CA ILE B 27 -27.83 40.65 -37.81
C ILE B 27 -28.16 41.67 -36.73
N ILE B 28 -27.28 41.80 -35.73
CA ILE B 28 -27.54 42.78 -34.66
C ILE B 28 -27.45 44.20 -35.21
N THR B 29 -26.41 44.50 -35.98
CA THR B 29 -26.27 45.84 -36.56
C THR B 29 -27.31 46.11 -37.64
N ASN B 30 -27.88 45.08 -38.25
CA ASN B 30 -28.93 45.21 -39.26
C ASN B 30 -30.09 44.31 -38.84
N PRO B 31 -30.90 44.76 -37.86
CA PRO B 31 -31.94 43.87 -37.30
C PRO B 31 -32.94 43.37 -38.33
N ALA B 32 -33.61 44.28 -39.02
CA ALA B 32 -34.64 43.91 -39.98
C ALA B 32 -34.29 44.28 -41.42
N THR B 33 -33.10 44.83 -41.67
CA THR B 33 -32.68 45.22 -42.99
C THR B 33 -31.83 44.11 -43.62
N ALA B 34 -31.23 44.42 -44.77
CA ALA B 34 -30.36 43.56 -45.55
C ALA B 34 -31.09 42.36 -46.16
N LEU B 35 -32.39 42.24 -45.99
CA LEU B 35 -33.15 41.12 -46.56
C LEU B 35 -33.44 41.41 -48.03
N GLY B 36 -33.20 40.40 -48.87
CA GLY B 36 -33.43 40.55 -50.29
C GLY B 36 -32.17 40.79 -51.09
N GLY B 37 -31.12 40.03 -50.78
CA GLY B 37 -29.84 40.19 -51.46
C GLY B 37 -28.72 40.50 -50.48
N GLU B 38 -27.70 39.63 -50.46
CA GLU B 38 -26.62 39.70 -49.47
C GLU B 38 -27.20 39.78 -48.05
N THR B 39 -28.07 38.82 -47.76
CA THR B 39 -28.79 38.81 -46.48
C THR B 39 -27.87 38.58 -45.29
N ASP B 40 -26.70 37.97 -45.51
CA ASP B 40 -25.75 37.60 -44.46
C ASP B 40 -26.36 36.65 -43.42
N TRP B 41 -27.50 36.05 -43.74
CA TRP B 41 -28.15 35.05 -42.90
C TRP B 41 -28.41 33.75 -43.64
N ALA B 42 -28.74 33.83 -44.93
CA ALA B 42 -28.89 32.66 -45.78
C ALA B 42 -27.56 32.10 -46.24
N PRO B 43 -26.64 32.89 -46.83
CA PRO B 43 -25.42 32.29 -47.38
C PRO B 43 -24.37 31.94 -46.32
N GLY B 44 -24.46 32.50 -45.11
CA GLY B 44 -23.53 32.10 -44.07
C GLY B 44 -23.86 30.77 -43.45
N LEU B 45 -25.13 30.39 -43.41
CA LEU B 45 -25.52 29.10 -42.86
C LEU B 45 -24.97 27.95 -43.70
N VAL B 46 -24.90 28.10 -45.03
CA VAL B 46 -24.36 27.04 -45.86
C VAL B 46 -22.87 26.86 -45.60
N ALA B 47 -22.15 27.97 -45.38
CA ALA B 47 -20.73 27.86 -45.03
C ALA B 47 -20.55 27.20 -43.67
N LEU B 48 -21.39 27.56 -42.70
CA LEU B 48 -21.33 26.93 -41.39
C LEU B 48 -21.58 25.44 -41.48
N ALA B 49 -22.59 25.03 -42.25
CA ALA B 49 -22.89 23.61 -42.41
C ALA B 49 -21.76 22.88 -43.13
N VAL B 50 -21.16 23.51 -44.15
CA VAL B 50 -20.06 22.89 -44.87
C VAL B 50 -18.87 22.68 -43.93
N LEU B 51 -18.56 23.68 -43.11
CA LEU B 51 -17.46 23.54 -42.16
C LEU B 51 -17.75 22.44 -41.14
N TRP B 52 -18.99 22.36 -40.66
CA TRP B 52 -19.36 21.30 -39.73
C TRP B 52 -19.21 19.92 -40.36
N SER B 53 -19.64 19.78 -41.62
CA SER B 53 -19.50 18.51 -42.32
C SER B 53 -18.04 18.12 -42.51
N VAL B 54 -17.20 19.10 -42.88
CA VAL B 54 -15.78 18.81 -43.04
C VAL B 54 -15.16 18.36 -41.73
N ARG B 55 -15.52 19.04 -40.64
CA ARG B 55 -15.00 18.64 -39.32
C ARG B 55 -15.44 17.23 -38.97
N VAL B 56 -16.70 16.89 -39.24
CA VAL B 56 -17.19 15.54 -38.93
C VAL B 56 -16.45 14.49 -39.74
N VAL B 57 -16.22 14.77 -41.03
CA VAL B 57 -15.50 13.82 -41.88
C VAL B 57 -14.07 13.62 -41.38
N ALA B 58 -13.40 14.72 -41.01
CA ALA B 58 -12.04 14.61 -40.49
C ALA B 58 -12.02 13.80 -39.20
N GLN B 59 -12.99 14.02 -38.33
CA GLN B 59 -13.06 13.26 -37.08
C GLN B 59 -13.26 11.77 -37.36
N TRP B 60 -14.11 11.44 -38.33
CA TRP B 60 -14.33 10.04 -38.68
C TRP B 60 -13.05 9.39 -39.18
N PHE B 61 -12.33 10.06 -40.08
CA PHE B 61 -11.09 9.51 -40.61
C PHE B 61 -10.06 9.32 -39.50
N GLN B 62 -9.93 10.31 -38.62
CA GLN B 62 -8.97 10.22 -37.53
C GLN B 62 -9.33 9.07 -36.59
N GLY B 63 -10.62 8.89 -36.31
CA GLY B 63 -11.03 7.78 -35.46
C GLY B 63 -10.70 6.43 -36.08
N ARG B 64 -10.95 6.28 -37.37
CA ARG B 64 -10.63 5.01 -38.03
C ARG B 64 -9.14 4.72 -37.95
N LEU B 65 -8.30 5.71 -38.27
CA LEU B 65 -6.86 5.50 -38.21
C LEU B 65 -6.41 5.18 -36.79
N SER B 66 -6.94 5.89 -35.79
CA SER B 66 -6.55 5.64 -34.41
C SER B 66 -6.94 4.23 -33.97
N GLN B 67 -8.13 3.77 -34.35
CA GLN B 67 -8.57 2.43 -33.96
C GLN B 67 -7.67 1.37 -34.59
N ARG B 68 -7.33 1.53 -35.87
CA ARG B 68 -6.44 0.55 -36.50
C ARG B 68 -5.08 0.52 -35.84
N GLY B 69 -4.51 1.70 -35.56
CA GLY B 69 -3.22 1.75 -34.90
C GLY B 69 -3.24 1.15 -33.50
N ALA B 70 -4.30 1.43 -32.74
CA ALA B 70 -4.42 0.87 -31.41
C ALA B 70 -4.51 -0.65 -31.46
N THR B 71 -5.29 -1.19 -32.40
CA THR B 71 -5.38 -2.63 -32.53
C THR B 71 -4.01 -3.24 -32.84
N ALA B 72 -3.27 -2.63 -33.78
CA ALA B 72 -1.96 -3.16 -34.13
C ALA B 72 -1.01 -3.14 -32.94
N VAL B 73 -0.99 -2.03 -32.20
CA VAL B 73 -0.06 -1.90 -31.07
C VAL B 73 -0.41 -2.89 -29.96
N ILE B 74 -1.71 -3.03 -29.65
CA ILE B 74 -2.11 -3.97 -28.61
C ILE B 74 -1.75 -5.39 -29.01
N GLY B 75 -1.99 -5.75 -30.27
CA GLY B 75 -1.62 -7.09 -30.72
C GLY B 75 -0.14 -7.35 -30.60
N GLU B 76 0.69 -6.38 -31.01
CA GLU B 76 2.13 -6.56 -30.91
C GLU B 76 2.58 -6.71 -29.46
N LEU B 77 2.03 -5.90 -28.56
CA LEU B 77 2.42 -5.99 -27.15
C LEU B 77 2.00 -7.33 -26.55
N SER B 78 0.79 -7.80 -26.86
CA SER B 78 0.35 -9.09 -26.35
C SER B 78 1.22 -10.22 -26.89
N ARG B 79 1.59 -10.15 -28.17
CA ARG B 79 2.47 -11.16 -28.74
C ARG B 79 3.83 -11.16 -28.05
N GLN B 80 4.37 -9.96 -27.76
CA GLN B 80 5.65 -9.88 -27.06
C GLN B 80 5.56 -10.52 -25.69
N VAL B 81 4.50 -10.20 -24.93
CA VAL B 81 4.36 -10.75 -23.58
C VAL B 81 4.23 -12.27 -23.63
N LEU B 82 3.41 -12.78 -24.56
CA LEU B 82 3.23 -14.23 -24.66
C LEU B 82 4.52 -14.92 -25.07
N SER B 83 5.24 -14.36 -26.04
CA SER B 83 6.48 -14.99 -26.50
C SER B 83 7.58 -14.93 -25.44
N SER B 84 7.53 -13.94 -24.56
CA SER B 84 8.56 -13.84 -23.53
C SER B 84 8.24 -14.76 -22.35
N VAL B 85 7.00 -14.72 -21.85
CA VAL B 85 6.67 -15.45 -20.63
C VAL B 85 6.66 -16.96 -20.89
N THR B 86 6.06 -17.40 -21.98
CA THR B 86 5.84 -18.82 -22.20
C THR B 86 7.13 -19.58 -22.53
N THR B 87 8.17 -18.89 -22.98
CA THR B 87 9.42 -19.53 -23.37
C THR B 87 10.48 -19.43 -22.29
N SER B 88 10.08 -19.50 -21.03
CA SER B 88 10.98 -19.44 -19.89
C SER B 88 10.93 -20.75 -19.12
N SER B 89 11.72 -20.82 -18.05
CA SER B 89 11.75 -22.01 -17.22
C SER B 89 10.37 -22.23 -16.56
N PRO B 90 9.99 -23.49 -16.34
CA PRO B 90 8.64 -23.75 -15.79
C PRO B 90 8.39 -23.10 -14.44
N ARG B 91 9.40 -22.97 -13.59
CA ARG B 91 9.21 -22.34 -12.29
C ARG B 91 8.92 -20.86 -12.44
N ARG B 92 9.69 -20.15 -13.26
CA ARG B 92 9.43 -18.74 -13.50
C ARG B 92 8.07 -18.55 -14.18
N LEU B 93 7.74 -19.44 -15.11
CA LEU B 93 6.45 -19.36 -15.79
C LEU B 93 5.30 -19.50 -14.80
N ALA B 94 5.38 -20.49 -13.91
CA ALA B 94 4.36 -20.65 -12.89
C ALA B 94 4.34 -19.49 -11.91
N ALA B 95 5.50 -18.83 -11.73
CA ALA B 95 5.56 -17.70 -10.81
C ALA B 95 4.85 -16.47 -11.38
N ASP B 96 5.08 -16.16 -12.67
CA ASP B 96 4.54 -14.93 -13.23
C ASP B 96 3.33 -15.14 -14.15
N ARG B 97 2.88 -16.38 -14.35
CA ARG B 97 1.59 -16.56 -15.00
C ARG B 97 0.48 -16.24 -14.00
N ASP B 98 -0.72 -16.02 -14.54
CA ASP B 98 -1.88 -15.50 -13.81
C ASP B 98 -1.67 -14.01 -13.54
N SER B 99 -0.49 -13.50 -13.89
CA SER B 99 -0.23 -12.07 -13.98
C SER B 99 0.04 -11.62 -15.41
N ALA B 100 0.70 -12.45 -16.20
CA ALA B 100 0.76 -12.20 -17.64
C ALA B 100 -0.58 -12.48 -18.30
N ALA B 101 -1.34 -13.43 -17.78
CA ALA B 101 -2.66 -13.72 -18.31
C ALA B 101 -3.57 -12.51 -18.18
N ALA B 102 -3.54 -11.83 -17.03
CA ALA B 102 -4.40 -10.67 -16.82
C ALA B 102 -4.03 -9.54 -17.78
N VAL B 103 -2.75 -9.19 -17.87
CA VAL B 103 -2.35 -8.10 -18.74
C VAL B 103 -2.57 -8.45 -20.21
N VAL B 104 -2.53 -9.73 -20.55
CA VAL B 104 -2.73 -10.13 -21.94
C VAL B 104 -4.22 -10.12 -22.30
N THR B 105 -5.07 -10.60 -21.41
CA THR B 105 -6.49 -10.72 -21.70
C THR B 105 -7.26 -9.44 -21.40
N ARG B 106 -7.23 -8.97 -20.16
CA ARG B 106 -8.05 -7.85 -19.73
C ARG B 106 -7.27 -6.56 -19.50
N GLY B 107 -5.94 -6.60 -19.52
CA GLY B 107 -5.15 -5.42 -19.21
C GLY B 107 -4.79 -4.57 -20.39
N LEU B 108 -4.17 -5.17 -21.42
CA LEU B 108 -3.72 -4.42 -22.58
C LEU B 108 -4.88 -3.91 -23.43
N ASP B 109 -6.10 -4.38 -23.21
CA ASP B 109 -7.25 -3.85 -23.94
C ASP B 109 -7.60 -2.43 -23.50
N GLY B 110 -7.08 -1.98 -22.37
CA GLY B 110 -7.30 -0.62 -21.91
C GLY B 110 -6.45 0.42 -22.59
N LEU B 111 -5.56 0.00 -23.50
CA LEU B 111 -4.74 0.92 -24.26
C LEU B 111 -5.49 1.57 -25.42
N ARG B 112 -6.71 1.12 -25.70
CA ARG B 112 -7.48 1.73 -26.79
C ARG B 112 -7.82 3.19 -26.52
N PRO B 113 -8.28 3.59 -25.32
CA PRO B 113 -8.49 5.04 -25.09
C PRO B 113 -7.22 5.86 -25.20
N TYR B 114 -6.06 5.26 -24.98
CA TYR B 114 -4.80 5.99 -25.10
C TYR B 114 -4.56 6.44 -26.54
N PHE B 115 -4.85 5.58 -27.51
CA PHE B 115 -4.61 5.90 -28.91
C PHE B 115 -5.83 6.50 -29.60
N THR B 116 -7.01 6.33 -29.04
CA THR B 116 -8.24 6.71 -29.74
C THR B 116 -9.00 7.77 -28.95
N GLY B 117 -8.31 8.82 -28.52
CA GLY B 117 -8.97 9.87 -27.77
C GLY B 117 -8.11 10.57 -26.74
N TYR B 118 -6.91 10.06 -26.48
CA TYR B 118 -5.96 10.77 -25.62
C TYR B 118 -4.88 11.45 -26.43
N LEU B 119 -4.16 10.69 -27.25
CA LEU B 119 -3.17 11.30 -28.14
C LEU B 119 -3.79 12.28 -29.13
N PRO B 120 -4.90 11.96 -29.81
CA PRO B 120 -5.54 13.01 -30.63
C PRO B 120 -5.96 14.23 -29.84
N ALA B 121 -6.42 14.02 -28.60
CA ALA B 121 -6.78 15.16 -27.75
C ALA B 121 -5.56 16.02 -27.44
N VAL B 122 -4.42 15.38 -27.16
CA VAL B 122 -3.20 16.14 -26.87
C VAL B 122 -2.76 16.93 -28.09
N VAL B 123 -2.80 16.30 -29.27
CA VAL B 123 -2.39 16.99 -30.49
C VAL B 123 -3.32 18.17 -30.78
N LEU B 124 -4.63 17.96 -30.62
CA LEU B 124 -5.59 19.04 -30.85
C LEU B 124 -5.39 20.17 -29.85
N ALA B 125 -5.10 19.83 -28.59
CA ALA B 125 -4.83 20.87 -27.61
C ALA B 125 -3.59 21.66 -27.97
N GLY B 126 -2.54 20.97 -28.44
CA GLY B 126 -1.33 21.66 -28.84
C GLY B 126 -1.48 22.51 -30.10
N ILE B 127 -2.44 22.17 -30.96
CA ILE B 127 -2.60 22.92 -32.21
C ILE B 127 -3.62 24.05 -32.05
N LEU B 128 -4.85 23.69 -31.67
CA LEU B 128 -5.96 24.63 -31.69
C LEU B 128 -5.76 25.78 -30.71
N THR B 129 -5.29 25.48 -29.50
CA THR B 129 -5.23 26.50 -28.46
C THR B 129 -4.34 27.69 -28.83
N PRO B 130 -3.07 27.50 -29.25
CA PRO B 130 -2.30 28.68 -29.69
C PRO B 130 -2.92 29.36 -30.91
N ALA B 131 -3.51 28.59 -31.82
CA ALA B 131 -4.15 29.20 -32.99
C ALA B 131 -5.35 30.05 -32.59
N ALA B 132 -6.18 29.52 -31.68
CA ALA B 132 -7.33 30.29 -31.21
C ALA B 132 -6.88 31.55 -30.48
N LEU B 133 -5.82 31.44 -29.66
CA LEU B 133 -5.29 32.61 -28.99
C LEU B 133 -4.79 33.65 -29.98
N VAL B 134 -4.09 33.21 -31.02
CA VAL B 134 -3.55 34.14 -32.02
C VAL B 134 -4.69 34.83 -32.77
N VAL B 135 -5.72 34.08 -33.16
CA VAL B 135 -6.83 34.69 -33.88
C VAL B 135 -7.57 35.69 -33.00
N MET B 136 -7.78 35.33 -31.73
CA MET B 136 -8.44 36.26 -30.82
C MET B 136 -7.62 37.52 -30.61
N ALA B 137 -6.29 37.37 -30.48
CA ALA B 137 -5.42 38.54 -30.33
C ALA B 137 -5.46 39.42 -31.57
N ALA B 138 -5.50 38.80 -32.75
CA ALA B 138 -5.60 39.57 -33.98
C ALA B 138 -6.91 40.35 -34.04
N TYR B 139 -8.02 39.71 -33.65
CA TYR B 139 -9.30 40.40 -33.65
C TYR B 139 -9.41 41.38 -32.49
N ASP B 140 -8.99 40.98 -31.29
CA ASP B 140 -9.07 41.84 -30.12
C ASP B 140 -7.98 41.39 -29.15
N TRP B 141 -6.84 42.08 -29.16
CA TRP B 141 -5.69 41.62 -28.40
C TRP B 141 -5.92 41.72 -26.89
N GLN B 142 -6.75 42.68 -26.46
CA GLN B 142 -7.04 42.81 -25.04
C GLN B 142 -7.69 41.55 -24.49
N ALA B 143 -8.65 41.00 -25.24
CA ALA B 143 -9.31 39.77 -24.79
C ALA B 143 -8.33 38.61 -24.69
N ALA B 144 -7.41 38.49 -25.65
CA ALA B 144 -6.45 37.39 -25.60
C ALA B 144 -5.47 37.55 -24.45
N ALA B 145 -4.97 38.78 -24.22
CA ALA B 145 -4.07 39.01 -23.11
C ALA B 145 -4.77 38.79 -21.77
N ILE B 146 -6.06 39.10 -21.71
CA ILE B 146 -6.84 38.85 -20.50
C ILE B 146 -7.07 37.35 -20.31
N VAL B 147 -7.27 36.59 -21.39
CA VAL B 147 -7.55 35.14 -21.14
C VAL B 147 -6.24 34.43 -20.78
N VAL B 148 -5.12 34.80 -21.41
CA VAL B 148 -3.89 34.07 -21.17
C VAL B 148 -3.52 34.03 -19.69
N ILE B 149 -4.26 34.74 -18.84
CA ILE B 149 -3.87 34.80 -17.39
C ILE B 149 -4.37 33.55 -16.65
N ALA B 150 -5.47 32.94 -17.11
CA ALA B 150 -5.97 31.72 -16.49
C ALA B 150 -5.40 30.45 -17.12
N LEU B 151 -4.62 30.57 -18.19
CA LEU B 151 -4.11 29.39 -18.88
C LEU B 151 -3.19 28.51 -18.04
N PRO B 152 -2.16 29.03 -17.36
CA PRO B 152 -1.19 28.13 -16.72
C PRO B 152 -1.75 27.28 -15.59
N LEU B 153 -2.92 27.64 -15.04
CA LEU B 153 -3.46 26.92 -13.89
C LEU B 153 -3.81 25.48 -14.25
N ILE B 154 -4.42 25.28 -15.42
CA ILE B 154 -4.93 23.96 -15.78
C ILE B 154 -3.81 22.92 -15.94
N PRO B 155 -2.69 23.22 -16.61
CA PRO B 155 -1.60 22.22 -16.63
C PRO B 155 -1.07 21.86 -15.25
N ILE B 156 -1.00 22.83 -14.34
CA ILE B 156 -0.54 22.54 -12.98
C ILE B 156 -1.51 21.60 -12.28
N PHE B 157 -2.82 21.83 -12.48
CA PHE B 157 -3.81 20.94 -11.91
C PHE B 157 -3.68 19.54 -12.50
N MET B 158 -3.44 19.43 -13.81
CA MET B 158 -3.22 18.11 -14.39
C MET B 158 -2.02 17.41 -13.79
N VAL B 159 -0.93 18.16 -13.58
CA VAL B 159 0.28 17.56 -13.01
C VAL B 159 -0.02 17.01 -11.63
N LEU B 160 -0.72 17.79 -10.81
CA LEU B 160 -1.08 17.34 -9.46
C LEU B 160 -1.94 16.09 -9.51
N ILE B 161 -2.94 16.07 -10.39
CA ILE B 161 -3.87 14.95 -10.45
C ILE B 161 -3.15 13.68 -10.93
N GLY B 162 -2.29 13.80 -11.94
CA GLY B 162 -1.54 12.64 -12.39
C GLY B 162 -0.62 12.10 -11.32
N LEU B 163 0.09 12.99 -10.62
CA LEU B 163 0.92 12.57 -9.51
C LEU B 163 0.11 11.84 -8.44
N LEU B 164 -1.13 12.25 -8.24
CA LEU B 164 -1.94 11.64 -7.18
C LEU B 164 -2.70 10.38 -7.62
N THR B 165 -2.82 10.13 -8.93
CA THR B 165 -3.54 8.94 -9.41
C THR B 165 -2.65 7.85 -9.97
N ALA B 166 -1.36 8.13 -10.19
CA ALA B 166 -0.46 7.11 -10.74
C ALA B 166 -0.45 5.84 -9.89
N GLU B 167 -0.45 5.99 -8.56
CA GLU B 167 -0.36 4.82 -7.69
C GLU B 167 -1.68 4.05 -7.64
N ARG B 168 -2.80 4.77 -7.62
CA ARG B 168 -4.10 4.11 -7.61
C ARG B 168 -4.32 3.28 -8.87
N SER B 169 -3.77 3.73 -10.01
CA SER B 169 -3.86 2.91 -11.21
C SER B 169 -3.23 1.54 -11.00
N ALA B 170 -2.01 1.50 -10.47
CA ALA B 170 -1.33 0.23 -10.25
C ALA B 170 -2.05 -0.62 -9.21
N ALA B 171 -2.59 0.03 -8.17
CA ALA B 171 -3.34 -0.72 -7.16
C ALA B 171 -4.56 -1.40 -7.79
N ALA B 172 -5.29 -0.69 -8.65
CA ALA B 172 -6.44 -1.29 -9.31
C ALA B 172 -6.02 -2.44 -10.22
N LEU B 173 -4.90 -2.27 -10.95
CA LEU B 173 -4.43 -3.35 -11.80
C LEU B 173 -4.10 -4.60 -11.01
N THR B 174 -3.41 -4.43 -9.88
CA THR B 174 -3.07 -5.58 -9.04
C THR B 174 -4.32 -6.26 -8.50
N ALA B 175 -5.30 -5.46 -8.07
CA ALA B 175 -6.55 -6.04 -7.59
C ALA B 175 -7.24 -6.85 -8.67
N MET B 176 -7.26 -6.33 -9.91
CA MET B 176 -7.88 -7.06 -11.01
C MET B 176 -7.18 -8.39 -11.28
N THR B 177 -5.85 -8.38 -11.31
CA THR B 177 -5.12 -9.63 -11.55
C THR B 177 -5.41 -10.64 -10.44
N THR B 178 -5.40 -10.19 -9.19
CA THR B 178 -5.67 -11.10 -8.07
C THR B 178 -7.07 -11.69 -8.17
N LEU B 179 -8.06 -10.85 -8.47
CA LEU B 179 -9.43 -11.34 -8.57
C LEU B 179 -9.58 -12.37 -9.67
N GLN B 180 -9.03 -12.08 -10.86
CA GLN B 180 -9.16 -13.01 -11.98
C GLN B 180 -8.48 -14.33 -11.67
N GLY B 181 -7.26 -14.28 -11.11
CA GLY B 181 -6.55 -15.51 -10.80
C GLY B 181 -7.26 -16.36 -9.77
N ARG B 182 -7.75 -15.72 -8.70
CA ARG B 182 -8.43 -16.49 -7.66
C ARG B 182 -9.75 -17.06 -8.16
N MET B 183 -10.47 -16.31 -8.99
CA MET B 183 -11.72 -16.83 -9.55
C MET B 183 -11.46 -18.04 -10.44
N LEU B 184 -10.43 -17.96 -11.29
CA LEU B 184 -10.09 -19.10 -12.15
C LEU B 184 -9.69 -20.31 -11.31
N ASP B 185 -8.88 -20.10 -10.27
CA ASP B 185 -8.47 -21.21 -9.42
C ASP B 185 -9.66 -21.84 -8.70
N LEU B 186 -10.58 -21.01 -8.21
CA LEU B 186 -11.75 -21.53 -7.52
C LEU B 186 -12.66 -22.31 -8.45
N ILE B 187 -12.82 -21.84 -9.69
CA ILE B 187 -13.63 -22.58 -10.65
C ILE B 187 -12.96 -23.89 -11.01
N ALA B 188 -11.63 -23.91 -11.08
CA ALA B 188 -10.92 -25.14 -11.40
C ALA B 188 -11.11 -26.21 -10.33
N GLY B 189 -11.40 -25.81 -9.09
CA GLY B 189 -11.51 -26.75 -8.00
C GLY B 189 -12.92 -27.00 -7.50
N ILE B 190 -13.92 -26.72 -8.34
CA ILE B 190 -15.31 -26.95 -7.95
C ILE B 190 -15.59 -28.42 -7.64
N PRO B 191 -15.16 -29.40 -8.45
CA PRO B 191 -15.44 -30.80 -8.09
C PRO B 191 -14.89 -31.21 -6.74
N THR B 192 -13.70 -30.72 -6.37
CA THR B 192 -13.12 -31.06 -5.08
C THR B 192 -13.97 -30.51 -3.94
N LEU B 193 -14.34 -29.23 -4.03
CA LEU B 193 -15.14 -28.60 -2.98
C LEU B 193 -16.51 -29.25 -2.87
N ARG B 194 -17.10 -29.64 -4.00
CA ARG B 194 -18.38 -30.32 -3.96
C ARG B 194 -18.25 -31.72 -3.37
N ALA B 195 -17.13 -32.41 -3.64
CA ALA B 195 -16.90 -33.72 -3.05
C ALA B 195 -16.77 -33.65 -1.54
N VAL B 196 -16.04 -32.65 -1.03
CA VAL B 196 -15.91 -32.50 0.42
C VAL B 196 -17.11 -31.80 1.03
N GLY B 197 -18.03 -31.30 0.22
CA GLY B 197 -19.24 -30.67 0.70
C GLY B 197 -19.13 -29.19 0.99
N ARG B 198 -17.94 -28.60 0.89
CA ARG B 198 -17.75 -27.17 1.17
C ARG B 198 -17.76 -26.36 -0.13
N ALA B 199 -18.87 -26.48 -0.86
CA ALA B 199 -19.02 -25.78 -2.13
C ALA B 199 -19.60 -24.38 -1.95
N GLY B 200 -20.52 -24.21 -1.00
CA GLY B 200 -21.13 -22.91 -0.77
C GLY B 200 -20.27 -21.93 -0.01
N GLY B 201 -19.14 -22.36 0.52
CA GLY B 201 -18.25 -21.46 1.23
C GLY B 201 -17.32 -20.65 0.35
N SER B 202 -17.17 -21.02 -0.92
CA SER B 202 -16.33 -20.27 -1.83
C SER B 202 -17.05 -19.08 -2.46
N VAL B 203 -18.38 -19.14 -2.53
CA VAL B 203 -19.16 -18.00 -3.02
C VAL B 203 -18.91 -16.79 -2.13
N GLN B 204 -18.72 -17.01 -0.83
CA GLN B 204 -18.50 -15.90 0.09
C GLN B 204 -17.19 -15.18 -0.21
N ARG B 205 -16.10 -15.94 -0.40
CA ARG B 205 -14.82 -15.29 -0.71
C ARG B 205 -14.84 -14.66 -2.10
N ILE B 206 -15.54 -15.27 -3.04
CA ILE B 206 -15.75 -14.60 -4.33
C ILE B 206 -16.44 -13.26 -4.14
N ALA B 207 -17.45 -13.22 -3.24
CA ALA B 207 -18.16 -11.98 -2.96
C ALA B 207 -17.23 -10.94 -2.33
N GLU B 208 -16.37 -11.37 -1.40
CA GLU B 208 -15.43 -10.41 -0.80
C GLU B 208 -14.49 -9.84 -1.84
N LEU B 209 -13.96 -10.69 -2.72
CA LEU B 209 -13.05 -10.19 -3.76
C LEU B 209 -13.76 -9.22 -4.68
N SER B 210 -14.99 -9.56 -5.09
CA SER B 210 -15.75 -8.68 -5.97
C SER B 210 -16.05 -7.34 -5.30
N ALA B 211 -16.40 -7.38 -4.00
CA ALA B 211 -16.68 -6.14 -3.28
C ALA B 211 -15.44 -5.27 -3.18
N SER B 212 -14.29 -5.89 -2.91
CA SER B 212 -13.02 -5.13 -2.85
C SER B 212 -12.78 -4.44 -4.20
N HIS B 213 -12.90 -5.21 -5.29
CA HIS B 213 -12.67 -4.66 -6.61
C HIS B 213 -13.62 -3.50 -6.90
N ARG B 214 -14.89 -3.66 -6.54
CA ARG B 214 -15.87 -2.60 -6.76
C ARG B 214 -15.52 -1.35 -5.96
N ARG B 215 -15.08 -1.52 -4.72
CA ARG B 215 -14.71 -0.37 -3.89
C ARG B 215 -13.53 0.38 -4.49
N SER B 216 -12.50 -0.34 -4.94
CA SER B 216 -11.36 0.31 -5.55
C SER B 216 -11.77 1.07 -6.81
N THR B 217 -12.59 0.44 -7.66
CA THR B 217 -13.03 1.11 -8.87
C THR B 217 -13.86 2.35 -8.56
N MET B 218 -14.73 2.26 -7.55
CA MET B 218 -15.55 3.40 -7.18
C MET B 218 -14.69 4.56 -6.68
N ALA B 219 -13.66 4.23 -5.91
CA ALA B 219 -12.74 5.28 -5.41
C ALA B 219 -12.12 6.01 -6.60
N THR B 220 -11.49 5.27 -7.51
CA THR B 220 -10.85 5.89 -8.70
C THR B 220 -11.87 6.74 -9.45
N LEU B 221 -13.03 6.15 -9.79
CA LEU B 221 -14.09 6.90 -10.51
C LEU B 221 -14.35 8.23 -9.78
N ARG B 222 -14.54 8.17 -8.47
CA ARG B 222 -14.83 9.39 -7.72
C ARG B 222 -13.74 10.43 -7.93
N ILE B 223 -12.47 10.00 -7.86
CA ILE B 223 -11.37 10.93 -8.06
C ILE B 223 -11.41 11.50 -9.48
N SER B 224 -11.65 10.64 -10.48
CA SER B 224 -11.68 11.10 -11.86
C SER B 224 -12.80 12.11 -12.10
N PHE B 225 -14.00 11.84 -11.58
CA PHE B 225 -15.12 12.74 -11.81
C PHE B 225 -14.95 14.05 -11.06
N LEU B 226 -14.35 14.01 -9.86
CA LEU B 226 -14.05 15.26 -9.15
C LEU B 226 -13.06 16.10 -9.94
N SER B 227 -12.03 15.46 -10.51
CA SER B 227 -11.06 16.19 -11.33
C SER B 227 -11.73 16.82 -12.55
N ALA B 228 -12.63 16.07 -13.20
CA ALA B 228 -13.34 16.61 -14.35
C ALA B 228 -14.19 17.82 -13.96
N LEU B 229 -14.87 17.74 -12.81
CA LEU B 229 -15.66 18.88 -12.35
C LEU B 229 -14.79 20.10 -12.08
N VAL B 230 -13.64 19.89 -11.45
CA VAL B 230 -12.74 21.01 -11.17
C VAL B 230 -12.25 21.65 -12.47
N LEU B 231 -11.90 20.83 -13.47
CA LEU B 231 -11.45 21.37 -14.74
C LEU B 231 -12.55 22.15 -15.44
N GLU B 232 -13.79 21.64 -15.39
CA GLU B 232 -14.90 22.36 -15.98
C GLU B 232 -15.10 23.71 -15.31
N LEU B 233 -15.04 23.75 -13.98
CA LEU B 233 -15.18 25.02 -13.28
C LEU B 233 -14.06 25.99 -13.63
N LEU B 234 -12.83 25.49 -13.72
CA LEU B 234 -11.70 26.33 -14.09
C LEU B 234 -11.92 26.97 -15.45
N ALA B 235 -12.27 26.16 -16.45
CA ALA B 235 -12.46 26.67 -17.81
C ALA B 235 -13.63 27.65 -17.86
N THR B 236 -14.72 27.34 -17.16
CA THR B 236 -15.88 28.22 -17.18
C THR B 236 -15.57 29.57 -16.55
N LEU B 237 -14.83 29.58 -15.44
CA LEU B 237 -14.44 30.85 -14.82
C LEU B 237 -13.51 31.64 -15.73
N GLY B 238 -12.56 30.94 -16.37
CA GLY B 238 -11.66 31.63 -17.30
C GLY B 238 -12.40 32.26 -18.46
N VAL B 239 -13.44 31.59 -18.96
CA VAL B 239 -14.25 32.16 -20.03
C VAL B 239 -15.06 33.35 -19.53
N ALA B 240 -15.69 33.20 -18.34
CA ALA B 240 -16.56 34.25 -17.82
C ALA B 240 -15.80 35.52 -17.52
N LEU B 241 -14.52 35.38 -17.14
CA LEU B 241 -13.65 36.54 -16.85
C LEU B 241 -13.57 37.44 -18.08
N VAL B 242 -13.19 36.88 -19.23
CA VAL B 242 -13.09 37.65 -20.47
C VAL B 242 -14.46 38.06 -20.97
N ALA B 243 -15.50 37.27 -20.67
CA ALA B 243 -16.85 37.68 -21.04
C ALA B 243 -17.23 38.98 -20.34
N VAL B 244 -16.96 39.04 -19.03
CA VAL B 244 -17.22 40.28 -18.25
C VAL B 244 -16.41 41.42 -18.88
N SER B 245 -15.12 41.20 -19.13
CA SER B 245 -14.27 42.27 -19.65
C SER B 245 -14.83 42.84 -20.94
N VAL B 246 -15.13 41.97 -21.91
CA VAL B 246 -15.60 42.45 -23.20
C VAL B 246 -16.99 43.07 -23.09
N GLY B 247 -17.85 42.49 -22.24
CA GLY B 247 -19.17 43.08 -22.06
C GLY B 247 -19.11 44.49 -21.50
N LEU B 248 -18.24 44.71 -20.50
CA LEU B 248 -18.07 46.07 -19.98
C LEU B 248 -17.49 46.99 -21.04
N ARG B 249 -16.50 46.52 -21.80
CA ARG B 249 -15.91 47.39 -22.81
C ARG B 249 -16.85 47.63 -23.99
N LEU B 250 -17.89 46.82 -24.14
CA LEU B 250 -18.87 46.98 -25.20
C LEU B 250 -20.05 47.84 -24.79
N VAL B 251 -20.46 47.79 -23.52
CA VAL B 251 -21.58 48.60 -23.07
C VAL B 251 -21.27 50.08 -23.22
N PHE B 252 -20.06 50.49 -22.86
CA PHE B 252 -19.66 51.88 -22.96
C PHE B 252 -19.18 52.27 -24.35
N GLY B 253 -19.12 51.33 -25.29
CA GLY B 253 -18.83 51.66 -26.66
C GLY B 253 -17.37 51.80 -27.03
N ASP B 254 -16.46 51.21 -26.24
CA ASP B 254 -15.04 51.34 -26.54
C ASP B 254 -14.60 50.48 -27.72
N MET B 255 -15.27 49.36 -27.95
CA MET B 255 -14.85 48.38 -28.95
C MET B 255 -15.95 48.15 -29.99
N THR B 256 -15.55 47.60 -31.12
CA THR B 256 -16.49 47.23 -32.16
C THR B 256 -17.29 46.00 -31.74
N LEU B 257 -18.46 45.85 -32.35
CA LEU B 257 -19.39 44.79 -31.94
C LEU B 257 -18.91 43.43 -32.44
N ALA B 258 -18.45 43.37 -33.69
CA ALA B 258 -18.02 42.11 -34.28
C ALA B 258 -16.81 41.54 -33.56
N ALA B 259 -15.86 42.39 -33.16
CA ALA B 259 -14.71 41.92 -32.40
C ALA B 259 -15.14 41.35 -31.07
N GLY B 260 -16.15 41.95 -30.43
CA GLY B 260 -16.65 41.41 -29.17
C GLY B 260 -17.25 40.03 -29.33
N LEU B 261 -18.09 39.86 -30.36
CA LEU B 261 -18.63 38.52 -30.61
C LEU B 261 -17.54 37.52 -30.96
N THR B 262 -16.54 37.94 -31.74
CA THR B 262 -15.46 37.04 -32.08
C THR B 262 -14.70 36.59 -30.84
N ALA B 263 -14.40 37.52 -29.93
CA ALA B 263 -13.70 37.16 -28.70
C ALA B 263 -14.54 36.23 -27.83
N LEU B 264 -15.83 36.54 -27.68
CA LEU B 264 -16.69 35.69 -26.87
C LEU B 264 -16.81 34.29 -27.45
N LEU B 265 -16.87 34.16 -28.77
CA LEU B 265 -17.00 32.85 -29.37
C LEU B 265 -15.68 32.08 -29.36
N LEU B 266 -14.55 32.77 -29.47
CA LEU B 266 -13.26 32.09 -29.49
C LEU B 266 -12.71 31.82 -28.09
N ALA B 267 -13.29 32.42 -27.05
CA ALA B 267 -12.82 32.12 -25.69
C ALA B 267 -13.02 30.66 -25.29
N PRO B 268 -14.19 30.04 -25.46
CA PRO B 268 -14.31 28.63 -25.07
C PRO B 268 -13.44 27.68 -25.87
N GLU B 269 -13.04 28.05 -27.08
CA GLU B 269 -12.17 27.20 -27.88
C GLU B 269 -10.76 27.12 -27.30
N VAL B 270 -10.35 28.10 -26.50
CA VAL B 270 -9.04 28.03 -25.86
C VAL B 270 -9.03 26.95 -24.79
N PHE B 271 -10.16 26.79 -24.08
CA PHE B 271 -10.20 25.94 -22.90
C PHE B 271 -10.81 24.57 -23.14
N TRP B 272 -11.59 24.39 -24.21
CA TRP B 272 -12.19 23.08 -24.46
C TRP B 272 -11.17 21.96 -24.67
N PRO B 273 -10.13 22.12 -25.50
CA PRO B 273 -9.18 21.01 -25.66
C PRO B 273 -8.48 20.62 -24.38
N LEU B 274 -8.22 21.55 -23.48
CA LEU B 274 -7.61 21.20 -22.20
C LEU B 274 -8.55 20.34 -21.37
N ARG B 275 -9.84 20.65 -21.37
CA ARG B 275 -10.81 19.80 -20.69
C ARG B 275 -10.85 18.41 -21.31
N ARG B 276 -10.80 18.33 -22.65
CA ARG B 276 -10.80 17.04 -23.30
C ARG B 276 -9.56 16.22 -22.93
N VAL B 277 -8.40 16.87 -22.88
CA VAL B 277 -7.17 16.18 -22.47
C VAL B 277 -7.28 15.69 -21.04
N GLY B 278 -7.82 16.53 -20.14
CA GLY B 278 -7.99 16.11 -18.76
C GLY B 278 -8.94 14.94 -18.62
N ALA B 279 -9.97 14.90 -19.45
CA ALA B 279 -10.90 13.77 -19.41
C ALA B 279 -10.26 12.50 -19.96
N ALA B 280 -9.44 12.64 -21.01
CA ALA B 280 -8.85 11.47 -21.65
C ALA B 280 -7.70 10.88 -20.84
N PHE B 281 -7.02 11.70 -20.03
CA PHE B 281 -5.89 11.21 -19.25
C PHE B 281 -6.31 10.11 -18.29
N HIS B 282 -7.43 10.30 -17.59
CA HIS B 282 -7.90 9.29 -16.64
C HIS B 282 -8.28 8.00 -17.35
N ALA B 283 -8.91 8.11 -18.52
CA ALA B 283 -9.24 6.91 -19.29
C ALA B 283 -7.98 6.17 -19.73
N ALA B 284 -6.95 6.91 -20.15
CA ALA B 284 -5.74 6.28 -20.65
C ALA B 284 -4.82 5.77 -19.55
N GLN B 285 -5.03 6.18 -18.30
CA GLN B 285 -4.12 5.78 -17.22
C GLN B 285 -4.11 4.27 -17.01
N ASP B 286 -5.27 3.62 -17.10
CA ASP B 286 -5.33 2.17 -16.89
C ASP B 286 -4.55 1.43 -17.97
N GLY B 287 -4.72 1.85 -19.23
CA GLY B 287 -3.92 1.25 -20.30
C GLY B 287 -2.44 1.53 -20.12
N LYS B 288 -2.10 2.72 -19.63
CA LYS B 288 -0.69 3.06 -19.39
C LYS B 288 -0.07 2.12 -18.37
N THR B 289 -0.75 1.90 -17.25
CA THR B 289 -0.17 1.04 -16.22
C THR B 289 -0.17 -0.43 -16.66
N ALA B 290 -1.19 -0.86 -17.40
CA ALA B 290 -1.17 -2.22 -17.93
C ALA B 290 -0.01 -2.42 -18.89
N ALA B 291 0.27 -1.43 -19.76
CA ALA B 291 1.40 -1.53 -20.66
C ALA B 291 2.72 -1.53 -19.91
N GLU B 292 2.82 -0.71 -18.86
CA GLU B 292 4.05 -0.71 -18.06
C GLU B 292 4.28 -2.07 -17.42
N GLN B 293 3.23 -2.68 -16.89
CA GLN B 293 3.35 -4.03 -16.33
C GLN B 293 3.72 -5.04 -17.42
N ALA B 294 3.18 -4.88 -18.63
CA ALA B 294 3.49 -5.80 -19.71
C ALA B 294 4.97 -5.73 -20.08
N LEU B 295 5.51 -4.52 -20.23
CA LEU B 295 6.94 -4.39 -20.50
C LEU B 295 7.78 -4.88 -19.33
N ARG B 296 7.31 -4.70 -18.10
CA ARG B 296 8.04 -5.23 -16.95
C ARG B 296 8.11 -6.75 -17.01
N LEU B 297 7.00 -7.40 -17.36
CA LEU B 297 7.01 -8.86 -17.51
C LEU B 297 7.90 -9.29 -18.65
N CYS B 298 7.85 -8.59 -19.78
CA CYS B 298 8.61 -8.99 -20.96
C CYS B 298 10.10 -8.75 -20.79
N ALA B 299 10.49 -7.69 -20.07
CA ALA B 299 11.89 -7.32 -19.91
C ALA B 299 12.53 -8.25 -18.89
N GLU B 300 12.98 -9.42 -19.37
CA GLU B 300 13.66 -10.39 -18.53
C GLU B 300 14.58 -11.22 -19.42
N PRO B 301 15.85 -11.37 -19.07
CA PRO B 301 16.77 -12.12 -19.93
C PRO B 301 16.61 -13.62 -19.76
N HIS B 302 16.61 -14.32 -20.89
CA HIS B 302 16.57 -15.78 -20.88
C HIS B 302 17.96 -16.35 -21.14
N PRO B 303 18.28 -17.49 -20.54
CA PRO B 303 19.58 -18.11 -20.77
C PRO B 303 19.79 -18.42 -22.25
N PRO B 304 20.97 -18.15 -22.79
CA PRO B 304 21.21 -18.41 -24.20
C PRO B 304 21.49 -19.88 -24.47
N THR B 305 21.21 -20.28 -25.71
CA THR B 305 21.46 -21.65 -26.17
C THR B 305 22.22 -21.61 -27.48
N GLY B 306 23.08 -22.60 -27.68
CA GLY B 306 23.94 -22.65 -28.85
C GLY B 306 23.23 -23.23 -30.07
N HIS B 307 24.03 -23.51 -31.09
CA HIS B 307 23.54 -24.04 -32.35
C HIS B 307 24.06 -25.45 -32.62
N GLU B 308 24.59 -26.13 -31.59
CA GLU B 308 25.11 -27.47 -31.77
C GLU B 308 23.97 -28.45 -32.08
N VAL B 309 24.24 -29.39 -32.98
CA VAL B 309 23.27 -30.38 -33.41
C VAL B 309 23.86 -31.77 -33.19
N VAL B 310 23.09 -32.64 -32.55
CA VAL B 310 23.52 -34.01 -32.29
C VAL B 310 23.61 -34.77 -33.61
N PRO B 311 24.50 -35.74 -33.74
CA PRO B 311 24.60 -36.50 -34.99
C PRO B 311 23.36 -37.38 -35.21
N ALA B 312 23.28 -37.92 -36.43
CA ALA B 312 22.14 -38.75 -36.80
C ALA B 312 22.14 -40.05 -36.02
N GLY B 313 20.93 -40.56 -35.77
CA GLY B 313 20.76 -41.78 -35.01
C GLY B 313 20.48 -41.51 -33.54
N ALA B 314 20.22 -42.60 -32.83
CA ALA B 314 19.93 -42.51 -31.40
C ALA B 314 21.20 -42.14 -30.64
N PRO B 315 21.22 -41.05 -29.89
CA PRO B 315 22.45 -40.61 -29.23
C PRO B 315 22.68 -41.35 -27.91
N VAL B 316 23.74 -40.94 -27.20
CA VAL B 316 24.09 -41.48 -25.91
C VAL B 316 23.98 -40.37 -24.89
N ILE B 317 23.24 -40.60 -23.81
CA ILE B 317 23.02 -39.61 -22.76
C ILE B 317 23.78 -40.08 -21.53
N GLU B 318 24.65 -39.22 -21.01
CA GLU B 318 25.47 -39.52 -19.84
C GLU B 318 25.26 -38.46 -18.78
N VAL B 319 25.05 -38.90 -17.54
CA VAL B 319 24.98 -38.00 -16.38
C VAL B 319 26.06 -38.43 -15.40
N PRO B 320 27.26 -37.84 -15.48
CA PRO B 320 28.37 -38.31 -14.62
C PRO B 320 28.11 -38.16 -13.14
N ALA B 321 27.20 -37.28 -12.72
CA ALA B 321 26.95 -37.10 -11.30
C ALA B 321 26.40 -38.37 -10.66
N LEU B 322 25.50 -39.06 -11.35
CA LEU B 322 24.93 -40.32 -10.87
C LEU B 322 25.56 -41.53 -11.53
N LYS B 323 26.65 -41.33 -12.30
CA LYS B 323 27.32 -42.42 -13.01
C LYS B 323 26.34 -43.20 -13.89
N ALA B 324 25.44 -42.47 -14.54
CA ALA B 324 24.38 -43.05 -15.36
C ALA B 324 24.70 -42.83 -16.83
N VAL B 325 24.64 -43.90 -17.62
CA VAL B 325 24.83 -43.84 -19.06
C VAL B 325 23.65 -44.54 -19.71
N MET B 326 22.86 -43.80 -20.49
CA MET B 326 21.69 -44.35 -21.16
C MET B 326 22.08 -44.64 -22.61
N GLU B 327 22.33 -45.91 -22.90
CA GLU B 327 22.77 -46.32 -24.23
C GLU B 327 21.57 -46.49 -25.16
N PRO B 328 21.78 -46.30 -26.46
CA PRO B 328 20.69 -46.54 -27.42
C PRO B 328 20.33 -48.01 -27.51
N GLY B 329 19.05 -48.27 -27.78
CA GLY B 329 18.56 -49.62 -27.90
C GLY B 329 18.27 -50.30 -26.58
N ARG B 330 18.46 -49.62 -25.45
CA ARG B 330 18.24 -50.20 -24.14
C ARG B 330 17.32 -49.29 -23.33
N VAL B 331 16.58 -49.92 -22.41
CA VAL B 331 15.68 -49.19 -21.52
C VAL B 331 16.42 -48.90 -20.22
N THR B 332 16.44 -47.62 -19.84
CA THR B 332 17.04 -47.19 -18.58
C THR B 332 15.94 -46.68 -17.67
N VAL B 333 15.86 -47.23 -16.46
CA VAL B 333 14.82 -46.87 -15.51
C VAL B 333 15.44 -46.02 -14.41
N LEU B 334 14.85 -44.86 -14.18
CA LEU B 334 15.28 -43.94 -13.13
C LEU B 334 14.36 -44.12 -11.92
N THR B 335 14.94 -44.47 -10.78
CA THR B 335 14.15 -44.69 -9.57
C THR B 335 14.80 -43.97 -8.39
N GLY B 336 13.98 -43.65 -7.39
CA GLY B 336 14.43 -42.97 -6.21
C GLY B 336 13.27 -42.58 -5.31
N PRO B 337 13.56 -41.97 -4.17
CA PRO B 337 12.49 -41.52 -3.28
C PRO B 337 11.65 -40.41 -3.91
N ASN B 338 10.55 -40.09 -3.24
CA ASN B 338 9.57 -39.13 -3.75
C ASN B 338 10.08 -37.72 -3.53
N GLY B 339 10.81 -37.20 -4.52
CA GLY B 339 11.21 -35.82 -4.47
C GLY B 339 12.66 -35.56 -4.87
N VAL B 340 13.39 -36.60 -5.25
CA VAL B 340 14.80 -36.44 -5.62
C VAL B 340 14.84 -36.21 -7.13
N GLY B 341 14.52 -34.98 -7.53
CA GLY B 341 14.79 -34.44 -8.85
C GLY B 341 14.71 -35.37 -10.05
N LYS B 342 13.74 -36.28 -10.08
CA LYS B 342 13.65 -37.20 -11.21
C LYS B 342 12.98 -36.55 -12.42
N SER B 343 11.78 -36.00 -12.20
CA SER B 343 11.14 -35.22 -13.26
C SER B 343 11.98 -34.00 -13.60
N THR B 344 12.64 -33.41 -12.60
CA THR B 344 13.57 -32.31 -12.87
C THR B 344 14.74 -32.77 -13.72
N LEU B 345 15.23 -33.99 -13.48
CA LEU B 345 16.29 -34.54 -14.32
C LEU B 345 15.81 -34.73 -15.76
N LEU B 346 14.59 -35.22 -15.93
CA LEU B 346 14.03 -35.35 -17.28
C LEU B 346 13.93 -34.00 -17.97
N GLN B 347 13.40 -32.99 -17.26
CA GLN B 347 13.26 -31.67 -17.84
C GLN B 347 14.60 -31.00 -18.10
N ALA B 348 15.64 -31.37 -17.36
CA ALA B 348 16.98 -30.88 -17.64
C ALA B 348 17.59 -31.56 -18.86
N ILE B 349 17.29 -32.85 -19.04
CA ILE B 349 17.71 -33.54 -20.26
C ILE B 349 17.03 -32.90 -21.47
N LEU B 350 15.75 -32.53 -21.33
CA LEU B 350 15.08 -31.82 -22.40
C LEU B 350 15.73 -30.47 -22.68
N GLY B 351 16.17 -29.78 -21.64
CA GLY B 351 16.70 -28.45 -21.76
C GLY B 351 15.80 -27.34 -21.25
N LEU B 352 14.70 -27.68 -20.58
CA LEU B 352 13.79 -26.66 -20.08
C LEU B 352 14.34 -25.94 -18.85
N GLN B 353 15.20 -26.60 -18.07
CA GLN B 353 15.78 -25.98 -16.90
C GLN B 353 17.17 -26.56 -16.68
N GLU B 354 17.80 -26.14 -15.58
CA GLU B 354 19.17 -26.56 -15.28
C GLU B 354 19.18 -27.92 -14.61
N SER B 355 20.31 -28.60 -14.72
CA SER B 355 20.43 -29.97 -14.24
C SER B 355 20.56 -30.00 -12.72
N PRO B 356 19.73 -30.80 -12.03
CA PRO B 356 19.88 -30.90 -10.57
C PRO B 356 21.21 -31.51 -10.14
N CYS B 357 21.77 -32.42 -10.93
CA CYS B 357 22.97 -33.16 -10.54
C CYS B 357 24.00 -33.07 -11.66
N GLY B 358 24.93 -32.11 -11.54
CA GLY B 358 26.06 -32.01 -12.42
C GLY B 358 25.66 -31.64 -13.84
N PRO B 359 26.55 -31.90 -14.79
CA PRO B 359 26.24 -31.64 -16.20
C PRO B 359 25.67 -32.86 -16.91
N ILE B 360 24.90 -32.58 -17.95
CA ILE B 360 24.29 -33.61 -18.80
C ILE B 360 24.92 -33.51 -20.17
N LEU B 361 25.39 -34.65 -20.70
CA LEU B 361 26.03 -34.71 -22.00
C LEU B 361 25.23 -35.64 -22.91
N VAL B 362 24.86 -35.13 -24.09
CA VAL B 362 24.15 -35.91 -25.09
C VAL B 362 25.09 -36.09 -26.27
N ALA B 363 25.54 -37.32 -26.49
CA ALA B 363 26.49 -37.64 -27.56
C ALA B 363 27.73 -36.76 -27.48
N GLY B 364 28.22 -36.53 -26.26
CA GLY B 364 29.40 -35.73 -26.05
C GLY B 364 29.12 -34.26 -25.81
N VAL B 365 28.42 -33.65 -26.77
CA VAL B 365 28.10 -32.20 -26.67
C VAL B 365 27.14 -31.98 -25.49
N GLU B 366 27.39 -30.94 -24.70
CA GLU B 366 26.56 -30.64 -23.56
C GLU B 366 25.16 -30.23 -24.00
N VAL B 367 24.19 -30.44 -23.09
CA VAL B 367 22.80 -30.06 -23.39
C VAL B 367 22.66 -28.56 -23.47
N GLY B 368 23.36 -27.82 -22.62
CA GLY B 368 23.24 -26.37 -22.60
C GLY B 368 23.65 -25.69 -23.88
N ALA B 369 24.50 -26.34 -24.69
CA ALA B 369 24.93 -25.79 -25.97
C ALA B 369 24.14 -26.35 -27.15
N LEU B 370 23.17 -27.21 -26.90
CA LEU B 370 22.41 -27.83 -27.98
C LEU B 370 21.36 -26.86 -28.53
N ASP B 371 21.10 -26.99 -29.83
CA ASP B 371 20.02 -26.23 -30.46
C ASP B 371 18.68 -26.83 -30.02
N ARG B 372 17.95 -26.09 -29.19
CA ARG B 372 16.76 -26.64 -28.56
C ARG B 372 15.69 -27.01 -29.58
N SER B 373 15.50 -26.14 -30.57
CA SER B 373 14.47 -26.39 -31.61
C SER B 373 14.71 -27.76 -32.25
N ALA B 374 15.93 -27.99 -32.74
CA ALA B 374 16.25 -29.24 -33.43
C ALA B 374 16.35 -30.41 -32.45
N TRP B 375 16.82 -30.15 -31.23
CA TRP B 375 16.93 -31.22 -30.24
C TRP B 375 15.57 -31.77 -29.86
N TRP B 376 14.58 -30.90 -29.71
CA TRP B 376 13.24 -31.33 -29.34
C TRP B 376 12.55 -32.10 -30.47
N GLY B 377 13.06 -32.01 -31.69
CA GLY B 377 12.50 -32.79 -32.78
C GLY B 377 12.88 -34.25 -32.78
N ARG B 378 13.85 -34.64 -31.95
CA ARG B 378 14.28 -36.02 -31.80
C ARG B 378 13.81 -36.63 -30.48
N LEU B 379 12.92 -35.96 -29.76
CA LEU B 379 12.46 -36.40 -28.46
C LEU B 379 10.96 -36.64 -28.46
N ALA B 380 10.53 -37.56 -27.60
CA ALA B 380 9.12 -37.77 -27.29
C ALA B 380 9.00 -37.82 -25.78
N TRP B 381 8.33 -36.82 -25.20
CA TRP B 381 8.28 -36.64 -23.76
C TRP B 381 6.86 -36.83 -23.27
N MET B 382 6.70 -37.65 -22.23
CA MET B 382 5.41 -37.90 -21.60
C MET B 382 5.48 -37.48 -20.14
N PRO B 383 4.92 -36.33 -19.77
CA PRO B 383 5.00 -35.89 -18.38
C PRO B 383 4.07 -36.66 -17.46
N HIS B 384 3.96 -36.23 -16.20
CA HIS B 384 3.11 -36.92 -15.24
C HIS B 384 1.64 -36.87 -15.65
N ARG B 385 1.15 -35.67 -15.96
CA ARG B 385 -0.23 -35.50 -16.41
C ARG B 385 -0.24 -34.99 -17.85
N PRO B 386 -0.57 -35.82 -18.83
CA PRO B 386 -0.62 -35.35 -20.21
C PRO B 386 -1.69 -34.28 -20.39
N VAL B 387 -1.42 -33.36 -21.32
CA VAL B 387 -2.35 -32.27 -21.59
C VAL B 387 -3.59 -32.82 -22.25
N LEU B 388 -4.76 -32.47 -21.71
CA LEU B 388 -6.05 -32.88 -22.28
C LEU B 388 -6.98 -31.68 -22.19
N VAL B 389 -7.09 -30.93 -23.29
CA VAL B 389 -7.91 -29.73 -23.36
C VAL B 389 -9.35 -30.11 -23.65
N PRO B 390 -10.32 -29.25 -23.37
CA PRO B 390 -11.71 -29.55 -23.76
C PRO B 390 -11.83 -29.71 -25.27
N GLY B 391 -12.71 -30.62 -25.67
CA GLY B 391 -12.89 -30.94 -27.07
C GLY B 391 -13.22 -32.42 -27.22
N THR B 392 -12.94 -32.93 -28.41
CA THR B 392 -13.19 -34.34 -28.69
C THR B 392 -11.94 -35.16 -28.44
N VAL B 393 -12.09 -36.49 -28.52
CA VAL B 393 -10.95 -37.37 -28.38
C VAL B 393 -10.01 -37.21 -29.57
N ARG B 394 -10.57 -37.05 -30.77
CA ARG B 394 -9.74 -36.86 -31.96
C ARG B 394 -8.94 -35.57 -31.89
N GLU B 395 -9.55 -34.49 -31.38
CA GLU B 395 -8.83 -33.24 -31.24
C GLU B 395 -7.71 -33.34 -30.21
N ASN B 396 -7.94 -34.10 -29.15
CA ASN B 396 -6.90 -34.28 -28.12
C ASN B 396 -5.78 -35.18 -28.61
N LEU B 397 -6.08 -36.15 -29.47
CA LEU B 397 -5.04 -37.01 -30.04
C LEU B 397 -4.12 -36.24 -30.98
N GLU B 398 -4.60 -35.15 -31.57
CA GLU B 398 -3.81 -34.33 -32.48
C GLU B 398 -3.32 -33.04 -31.81
N LEU B 399 -3.39 -32.96 -30.49
CA LEU B 399 -2.98 -31.73 -29.79
C LEU B 399 -1.49 -31.46 -29.98
N LEU B 400 -0.66 -32.46 -29.73
CA LEU B 400 0.79 -32.31 -29.85
C LEU B 400 1.28 -32.84 -31.20
N GLY B 401 0.73 -32.25 -32.26
CA GLY B 401 1.10 -32.62 -33.61
C GLY B 401 0.39 -33.87 -34.09
N PRO B 402 0.69 -34.28 -35.32
CA PRO B 402 0.04 -35.47 -35.88
C PRO B 402 0.73 -36.76 -35.47
N VAL B 403 -0.04 -37.84 -35.48
CA VAL B 403 0.43 -39.17 -35.13
C VAL B 403 0.47 -40.01 -36.41
N PRO B 404 1.64 -40.35 -36.93
CA PRO B 404 1.71 -41.17 -38.15
C PRO B 404 1.57 -42.65 -37.86
N GLY B 405 0.33 -43.17 -37.90
CA GLY B 405 0.11 -44.56 -37.57
C GLY B 405 -0.81 -44.74 -36.38
N LEU B 406 -1.78 -43.83 -36.24
CA LEU B 406 -2.64 -43.79 -35.05
C LEU B 406 -3.26 -45.15 -34.74
N ASP B 407 -3.68 -45.88 -35.77
CA ASP B 407 -4.35 -47.17 -35.54
C ASP B 407 -3.40 -48.18 -34.92
N GLU B 408 -2.18 -48.28 -35.47
CA GLU B 408 -1.22 -49.26 -34.94
C GLU B 408 -0.80 -48.91 -33.52
N VAL B 409 -0.57 -47.62 -33.24
CA VAL B 409 -0.19 -47.21 -31.90
C VAL B 409 -1.32 -47.47 -30.90
N CYS B 410 -2.55 -47.20 -31.32
CA CYS B 410 -3.70 -47.48 -30.46
C CYS B 410 -3.81 -48.98 -30.17
N ARG B 411 -3.59 -49.81 -31.19
CA ARG B 411 -3.63 -51.26 -30.98
C ARG B 411 -2.52 -51.72 -30.04
N SER B 412 -1.32 -51.16 -30.18
CA SER B 412 -0.21 -51.61 -29.35
C SER B 412 -0.37 -51.17 -27.90
N VAL B 413 -0.72 -49.90 -27.68
CA VAL B 413 -0.88 -49.39 -26.33
C VAL B 413 -2.11 -49.98 -25.66
N GLY B 414 -3.19 -50.17 -26.41
CA GLY B 414 -4.44 -50.60 -25.84
C GLY B 414 -5.56 -49.57 -25.89
N PHE B 415 -5.37 -48.49 -26.64
CA PHE B 415 -6.39 -47.45 -26.77
C PHE B 415 -7.50 -47.83 -27.73
N ASP B 416 -7.31 -48.87 -28.55
CA ASP B 416 -8.37 -49.32 -29.45
C ASP B 416 -9.56 -49.86 -28.69
N GLU B 417 -9.33 -50.51 -27.55
CA GLU B 417 -10.42 -50.99 -26.71
C GLU B 417 -11.10 -49.85 -25.95
N VAL B 418 -10.52 -48.66 -25.94
CA VAL B 418 -11.17 -47.49 -25.36
C VAL B 418 -12.08 -46.81 -26.37
N LEU B 419 -11.59 -46.62 -27.60
CA LEU B 419 -12.42 -46.03 -28.64
C LEU B 419 -13.62 -46.90 -28.98
N GLY B 420 -13.46 -48.22 -28.90
CA GLY B 420 -14.57 -49.11 -29.21
C GLY B 420 -15.72 -48.98 -28.23
N GLU B 421 -15.41 -48.85 -26.94
CA GLU B 421 -16.45 -48.77 -25.92
C GLU B 421 -17.13 -47.42 -25.87
N LEU B 422 -16.53 -46.39 -26.44
CA LEU B 422 -17.18 -45.08 -26.51
C LEU B 422 -18.27 -45.11 -27.57
N PRO B 423 -19.49 -44.69 -27.24
CA PRO B 423 -20.59 -44.76 -28.23
C PRO B 423 -20.33 -43.97 -29.49
N ASP B 424 -19.65 -42.82 -29.40
CA ASP B 424 -19.40 -41.96 -30.55
C ASP B 424 -18.02 -42.16 -31.15
N GLY B 425 -17.28 -43.17 -30.71
CA GLY B 425 -15.94 -43.37 -31.24
C GLY B 425 -15.00 -42.26 -30.81
N SER B 426 -14.10 -41.88 -31.72
CA SER B 426 -13.14 -40.82 -31.44
C SER B 426 -13.75 -39.45 -31.69
N GLU B 427 -14.98 -39.26 -31.21
CA GLU B 427 -15.66 -37.97 -31.35
C GLU B 427 -16.40 -37.56 -30.08
N THR B 428 -16.27 -38.32 -29.00
CA THR B 428 -16.96 -37.97 -27.76
C THR B 428 -16.39 -36.69 -27.18
N PRO B 429 -17.23 -35.73 -26.78
CA PRO B 429 -16.71 -34.52 -26.15
C PRO B 429 -16.03 -34.82 -24.82
N LEU B 430 -15.01 -34.03 -24.51
CA LEU B 430 -14.26 -34.17 -23.27
C LEU B 430 -14.27 -32.85 -22.53
N GLY B 431 -14.26 -32.93 -21.20
CA GLY B 431 -14.21 -31.76 -20.35
C GLY B 431 -12.80 -31.27 -20.14
N ARG B 432 -12.66 -30.37 -19.17
CA ARG B 432 -11.36 -29.79 -18.86
C ARG B 432 -10.49 -30.81 -18.12
N GLY B 433 -9.29 -31.04 -18.65
CA GLY B 433 -8.38 -31.98 -18.03
C GLY B 433 -8.66 -33.43 -18.32
N GLY B 434 -9.58 -33.74 -19.23
CA GLY B 434 -9.91 -35.10 -19.57
C GLY B 434 -11.21 -35.61 -19.01
N VAL B 435 -12.06 -34.75 -18.46
CA VAL B 435 -13.35 -35.20 -17.93
C VAL B 435 -14.16 -35.83 -19.05
N GLY B 436 -14.78 -36.97 -18.75
CA GLY B 436 -15.37 -37.82 -19.75
C GLY B 436 -14.58 -39.07 -20.06
N LEU B 437 -13.33 -39.12 -19.60
CA LEU B 437 -12.49 -40.30 -19.71
C LEU B 437 -11.95 -40.63 -18.33
N SER B 438 -11.68 -41.90 -18.09
CA SER B 438 -11.10 -42.32 -16.83
C SER B 438 -9.59 -42.08 -16.84
N LEU B 439 -8.97 -42.25 -15.67
CA LEU B 439 -7.55 -41.94 -15.54
C LEU B 439 -6.69 -42.90 -16.35
N GLY B 440 -7.04 -44.18 -16.38
CA GLY B 440 -6.32 -45.12 -17.22
C GLY B 440 -6.47 -44.80 -18.69
N GLN B 441 -7.67 -44.36 -19.10
CA GLN B 441 -7.89 -44.01 -20.49
C GLN B 441 -7.17 -42.71 -20.86
N ARG B 442 -7.13 -41.75 -19.94
CA ARG B 442 -6.32 -40.54 -20.17
C ARG B 442 -4.85 -40.89 -20.31
N GLN B 443 -4.36 -41.80 -19.45
CA GLN B 443 -2.97 -42.23 -19.54
C GLN B 443 -2.70 -42.92 -20.87
N ARG B 444 -3.63 -43.74 -21.34
CA ARG B 444 -3.44 -44.41 -22.63
C ARG B 444 -3.50 -43.43 -23.79
N LEU B 445 -4.32 -42.39 -23.69
CA LEU B 445 -4.31 -41.34 -24.72
C LEU B 445 -2.96 -40.64 -24.76
N GLY B 446 -2.43 -40.29 -23.59
CA GLY B 446 -1.10 -39.70 -23.55
C GLY B 446 -0.03 -40.62 -24.09
N LEU B 447 -0.14 -41.92 -23.79
CA LEU B 447 0.84 -42.88 -24.28
C LEU B 447 0.74 -43.05 -25.79
N VAL B 448 -0.47 -42.97 -26.34
CA VAL B 448 -0.62 -43.00 -27.80
C VAL B 448 0.03 -41.78 -28.42
N ARG B 449 -0.17 -40.61 -27.81
CA ARG B 449 0.44 -39.40 -28.33
C ARG B 449 1.97 -39.47 -28.28
N ALA B 450 2.51 -40.03 -27.20
CA ALA B 450 3.96 -40.01 -27.00
C ALA B 450 4.66 -41.14 -27.76
N LEU B 451 4.23 -42.38 -27.56
CA LEU B 451 4.91 -43.53 -28.15
C LEU B 451 4.85 -43.48 -29.67
N GLY B 452 3.70 -43.12 -30.23
CA GLY B 452 3.58 -43.04 -31.68
C GLY B 452 3.97 -41.68 -32.20
N ALA B 453 5.22 -41.56 -32.65
CA ALA B 453 5.79 -40.31 -33.14
C ALA B 453 7.20 -40.61 -33.66
N PRO B 454 7.70 -39.83 -34.62
CA PRO B 454 9.08 -40.02 -35.08
C PRO B 454 10.06 -39.40 -34.08
N ALA B 455 10.74 -40.26 -33.33
CA ALA B 455 11.66 -39.80 -32.30
C ALA B 455 12.73 -40.84 -32.06
N ASP B 456 13.90 -40.37 -31.62
CA ASP B 456 15.01 -41.25 -31.28
C ASP B 456 15.21 -41.42 -29.78
N VAL B 457 14.73 -40.46 -28.98
CA VAL B 457 14.87 -40.50 -27.53
C VAL B 457 13.47 -40.44 -26.92
N LEU B 458 13.20 -41.36 -25.99
CA LEU B 458 11.91 -41.44 -25.31
C LEU B 458 12.12 -41.12 -23.83
N LEU B 459 11.39 -40.14 -23.33
CA LEU B 459 11.39 -39.77 -21.92
C LEU B 459 9.99 -39.95 -21.37
N LEU B 460 9.83 -40.86 -20.41
CA LEU B 460 8.52 -41.20 -19.86
C LEU B 460 8.56 -41.08 -18.35
N ASP B 461 7.69 -40.27 -17.76
CA ASP B 461 7.66 -40.04 -16.29
C ASP B 461 6.58 -40.87 -15.66
N GLN B 462 6.85 -42.12 -15.35
CA GLN B 462 5.92 -43.10 -14.79
C GLN B 462 4.82 -43.40 -15.80
N PRO B 463 5.13 -44.08 -16.90
CA PRO B 463 4.14 -44.20 -17.98
C PRO B 463 2.97 -45.11 -17.66
N THR B 464 3.15 -46.13 -16.81
CA THR B 464 2.12 -47.13 -16.55
C THR B 464 1.30 -46.81 -15.31
N ALA B 465 1.08 -45.53 -15.02
CA ALA B 465 0.22 -45.15 -13.90
C ALA B 465 -1.25 -45.37 -14.25
N HIS B 466 -2.04 -45.71 -13.23
CA HIS B 466 -3.47 -45.94 -13.35
C HIS B 466 -3.82 -47.11 -14.26
N LEU B 467 -2.87 -48.02 -14.50
CA LEU B 467 -3.09 -49.18 -15.35
C LEU B 467 -2.98 -50.46 -14.54
N ASP B 468 -3.83 -51.44 -14.84
CA ASP B 468 -3.81 -52.72 -14.16
C ASP B 468 -2.65 -53.56 -14.68
N GLY B 469 -2.57 -54.82 -14.22
CA GLY B 469 -1.42 -55.65 -14.55
C GLY B 469 -1.30 -55.97 -16.03
N ALA B 470 -2.41 -56.35 -16.67
CA ALA B 470 -2.37 -56.71 -18.08
C ALA B 470 -2.00 -55.51 -18.95
N LEU B 471 -2.64 -54.37 -18.69
CA LEU B 471 -2.31 -53.15 -19.43
C LEU B 471 -0.89 -52.71 -19.15
N GLU B 472 -0.42 -52.86 -17.90
CA GLU B 472 0.96 -52.53 -17.58
C GLU B 472 1.91 -53.39 -18.41
N ASP B 473 1.64 -54.70 -18.50
CA ASP B 473 2.51 -55.58 -19.27
C ASP B 473 2.48 -55.21 -20.74
N ARG B 474 1.31 -54.90 -21.29
CA ARG B 474 1.22 -54.53 -22.70
C ARG B 474 1.98 -53.24 -22.99
N VAL B 475 1.83 -52.25 -22.12
CA VAL B 475 2.51 -50.97 -22.31
C VAL B 475 4.01 -51.13 -22.19
N LEU B 476 4.47 -51.93 -21.22
CA LEU B 476 5.90 -52.15 -21.08
C LEU B 476 6.45 -52.93 -22.27
N ALA B 477 5.68 -53.87 -22.81
CA ALA B 477 6.10 -54.58 -24.01
C ALA B 477 6.23 -53.62 -25.20
N ALA B 478 5.27 -52.70 -25.32
CA ALA B 478 5.36 -51.70 -26.39
C ALA B 478 6.60 -50.82 -26.23
N ILE B 479 6.89 -50.39 -25.00
CA ILE B 479 8.06 -49.55 -24.75
C ILE B 479 9.34 -50.32 -25.05
N VAL B 480 9.40 -51.59 -24.65
CA VAL B 480 10.59 -52.40 -24.92
C VAL B 480 10.76 -52.62 -26.42
N ALA B 481 9.66 -52.79 -27.14
CA ALA B 481 9.73 -52.93 -28.59
C ALA B 481 10.26 -51.64 -29.23
N ARG B 482 9.78 -50.49 -28.75
CA ARG B 482 10.29 -49.22 -29.27
C ARG B 482 11.78 -49.07 -29.00
N ALA B 483 12.23 -49.50 -27.82
CA ALA B 483 13.67 -49.48 -27.53
C ALA B 483 14.43 -50.42 -28.44
N ARG B 484 13.89 -51.61 -28.68
CA ARG B 484 14.51 -52.56 -29.59
C ARG B 484 14.57 -52.03 -31.01
N ALA B 485 13.70 -51.10 -31.37
CA ALA B 485 13.71 -50.47 -32.68
C ALA B 485 14.83 -49.44 -32.82
N GLY B 486 15.78 -49.41 -31.90
CA GLY B 486 16.90 -48.49 -31.98
C GLY B 486 16.59 -47.10 -31.45
N ALA B 487 16.19 -47.01 -30.19
CA ALA B 487 15.87 -45.74 -29.56
C ALA B 487 16.35 -45.74 -28.12
N THR B 488 16.55 -44.55 -27.59
CA THR B 488 16.93 -44.37 -26.19
C THR B 488 15.67 -44.13 -25.37
N VAL B 489 15.43 -44.99 -24.39
CA VAL B 489 14.24 -44.93 -23.55
C VAL B 489 14.69 -44.70 -22.11
N VAL B 490 14.09 -43.70 -21.46
CA VAL B 490 14.42 -43.33 -20.09
C VAL B 490 13.10 -43.31 -19.31
N MET B 491 12.78 -44.41 -18.66
CA MET B 491 11.59 -44.48 -17.82
C MET B 491 11.91 -44.00 -16.41
N VAL B 492 10.89 -43.49 -15.73
CA VAL B 492 11.04 -43.00 -14.36
C VAL B 492 10.08 -43.75 -13.46
N GLY B 493 9.85 -45.03 -13.76
CA GLY B 493 9.04 -45.87 -12.89
C GLY B 493 9.84 -46.42 -11.73
N HIS B 494 9.16 -46.65 -10.60
CA HIS B 494 9.85 -47.20 -9.39
C HIS B 494 9.04 -48.35 -8.79
N ARG B 495 8.43 -49.18 -9.63
CA ARG B 495 7.68 -50.34 -9.17
C ARG B 495 8.28 -51.60 -9.77
N ALA B 496 7.92 -52.74 -9.19
CA ALA B 496 8.56 -54.00 -9.56
C ALA B 496 8.38 -54.36 -11.04
N PRO B 497 7.17 -54.31 -11.63
CA PRO B 497 7.09 -54.61 -13.06
C PRO B 497 7.88 -53.66 -13.93
N VAL B 498 7.94 -52.38 -13.56
CA VAL B 498 8.74 -51.41 -14.33
C VAL B 498 10.22 -51.67 -14.13
N LEU B 499 10.64 -51.92 -12.88
CA LEU B 499 12.05 -52.15 -12.60
C LEU B 499 12.56 -53.40 -13.30
N ALA B 500 11.80 -54.49 -13.26
CA ALA B 500 12.18 -55.71 -13.97
C ALA B 500 11.68 -55.69 -15.40
N ALA B 501 11.98 -54.59 -16.09
CA ALA B 501 11.67 -54.46 -17.51
C ALA B 501 12.73 -53.66 -18.25
N ALA B 502 13.85 -53.34 -17.60
CA ALA B 502 14.88 -52.49 -18.17
C ALA B 502 16.23 -53.18 -18.08
N ASP B 503 17.10 -52.87 -19.03
CA ASP B 503 18.45 -53.40 -19.06
C ASP B 503 19.41 -52.63 -18.16
N HIS B 504 18.97 -51.51 -17.59
CA HIS B 504 19.79 -50.73 -16.68
C HIS B 504 18.88 -49.98 -15.72
N VAL B 505 19.29 -49.92 -14.45
CA VAL B 505 18.52 -49.25 -13.41
C VAL B 505 19.43 -48.24 -12.72
N VAL B 506 18.97 -47.01 -12.59
CA VAL B 506 19.69 -45.95 -11.89
C VAL B 506 18.93 -45.63 -10.61
N THR B 507 19.63 -45.64 -9.49
CA THR B 507 19.03 -45.51 -8.16
C THR B 507 19.34 -44.14 -7.57
N MET B 508 19.24 -43.11 -8.40
CA MET B 508 19.46 -41.71 -8.05
C MET B 508 18.95 -41.37 -6.66
N GLU B 509 19.84 -40.84 -5.82
CA GLU B 509 19.58 -40.65 -4.40
C GLU B 509 19.47 -39.17 -4.07
N SER B 510 19.34 -38.90 -2.77
CA SER B 510 18.99 -37.57 -2.28
C SER B 510 20.23 -36.68 -2.17
N SER B 511 20.06 -35.53 -1.51
CA SER B 511 21.12 -34.56 -1.28
C SER B 511 21.75 -34.08 -2.59
N LEU B 512 20.90 -33.86 -3.60
CA LEU B 512 21.39 -33.33 -4.87
C LEU B 512 21.25 -31.81 -4.94
N VAL B 513 20.03 -31.31 -4.78
CA VAL B 513 19.80 -29.84 -4.72
C VAL B 513 18.65 -29.59 -3.73
N ALA B 514 17.54 -30.32 -3.89
CA ALA B 514 16.40 -30.21 -3.00
C ALA B 514 15.86 -31.59 -2.67
N PRO B 515 15.32 -31.78 -1.46
CA PRO B 515 14.75 -33.07 -1.06
C PRO B 515 13.25 -33.16 -1.27
N LEU C 1 33.40 31.77 14.58
CA LEU C 1 34.17 30.79 15.34
C LEU C 1 34.49 29.56 14.50
N ARG C 2 35.58 28.89 14.83
CA ARG C 2 35.99 27.69 14.11
C ARG C 2 36.29 26.54 15.07
N HIS C 3 36.73 26.87 16.28
CA HIS C 3 37.16 25.88 17.25
C HIS C 3 36.03 25.39 18.15
N ASP C 4 34.80 25.84 17.91
CA ASP C 4 33.65 25.38 18.69
C ASP C 4 33.41 23.90 18.42
N PRO C 5 33.42 23.04 19.44
CA PRO C 5 33.13 21.62 19.20
C PRO C 5 31.75 21.38 18.62
N LEU C 6 30.76 22.19 18.99
CA LEU C 6 29.42 22.04 18.42
C LEU C 6 29.46 22.27 16.92
N LEU C 7 30.24 23.27 16.46
CA LEU C 7 30.32 23.55 15.04
C LEU C 7 30.90 22.39 14.27
N ARG C 8 31.97 21.78 14.78
CA ARG C 8 32.54 20.61 14.13
C ARG C 8 31.56 19.44 14.14
N LEU C 9 30.83 19.27 15.24
CA LEU C 9 29.85 18.20 15.32
C LEU C 9 28.77 18.35 14.26
N THR C 10 28.20 19.56 14.12
CA THR C 10 27.16 19.74 13.11
C THR C 10 27.73 19.78 11.71
N LEU C 11 29.04 20.04 11.56
CA LEU C 11 29.64 19.99 10.24
C LEU C 11 29.81 18.56 9.77
N GLU C 12 30.26 17.67 10.66
CA GLU C 12 30.49 16.28 10.24
C GLU C 12 29.20 15.47 10.25
N LEU C 13 28.30 15.73 11.19
CA LEU C 13 27.06 14.92 11.30
C LEU C 13 26.03 15.40 10.27
N LEU C 14 25.96 16.69 10.03
CA LEU C 14 24.93 17.29 9.17
C LEU C 14 25.53 17.79 7.86
N ARG C 15 26.44 17.01 7.27
CA ARG C 15 27.24 17.41 6.11
C ARG C 15 26.39 18.05 5.02
N PRO C 16 26.57 19.34 4.77
CA PRO C 16 25.81 20.02 3.72
C PRO C 16 26.58 20.08 2.40
N ARG C 17 25.90 20.60 1.39
CA ARG C 17 26.49 20.84 0.08
C ARG C 17 26.32 22.31 -0.27
N LEU C 18 27.40 22.91 -0.79
CA LEU C 18 27.37 24.33 -1.13
C LEU C 18 26.40 24.65 -2.26
N GLY C 19 26.20 23.70 -3.18
CA GLY C 19 25.36 23.97 -4.33
C GLY C 19 23.92 24.27 -3.94
N ARG C 20 23.35 23.46 -3.05
CA ARG C 20 21.96 23.67 -2.66
C ARG C 20 21.78 24.96 -1.87
N PHE C 21 22.73 25.28 -0.98
CA PHE C 21 22.67 26.53 -0.25
C PHE C 21 22.73 27.73 -1.19
N LEU C 22 23.66 27.71 -2.15
CA LEU C 22 23.75 28.79 -3.11
C LEU C 22 22.49 28.89 -3.96
N LEU C 23 21.92 27.74 -4.34
CA LEU C 23 20.69 27.75 -5.13
C LEU C 23 19.54 28.36 -4.35
N ALA C 24 19.42 28.03 -3.06
CA ALA C 24 18.36 28.61 -2.24
C ALA C 24 18.54 30.12 -2.07
N ALA C 25 19.79 30.57 -1.85
CA ALA C 25 20.04 32.00 -1.74
C ALA C 25 19.70 32.71 -3.05
N ALA C 26 20.07 32.11 -4.19
CA ALA C 26 19.75 32.68 -5.48
C ALA C 26 18.24 32.74 -5.69
N LEU C 27 17.52 31.70 -5.25
CA LEU C 27 16.07 31.69 -5.39
C LEU C 27 15.43 32.79 -4.55
N GLY C 28 15.95 33.03 -3.35
CA GLY C 28 15.46 34.16 -2.58
C GLY C 28 15.73 35.50 -3.25
N VAL C 29 16.93 35.68 -3.78
CA VAL C 29 17.27 36.91 -4.47
C VAL C 29 16.36 37.10 -5.69
N LEU C 30 16.04 36.01 -6.38
CA LEU C 30 15.16 36.09 -7.54
C LEU C 30 13.70 36.35 -7.13
N SER C 31 13.28 35.82 -5.98
CA SER C 31 11.96 36.16 -5.46
C SER C 31 11.87 37.64 -5.12
N LEU C 32 12.99 38.25 -4.74
CA LEU C 32 13.04 39.71 -4.65
C LEU C 32 12.79 40.37 -6.01
N GLY C 33 12.96 39.64 -7.11
CA GLY C 33 12.86 40.24 -8.43
C GLY C 33 11.48 40.79 -8.74
N SER C 34 10.43 40.02 -8.40
CA SER C 34 9.08 40.50 -8.65
C SER C 34 8.75 41.73 -7.81
N ALA C 35 9.23 41.74 -6.56
CA ALA C 35 9.06 42.93 -5.71
C ALA C 35 9.73 44.13 -6.35
N LEU C 36 10.91 43.93 -6.94
CA LEU C 36 11.59 45.01 -7.65
C LEU C 36 10.79 45.45 -8.88
N ALA C 37 10.21 44.48 -9.60
CA ALA C 37 9.71 44.72 -10.95
C ALA C 37 8.22 45.01 -11.03
N LEU C 38 7.50 45.06 -9.90
CA LEU C 38 6.08 45.45 -9.97
C LEU C 38 5.95 46.84 -10.57
N ALA C 39 6.77 47.79 -10.12
CA ALA C 39 6.73 49.16 -10.60
C ALA C 39 7.93 49.52 -11.46
N GLY C 40 8.77 48.54 -11.80
CA GLY C 40 9.97 48.81 -12.58
C GLY C 40 9.79 48.89 -14.07
N ILE C 41 8.59 48.59 -14.57
CA ILE C 41 8.33 48.64 -16.01
C ILE C 41 7.14 49.49 -16.39
N SER C 42 6.17 49.72 -15.50
CA SER C 42 4.95 50.45 -15.80
C SER C 42 4.64 51.47 -14.72
N ALA C 43 5.63 52.31 -14.40
CA ALA C 43 5.45 53.32 -13.37
C ALA C 43 4.26 54.22 -13.67
N TRP C 44 4.19 54.75 -14.89
CA TRP C 44 3.06 55.56 -15.31
C TRP C 44 2.90 55.40 -16.81
N LEU C 45 2.11 56.29 -17.42
CA LEU C 45 1.88 56.22 -18.86
C LEU C 45 3.00 56.90 -19.62
N ILE C 46 4.25 56.58 -19.28
CA ILE C 46 5.41 57.12 -19.97
C ILE C 46 6.37 55.98 -20.34
N THR C 47 6.73 55.18 -19.34
CA THR C 47 7.84 54.23 -19.50
C THR C 47 7.48 53.13 -20.49
N ARG C 48 6.33 52.50 -20.34
CA ARG C 48 5.94 51.34 -21.14
C ARG C 48 5.02 51.79 -22.27
N ALA C 49 5.42 51.49 -23.50
CA ALA C 49 4.63 51.77 -24.69
C ALA C 49 4.27 53.25 -24.79
N TRP C 50 5.26 54.10 -24.48
CA TRP C 50 5.13 55.55 -24.48
C TRP C 50 3.81 56.01 -23.88
N GLN C 51 2.89 56.48 -24.72
CA GLN C 51 1.57 56.93 -24.29
C GLN C 51 0.52 55.96 -24.81
N MET C 52 -0.41 55.58 -23.95
CA MET C 52 -1.43 54.60 -24.30
C MET C 52 -2.77 55.04 -23.73
N PRO C 53 -3.87 54.64 -24.35
CA PRO C 53 -5.19 54.98 -23.80
C PRO C 53 -5.42 54.28 -22.48
N PRO C 54 -6.28 54.83 -21.61
CA PRO C 54 -6.40 54.29 -20.24
C PRO C 54 -6.81 52.83 -20.15
N VAL C 55 -7.71 52.37 -21.02
CA VAL C 55 -8.16 50.98 -20.96
C VAL C 55 -7.01 50.04 -21.29
N LEU C 56 -6.21 50.39 -22.30
CA LEU C 56 -5.03 49.60 -22.65
C LEU C 56 -4.04 49.54 -21.49
N ASP C 57 -3.83 50.68 -20.83
CA ASP C 57 -2.93 50.70 -19.68
C ASP C 57 -3.46 49.83 -18.55
N LEU C 58 -4.78 49.86 -18.31
CA LEU C 58 -5.36 49.02 -17.27
C LEU C 58 -5.16 47.53 -17.58
N THR C 59 -5.41 47.15 -18.84
CA THR C 59 -5.23 45.75 -19.22
C THR C 59 -3.77 45.32 -19.07
N VAL C 60 -2.84 46.18 -19.51
CA VAL C 60 -1.41 45.87 -19.40
C VAL C 60 -1.01 45.73 -17.93
N ALA C 61 -1.49 46.64 -17.08
CA ALA C 61 -1.16 46.56 -15.66
C ALA C 61 -1.67 45.27 -15.04
N VAL C 62 -2.92 44.90 -15.35
CA VAL C 62 -3.49 43.69 -14.77
C VAL C 62 -2.71 42.46 -15.22
N VAL C 63 -2.41 42.37 -16.52
CA VAL C 63 -1.72 41.18 -17.02
C VAL C 63 -0.31 41.11 -16.45
N ALA C 64 0.37 42.26 -16.33
CA ALA C 64 1.70 42.27 -15.75
C ALA C 64 1.68 41.84 -14.29
N VAL C 65 0.71 42.34 -13.52
CA VAL C 65 0.62 41.97 -12.11
C VAL C 65 0.36 40.48 -11.96
N ARG C 66 -0.56 39.93 -12.77
CA ARG C 66 -0.85 38.51 -12.69
C ARG C 66 0.35 37.66 -13.09
N ALA C 67 1.07 38.08 -14.14
CA ALA C 67 2.25 37.32 -14.56
C ALA C 67 3.33 37.34 -13.47
N LEU C 68 3.54 38.50 -12.85
CA LEU C 68 4.51 38.58 -11.76
C LEU C 68 4.10 37.71 -10.58
N GLY C 69 2.80 37.68 -10.27
CA GLY C 69 2.32 36.80 -9.21
C GLY C 69 2.56 35.34 -9.53
N ILE C 70 2.31 34.93 -10.78
CA ILE C 70 2.56 33.55 -11.18
C ILE C 70 4.04 33.21 -11.03
N SER C 71 4.89 34.11 -11.51
CA SER C 71 6.36 33.89 -11.40
C SER C 71 6.75 33.74 -9.93
N ARG C 72 6.30 34.66 -9.08
CA ARG C 72 6.67 34.61 -7.67
C ARG C 72 6.18 33.32 -7.01
N GLY C 73 4.96 32.88 -7.34
CA GLY C 73 4.47 31.64 -6.78
C GLY C 73 5.29 30.44 -7.20
N VAL C 74 5.65 30.37 -8.48
CA VAL C 74 6.46 29.24 -8.96
C VAL C 74 7.84 29.26 -8.30
N LEU C 75 8.44 30.46 -8.19
CA LEU C 75 9.74 30.58 -7.56
C LEU C 75 9.69 30.17 -6.10
N GLY C 76 8.64 30.58 -5.38
CA GLY C 76 8.49 30.19 -4.00
C GLY C 76 8.31 28.69 -3.84
N TYR C 77 7.54 28.08 -4.74
CA TYR C 77 7.37 26.62 -4.71
C TYR C 77 8.72 25.92 -4.88
N CYS C 78 9.51 26.38 -5.86
CA CYS C 78 10.81 25.77 -6.10
C CYS C 78 11.74 25.95 -4.90
N GLN C 79 11.76 27.14 -4.32
CA GLN C 79 12.62 27.41 -3.17
C GLN C 79 12.22 26.56 -1.97
N ARG C 80 10.91 26.44 -1.71
CA ARG C 80 10.45 25.60 -0.61
C ARG C 80 10.84 24.14 -0.83
N LEU C 81 10.68 23.65 -2.06
CA LEU C 81 11.07 22.28 -2.36
C LEU C 81 12.56 22.06 -2.08
N ALA C 82 13.40 22.97 -2.57
CA ALA C 82 14.84 22.83 -2.38
C ALA C 82 15.21 22.86 -0.90
N SER C 83 14.64 23.81 -0.14
CA SER C 83 14.98 23.93 1.27
C SER C 83 14.57 22.69 2.05
N HIS C 84 13.36 22.19 1.82
CA HIS C 84 12.91 21.03 2.56
C HIS C 84 13.67 19.76 2.15
N ASP C 85 14.05 19.64 0.87
CA ASP C 85 14.88 18.53 0.46
C ASP C 85 16.23 18.56 1.16
N SER C 86 16.84 19.74 1.26
CA SER C 86 18.11 19.86 1.97
C SER C 86 17.95 19.48 3.44
N ALA C 87 16.86 19.93 4.06
CA ALA C 87 16.63 19.60 5.47
C ALA C 87 16.49 18.10 5.67
N LEU C 88 15.72 17.43 4.79
CA LEU C 88 15.54 15.99 4.94
C LEU C 88 16.83 15.22 4.71
N ARG C 89 17.61 15.62 3.71
CA ARG C 89 18.90 14.98 3.47
C ARG C 89 19.81 15.13 4.69
N ALA C 90 19.85 16.33 5.26
CA ALA C 90 20.69 16.57 6.42
C ALA C 90 20.24 15.74 7.61
N ALA C 91 18.93 15.62 7.83
CA ALA C 91 18.43 14.84 8.95
C ALA C 91 18.80 13.36 8.79
N ALA C 92 18.62 12.82 7.58
CA ALA C 92 18.98 11.42 7.36
C ALA C 92 20.47 11.18 7.57
N ASN C 93 21.30 12.09 7.05
CA ASN C 93 22.75 11.96 7.23
C ASN C 93 23.11 12.04 8.71
N ALA C 94 22.48 12.95 9.45
CA ALA C 94 22.78 13.08 10.87
C ALA C 94 22.40 11.82 11.64
N ARG C 95 21.24 11.24 11.34
CA ARG C 95 20.84 10.02 12.02
C ARG C 95 21.81 8.88 11.73
N THR C 96 22.20 8.72 10.46
CA THR C 96 23.14 7.66 10.11
C THR C 96 24.49 7.87 10.77
N GLY C 97 24.97 9.12 10.79
CA GLY C 97 26.25 9.40 11.43
C GLY C 97 26.22 9.18 12.92
N LEU C 98 25.10 9.53 13.57
CA LEU C 98 24.96 9.26 14.99
C LEU C 98 25.00 7.76 15.28
N TYR C 99 24.29 6.97 14.48
CA TYR C 99 24.33 5.52 14.71
C TYR C 99 25.72 4.97 14.46
N ARG C 100 26.42 5.46 13.43
CA ARG C 100 27.77 4.99 13.17
C ARG C 100 28.72 5.35 14.30
N LYS C 101 28.58 6.55 14.86
CA LYS C 101 29.40 6.95 16.00
C LYS C 101 29.11 6.06 17.21
N LEU C 102 27.84 5.73 17.44
CA LEU C 102 27.50 4.83 18.55
C LEU C 102 28.09 3.44 18.34
N ALA C 103 28.03 2.94 17.10
CA ALA C 103 28.51 1.59 16.80
C ALA C 103 30.03 1.51 16.76
N ASP C 104 30.72 2.62 16.53
CA ASP C 104 32.19 2.59 16.54
C ASP C 104 32.76 2.67 17.95
N ALA C 105 32.03 3.28 18.87
CA ALA C 105 32.49 3.40 20.25
C ALA C 105 32.43 2.04 20.94
N PRO C 106 33.15 1.88 22.05
CA PRO C 106 33.06 0.64 22.83
C PRO C 106 31.62 0.37 23.24
N PRO C 107 31.20 -0.90 23.22
CA PRO C 107 29.77 -1.19 23.39
C PRO C 107 29.19 -0.74 24.72
N ASP C 108 30.01 -0.65 25.78
CA ASP C 108 29.50 -0.22 27.07
C ASP C 108 29.12 1.26 27.10
N GLU C 109 29.64 2.05 26.16
CA GLU C 109 29.27 3.46 26.10
C GLU C 109 27.88 3.66 25.48
N ALA C 110 27.48 2.77 24.57
CA ALA C 110 26.17 2.89 23.95
C ALA C 110 25.04 2.53 24.91
N MET C 111 25.35 1.86 26.02
CA MET C 111 24.35 1.46 27.00
C MET C 111 24.24 2.41 28.17
N ARG C 112 24.86 3.59 28.10
CA ARG C 112 24.79 4.54 29.19
C ARG C 112 23.46 5.26 29.27
N LEU C 113 22.83 5.51 28.13
CA LEU C 113 21.62 6.31 28.12
C LEU C 113 20.37 5.42 28.07
N PRO C 114 19.29 5.85 28.71
CA PRO C 114 18.03 5.11 28.61
C PRO C 114 17.44 5.21 27.21
N SER C 115 16.46 4.33 26.95
CA SER C 115 15.83 4.31 25.63
C SER C 115 15.03 5.59 25.37
N GLY C 116 14.42 6.16 26.42
CA GLY C 116 13.70 7.41 26.24
C GLY C 116 14.60 8.55 25.82
N GLU C 117 15.78 8.65 26.45
CA GLU C 117 16.74 9.66 26.03
C GLU C 117 17.22 9.41 24.61
N LEU C 118 17.41 8.15 24.25
CA LEU C 118 17.80 7.83 22.88
C LEU C 118 16.75 8.30 21.88
N VAL C 119 15.48 8.05 22.19
CA VAL C 119 14.39 8.52 21.32
C VAL C 119 14.40 10.03 21.21
N ALA C 120 14.48 10.71 22.36
CA ALA C 120 14.39 12.16 22.38
C ALA C 120 15.56 12.82 21.66
N ARG C 121 16.74 12.18 21.66
CA ARG C 121 17.90 12.77 21.00
C ARG C 121 18.04 12.35 19.56
N LEU C 122 17.50 11.20 19.16
CA LEU C 122 17.57 10.78 17.76
C LEU C 122 16.36 11.23 16.96
N GLY C 123 15.37 11.84 17.60
CA GLY C 123 14.28 12.45 16.89
C GLY C 123 14.40 13.96 16.81
N PRO C 124 13.75 14.64 17.75
CA PRO C 124 13.68 16.11 17.71
C PRO C 124 15.02 16.81 17.63
N ALA C 125 16.08 16.27 18.22
CA ALA C 125 17.38 16.93 18.13
C ALA C 125 17.91 16.95 16.70
N VAL C 126 17.80 15.82 15.99
CA VAL C 126 18.22 15.78 14.59
C VAL C 126 17.33 16.68 13.74
N ASP C 127 16.03 16.69 14.03
CA ASP C 127 15.13 17.59 13.32
C ASP C 127 15.54 19.04 13.52
N GLU C 128 15.90 19.40 14.76
CA GLU C 128 16.33 20.76 15.06
C GLU C 128 17.62 21.11 14.34
N LEU C 129 18.55 20.15 14.22
CA LEU C 129 19.78 20.43 13.49
C LEU C 129 19.51 20.69 12.01
N ALA C 130 18.67 19.87 11.38
CA ALA C 130 18.32 20.14 9.98
C ALA C 130 17.62 21.49 9.84
N ASP C 131 16.75 21.81 10.81
CA ASP C 131 16.06 23.09 10.80
C ASP C 131 17.03 24.24 10.90
N VAL C 132 18.04 24.12 11.79
CA VAL C 132 19.03 25.22 11.80
C VAL C 132 19.62 25.30 10.39
N LEU C 133 20.13 24.20 9.85
CA LEU C 133 20.75 24.26 8.54
C LEU C 133 19.93 25.16 7.61
N VAL C 134 18.69 24.78 7.36
CA VAL C 134 17.88 25.51 6.38
C VAL C 134 17.55 26.91 6.89
N ARG C 135 16.79 26.99 7.98
CA ARG C 135 16.19 28.23 8.46
C ARG C 135 17.21 29.13 9.15
N ALA C 136 18.49 28.80 9.08
CA ALA C 136 19.53 29.64 9.63
C ALA C 136 20.58 30.02 8.61
N LEU C 137 20.88 29.13 7.65
CA LEU C 137 21.78 29.54 6.58
C LEU C 137 21.07 30.42 5.57
N LEU C 138 19.77 30.17 5.28
CA LEU C 138 19.12 30.98 4.25
C LEU C 138 18.84 32.40 4.72
N PRO C 139 18.01 32.64 5.74
CA PRO C 139 17.60 34.03 6.03
C PRO C 139 18.74 34.93 6.46
N ILE C 140 19.70 34.40 7.23
CA ILE C 140 20.78 35.23 7.73
C ILE C 140 21.67 35.71 6.58
N VAL C 141 22.02 34.80 5.67
CA VAL C 141 22.88 35.20 4.55
C VAL C 141 22.11 36.12 3.61
N VAL C 142 20.81 35.88 3.42
CA VAL C 142 20.01 36.76 2.58
C VAL C 142 20.00 38.17 3.17
N ALA C 143 19.76 38.26 4.49
CA ALA C 143 19.74 39.57 5.16
C ALA C 143 21.08 40.27 5.04
N VAL C 144 22.16 39.56 5.32
CA VAL C 144 23.48 40.19 5.30
C VAL C 144 23.81 40.71 3.90
N VAL C 145 23.61 39.86 2.88
CA VAL C 145 23.96 40.25 1.52
C VAL C 145 23.10 41.42 1.07
N LEU C 146 21.78 41.33 1.26
CA LEU C 146 20.91 42.40 0.79
C LEU C 146 21.17 43.71 1.52
N GLY C 147 21.38 43.65 2.83
CA GLY C 147 21.66 44.87 3.58
C GLY C 147 22.98 45.51 3.18
N CYS C 148 24.03 44.70 3.03
CA CYS C 148 25.32 45.27 2.63
C CYS C 148 25.24 45.88 1.24
N ALA C 149 24.59 45.18 0.29
CA ALA C 149 24.47 45.73 -1.05
C ALA C 149 23.65 47.01 -1.05
N ALA C 150 22.55 47.05 -0.31
CA ALA C 150 21.71 48.25 -0.26
C ALA C 150 22.45 49.41 0.36
N VAL C 151 23.20 49.18 1.44
CA VAL C 151 23.97 50.24 2.07
C VAL C 151 25.04 50.76 1.12
N GLY C 152 25.75 49.85 0.44
CA GLY C 152 26.75 50.28 -0.53
C GLY C 152 26.15 51.10 -1.66
N VAL C 153 24.97 50.71 -2.14
CA VAL C 153 24.33 51.46 -3.22
C VAL C 153 23.91 52.84 -2.73
N ILE C 154 23.28 52.91 -1.55
CA ILE C 154 22.81 54.18 -1.01
C ILE C 154 23.94 55.07 -0.51
N ALA C 155 25.15 54.54 -0.38
CA ALA C 155 26.29 55.35 0.02
C ALA C 155 26.66 56.41 -1.01
N VAL C 156 26.15 56.31 -2.24
CA VAL C 156 26.46 57.26 -3.30
C VAL C 156 25.49 58.44 -3.32
N ILE C 157 24.19 58.15 -3.19
CA ILE C 157 23.18 59.21 -3.26
C ILE C 157 23.34 60.17 -2.09
N SER C 158 23.52 59.64 -0.89
CA SER C 158 23.67 60.45 0.32
C SER C 158 24.43 59.67 1.37
N PRO C 159 25.77 59.69 1.30
CA PRO C 159 26.57 58.96 2.30
C PRO C 159 26.29 59.41 3.74
N ALA C 160 26.05 60.70 3.97
CA ALA C 160 25.71 61.16 5.30
C ALA C 160 24.41 60.53 5.79
N SER C 161 23.39 60.47 4.92
CA SER C 161 22.17 59.75 5.25
C SER C 161 22.33 58.24 5.14
N ALA C 162 23.27 57.77 4.32
CA ALA C 162 23.54 56.34 4.24
C ALA C 162 24.04 55.81 5.57
N ALA C 163 24.89 56.57 6.26
CA ALA C 163 25.37 56.16 7.57
C ALA C 163 24.20 56.02 8.55
N VAL C 164 23.27 56.98 8.54
CA VAL C 164 22.13 56.93 9.44
C VAL C 164 21.26 55.73 9.13
N LEU C 165 20.98 55.49 7.84
CA LEU C 165 20.15 54.36 7.45
C LEU C 165 20.80 53.04 7.84
N ALA C 166 22.11 52.90 7.61
CA ALA C 166 22.81 51.69 8.00
C ALA C 166 22.78 51.50 9.51
N VAL C 167 22.96 52.58 10.27
CA VAL C 167 22.92 52.48 11.73
C VAL C 167 21.54 52.00 12.18
N CYS C 168 20.48 52.58 11.62
CA CYS C 168 19.13 52.18 12.00
C CYS C 168 18.86 50.71 11.65
N LEU C 169 19.26 50.30 10.44
CA LEU C 169 19.01 48.93 10.02
C LEU C 169 19.78 47.94 10.89
N VAL C 170 21.06 48.24 11.17
CA VAL C 170 21.86 47.36 12.01
C VAL C 170 21.30 47.30 13.42
N VAL C 171 20.87 48.44 13.96
CA VAL C 171 20.30 48.45 15.31
C VAL C 171 19.06 47.57 15.36
N ALA C 172 18.16 47.72 14.38
CA ALA C 172 16.94 46.91 14.38
C ALA C 172 17.27 45.44 14.25
N GLY C 173 18.06 45.08 13.24
CA GLY C 173 18.41 43.70 12.97
C GLY C 173 19.42 43.09 13.90
N VAL C 174 19.88 43.83 14.90
CA VAL C 174 20.65 43.28 15.99
C VAL C 174 19.82 43.15 17.26
N VAL C 175 19.04 44.18 17.61
CA VAL C 175 18.28 44.12 18.85
C VAL C 175 17.11 43.16 18.75
N ALA C 176 16.58 42.92 17.53
CA ALA C 176 15.48 41.97 17.49
C ALA C 176 16.00 40.54 17.61
N PRO C 177 16.99 40.11 16.82
CA PRO C 177 17.55 38.76 17.04
C PRO C 177 18.15 38.57 18.41
N ALA C 178 18.77 39.60 19.00
CA ALA C 178 19.35 39.46 20.33
C ALA C 178 18.27 39.16 21.36
N LEU C 179 17.16 39.90 21.31
CA LEU C 179 16.05 39.64 22.23
C LEU C 179 15.47 38.25 21.99
N ALA C 180 15.31 37.87 20.73
CA ALA C 180 14.76 36.54 20.42
C ALA C 180 15.65 35.45 20.98
N ALA C 181 16.97 35.57 20.77
CA ALA C 181 17.90 34.54 21.23
C ALA C 181 17.98 34.48 22.75
N ARG C 182 18.03 35.65 23.41
CA ARG C 182 18.11 35.65 24.86
C ARG C 182 16.84 35.12 25.50
N ALA C 183 15.69 35.33 24.87
CA ALA C 183 14.47 34.72 25.36
C ALA C 183 14.44 33.22 25.09
N ALA C 184 14.97 32.81 23.94
CA ALA C 184 14.82 31.42 23.50
C ALA C 184 15.76 30.48 24.24
N HIS C 185 17.00 30.89 24.49
CA HIS C 185 18.02 29.94 24.94
C HIS C 185 17.69 29.34 26.30
N ALA C 186 17.43 30.20 27.30
CA ALA C 186 17.23 29.71 28.66
C ALA C 186 15.97 28.85 28.76
N SER C 187 14.91 29.26 28.07
CA SER C 187 13.68 28.48 28.09
C SER C 187 13.82 27.18 27.32
N GLU C 188 14.56 27.19 26.21
CA GLU C 188 14.71 25.98 25.40
C GLU C 188 15.58 24.95 26.07
N THR C 189 16.58 25.37 26.85
CA THR C 189 17.37 24.40 27.61
C THR C 189 16.47 23.63 28.59
N VAL C 190 15.62 24.34 29.32
CA VAL C 190 14.71 23.69 30.25
C VAL C 190 13.70 22.82 29.51
N ALA C 191 13.19 23.30 28.37
CA ALA C 191 12.24 22.53 27.59
C ALA C 191 12.85 21.22 27.11
N ALA C 192 14.10 21.26 26.63
CA ALA C 192 14.77 20.05 26.18
C ALA C 192 15.01 19.10 27.34
N GLU C 193 15.45 19.64 28.49
CA GLU C 193 15.72 18.77 29.64
C GLU C 193 14.45 18.17 30.22
N HIS C 194 13.29 18.80 29.98
CA HIS C 194 12.02 18.21 30.41
C HIS C 194 11.49 17.22 29.39
N ARG C 195 11.67 17.50 28.10
CA ARG C 195 11.24 16.56 27.07
C ARG C 195 12.03 15.26 27.14
N SER C 196 13.34 15.34 27.35
CA SER C 196 14.10 14.10 27.56
C SER C 196 14.13 13.71 29.02
N GLN C 197 12.98 13.84 29.68
CA GLN C 197 12.60 13.13 30.89
C GLN C 197 11.17 12.67 30.85
N ARG C 198 10.32 13.30 30.03
CA ARG C 198 8.94 12.86 29.87
C ARG C 198 8.88 11.47 29.27
N ASP C 199 9.69 11.20 28.24
CA ASP C 199 9.59 9.92 27.56
C ASP C 199 10.51 8.85 28.15
N THR C 200 11.47 9.23 29.00
CA THR C 200 12.22 8.23 29.74
C THR C 200 11.29 7.44 30.65
N ALA C 201 10.52 8.15 31.47
CA ALA C 201 9.43 7.56 32.25
C ALA C 201 8.18 7.64 31.39
N GLY C 202 7.92 6.57 30.66
CA GLY C 202 6.93 6.57 29.59
C GLY C 202 7.38 5.65 28.49
N MET C 203 8.68 5.38 28.44
CA MET C 203 9.21 4.17 27.85
C MET C 203 9.60 3.14 28.90
N LEU C 204 10.02 3.58 30.07
CA LEU C 204 10.16 2.67 31.21
C LEU C 204 8.83 1.98 31.51
N ALA C 205 7.73 2.72 31.39
CA ALA C 205 6.41 2.12 31.62
C ALA C 205 6.03 1.15 30.52
N LEU C 206 6.57 1.33 29.32
CA LEU C 206 6.20 0.47 28.20
C LEU C 206 7.01 -0.82 28.15
N GLU C 207 8.32 -0.76 28.37
CA GLU C 207 9.12 -1.97 28.30
C GLU C 207 8.96 -2.86 29.53
N HIS C 208 8.76 -2.27 30.71
CA HIS C 208 8.71 -3.02 31.96
C HIS C 208 7.38 -2.83 32.66
N ALA C 209 6.29 -2.90 31.90
CA ALA C 209 4.96 -2.69 32.47
C ALA C 209 4.57 -3.73 33.51
N PRO C 210 4.71 -5.04 33.28
CA PRO C 210 4.22 -6.01 34.28
C PRO C 210 4.93 -5.93 35.62
N GLU C 211 6.25 -5.73 35.61
CA GLU C 211 6.99 -5.65 36.87
C GLU C 211 6.57 -4.43 37.67
N LEU C 212 6.44 -3.28 37.01
CA LEU C 212 5.98 -2.07 37.69
C LEU C 212 4.54 -2.22 38.16
N ARG C 213 3.70 -2.92 37.40
CA ARG C 213 2.31 -3.13 37.81
C ARG C 213 2.25 -3.98 39.08
N VAL C 214 3.00 -5.08 39.11
CA VAL C 214 2.97 -5.96 40.28
C VAL C 214 3.58 -5.27 41.49
N SER C 215 4.67 -4.51 41.28
CA SER C 215 5.29 -3.78 42.37
C SER C 215 4.53 -2.52 42.76
N GLY C 216 3.48 -2.17 42.04
CA GLY C 216 2.71 -0.97 42.33
C GLY C 216 3.45 0.32 42.11
N ARG C 217 4.21 0.42 41.00
CA ARG C 217 4.99 1.61 40.70
C ARG C 217 4.75 2.12 39.29
N LEU C 218 3.63 1.74 38.66
CA LEU C 218 3.30 2.24 37.33
C LEU C 218 2.56 3.57 37.38
N ASP C 219 1.70 3.75 38.39
CA ASP C 219 1.02 5.03 38.56
C ASP C 219 2.02 6.17 38.76
N SER C 220 3.08 5.90 39.52
CA SER C 220 4.11 6.91 39.72
C SER C 220 4.80 7.27 38.41
N VAL C 221 5.10 6.27 37.59
CA VAL C 221 5.76 6.53 36.30
C VAL C 221 4.86 7.37 35.40
N ILE C 222 3.57 7.03 35.35
CA ILE C 222 2.65 7.81 34.52
C ILE C 222 2.48 9.22 35.07
N ALA C 223 2.48 9.37 36.39
CA ALA C 223 2.40 10.70 36.99
C ALA C 223 3.62 11.54 36.63
N THR C 224 4.81 10.96 36.67
CA THR C 224 6.01 11.68 36.24
C THR C 224 5.92 12.05 34.77
N PHE C 225 5.40 11.16 33.94
CA PHE C 225 5.17 11.47 32.53
C PHE C 225 4.31 12.73 32.39
N GLU C 226 3.17 12.75 33.09
CA GLU C 226 2.26 13.90 32.99
C GLU C 226 2.92 15.17 33.51
N ARG C 227 3.64 15.08 34.63
CA ARG C 227 4.26 16.26 35.22
C ARG C 227 5.31 16.84 34.29
N HIS C 228 6.14 16.00 33.69
CA HIS C 228 7.16 16.51 32.78
C HIS C 228 6.56 17.02 31.49
N HIS C 229 5.44 16.44 31.04
CA HIS C 229 4.74 17.01 29.89
C HIS C 229 4.24 18.42 30.20
N ARG C 230 3.67 18.61 31.37
CA ARG C 230 3.21 19.95 31.76
C ARG C 230 4.38 20.93 31.84
N ALA C 231 5.49 20.51 32.44
CA ALA C 231 6.64 21.40 32.54
C ALA C 231 7.18 21.77 31.17
N TRP C 232 7.23 20.80 30.26
CA TRP C 232 7.67 21.10 28.89
C TRP C 232 6.73 22.07 28.20
N GLY C 233 5.42 21.93 28.42
CA GLY C 233 4.48 22.86 27.81
C GLY C 233 4.68 24.29 28.30
N GLU C 234 4.81 24.46 29.61
CA GLU C 234 5.07 25.79 30.15
C GLU C 234 6.39 26.36 29.63
N ALA C 235 7.44 25.54 29.57
CA ALA C 235 8.72 26.03 29.06
C ALA C 235 8.60 26.46 27.61
N ALA C 236 7.86 25.70 26.79
CA ALA C 236 7.68 26.07 25.39
C ALA C 236 6.91 27.38 25.25
N ASP C 237 5.87 27.58 26.07
CA ASP C 237 5.13 28.85 25.99
C ASP C 237 6.01 30.02 26.38
N ARG C 238 6.82 29.86 27.44
CA ARG C 238 7.74 30.90 27.85
C ARG C 238 8.78 31.19 26.77
N ALA C 239 9.20 30.16 26.04
CA ALA C 239 10.08 30.38 24.89
C ALA C 239 9.37 31.17 23.80
N ALA C 240 8.09 30.87 23.56
CA ALA C 240 7.40 31.42 22.40
C ALA C 240 7.11 32.91 22.57
N ALA C 241 6.67 33.34 23.76
CA ALA C 241 6.10 34.68 23.88
C ALA C 241 7.08 35.81 23.55
N PRO C 242 8.18 36.01 24.28
CA PRO C 242 9.03 37.18 24.01
C PRO C 242 9.64 37.17 22.62
N ALA C 243 9.92 35.99 22.06
CA ALA C 243 10.37 35.91 20.69
C ALA C 243 9.30 36.44 19.74
N ALA C 244 8.04 36.16 20.03
CA ALA C 244 6.95 36.71 19.22
C ALA C 244 6.93 38.22 19.30
N VAL C 245 7.13 38.79 20.50
CA VAL C 245 7.16 40.25 20.63
C VAL C 245 8.32 40.84 19.82
N ALA C 246 9.50 40.24 19.96
CA ALA C 246 10.68 40.76 19.28
C ALA C 246 10.60 40.59 17.77
N ALA C 247 9.85 39.59 17.29
CA ALA C 247 9.63 39.45 15.86
C ALA C 247 8.56 40.42 15.35
N ALA C 248 7.59 40.76 16.21
CA ALA C 248 6.57 41.73 15.83
C ALA C 248 7.16 43.14 15.70
N MET C 249 8.15 43.48 16.51
CA MET C 249 8.72 44.82 16.44
C MET C 249 9.32 45.12 15.06
N PRO C 250 10.10 44.25 14.37
CA PRO C 250 10.53 44.55 13.00
C PRO C 250 9.35 44.93 12.10
N THR C 251 8.17 44.31 12.29
CA THR C 251 7.09 44.64 11.37
C THR C 251 6.69 46.11 11.50
N ALA C 252 6.61 46.62 12.73
CA ALA C 252 6.33 48.03 12.92
C ALA C 252 7.46 48.89 12.35
N ALA C 253 8.71 48.45 12.52
CA ALA C 253 9.82 49.18 11.91
C ALA C 253 9.69 49.21 10.39
N MET C 254 9.30 48.08 9.80
CA MET C 254 9.11 48.03 8.35
C MET C 254 8.02 48.98 7.90
N GLY C 255 6.89 49.00 8.61
CA GLY C 255 5.81 49.90 8.24
C GLY C 255 6.22 51.36 8.33
N VAL C 256 6.90 51.73 9.42
CA VAL C 256 7.34 53.11 9.60
C VAL C 256 8.33 53.49 8.49
N SER C 257 9.27 52.60 8.20
CA SER C 257 10.26 52.89 7.18
C SER C 257 9.62 53.04 5.80
N VAL C 258 8.64 52.18 5.48
CA VAL C 258 7.97 52.27 4.19
C VAL C 258 7.19 53.59 4.07
N VAL C 259 6.48 53.97 5.13
CA VAL C 259 5.71 55.21 5.08
C VAL C 259 6.64 56.41 4.92
N GLY C 260 7.73 56.44 5.69
CA GLY C 260 8.67 57.53 5.57
C GLY C 260 9.34 57.58 4.22
N ALA C 261 9.68 56.41 3.65
CA ALA C 261 10.28 56.36 2.33
C ALA C 261 9.33 56.90 1.28
N VAL C 262 8.05 56.53 1.36
CA VAL C 262 7.07 57.04 0.39
C VAL C 262 6.94 58.55 0.53
N ILE C 263 6.86 59.05 1.77
CA ILE C 263 6.72 60.48 1.98
C ILE C 263 7.92 61.23 1.41
N ALA C 264 9.13 60.71 1.63
CA ALA C 264 10.31 61.30 1.02
C ALA C 264 10.28 61.18 -0.49
N GLY C 265 9.64 60.14 -1.03
CA GLY C 265 9.53 59.95 -2.45
C GLY C 265 8.46 60.77 -3.14
N ILE C 266 7.61 61.46 -2.37
CA ILE C 266 6.70 62.45 -2.94
C ILE C 266 7.26 63.87 -2.78
N ALA C 267 8.58 64.01 -2.65
CA ALA C 267 9.24 65.30 -2.50
C ALA C 267 10.32 65.42 -3.58
N LEU C 268 9.90 65.90 -4.77
CA LEU C 268 10.81 66.15 -5.89
C LEU C 268 11.62 64.92 -6.29
N ALA C 269 11.07 63.74 -6.03
CA ALA C 269 11.75 62.49 -6.39
C ALA C 269 11.63 62.15 -7.87
N PRO C 270 10.45 62.30 -8.50
CA PRO C 270 10.39 62.07 -9.95
C PRO C 270 11.32 62.96 -10.75
N THR C 271 11.58 64.17 -10.28
CA THR C 271 12.53 65.05 -10.95
C THR C 271 13.95 64.51 -10.80
N VAL C 272 14.88 65.11 -11.55
CA VAL C 272 16.28 64.74 -11.56
C VAL C 272 16.46 63.33 -12.10
N ALA C 273 15.92 62.33 -11.39
CA ALA C 273 16.06 60.95 -11.82
C ALA C 273 14.84 60.12 -11.37
N PRO C 274 14.12 59.49 -12.31
CA PRO C 274 12.98 58.66 -11.92
C PRO C 274 13.38 57.32 -11.32
N THR C 275 14.57 56.81 -11.62
CA THR C 275 15.04 55.56 -11.04
C THR C 275 15.32 55.68 -9.55
N THR C 276 15.39 56.90 -9.03
CA THR C 276 15.50 57.06 -7.58
C THR C 276 14.29 56.48 -6.87
N ALA C 277 13.11 56.59 -7.47
CA ALA C 277 11.92 55.95 -6.89
C ALA C 277 12.07 54.43 -6.87
N ALA C 278 12.61 53.84 -7.94
CA ALA C 278 12.82 52.40 -7.97
C ALA C 278 13.82 51.98 -6.89
N ILE C 279 14.90 52.74 -6.72
CA ILE C 279 15.88 52.41 -5.69
C ILE C 279 15.25 52.56 -4.30
N LEU C 280 14.43 53.59 -4.11
CA LEU C 280 13.80 53.83 -2.82
C LEU C 280 12.73 52.81 -2.50
N MET C 281 12.17 52.15 -3.52
CA MET C 281 11.28 51.03 -3.28
C MET C 281 12.06 49.72 -3.07
N LEU C 282 13.23 49.60 -3.69
CA LEU C 282 14.01 48.37 -3.58
C LEU C 282 14.68 48.25 -2.22
N LEU C 283 15.29 49.33 -1.72
CA LEU C 283 16.14 49.21 -0.54
C LEU C 283 15.35 48.88 0.72
N PRO C 284 14.46 49.74 1.23
CA PRO C 284 13.80 49.42 2.51
C PRO C 284 12.99 48.14 2.47
N LEU C 285 12.31 47.86 1.35
CA LEU C 285 11.48 46.67 1.27
C LEU C 285 12.31 45.41 1.51
N SER C 286 13.39 45.24 0.75
CA SER C 286 14.22 44.06 0.90
C SER C 286 14.89 44.02 2.27
N ALA C 287 15.48 45.15 2.68
CA ALA C 287 16.22 45.14 3.94
C ALA C 287 15.32 44.80 5.12
N PHE C 288 14.12 45.38 5.16
CA PHE C 288 13.25 45.18 6.30
C PHE C 288 12.48 43.86 6.22
N GLU C 289 12.24 43.33 5.01
CA GLU C 289 11.73 41.96 4.92
C GLU C 289 12.75 40.98 5.49
N ALA C 290 14.02 41.17 5.16
CA ALA C 290 15.07 40.32 5.75
C ALA C 290 15.13 40.51 7.27
N THR C 291 14.99 41.75 7.73
CA THR C 291 15.00 42.01 9.17
C THR C 291 13.85 41.31 9.87
N THR C 292 12.67 41.31 9.25
CA THR C 292 11.53 40.59 9.82
C THR C 292 11.75 39.09 9.81
N ALA C 293 12.47 38.57 8.81
CA ALA C 293 12.76 37.14 8.79
C ALA C 293 13.81 36.75 9.83
N LEU C 294 14.65 37.69 10.24
CA LEU C 294 15.77 37.37 11.12
C LEU C 294 15.40 36.74 12.46
N PRO C 295 14.42 37.24 13.22
CA PRO C 295 14.21 36.71 14.59
C PRO C 295 13.94 35.23 14.65
N ASP C 296 13.18 34.67 13.69
CA ASP C 296 12.99 33.23 13.65
C ASP C 296 14.31 32.51 13.44
N ALA C 297 15.18 33.08 12.61
CA ALA C 297 16.50 32.50 12.41
C ALA C 297 17.31 32.49 13.70
N ALA C 298 17.24 33.57 14.49
CA ALA C 298 17.95 33.60 15.76
C ALA C 298 17.40 32.57 16.74
N ALA C 299 16.06 32.45 16.80
CA ALA C 299 15.47 31.44 17.67
C ALA C 299 15.89 30.03 17.26
N GLN C 300 15.94 29.77 15.95
CA GLN C 300 16.41 28.48 15.46
C GLN C 300 17.88 28.26 15.81
N LEU C 301 18.69 29.31 15.72
CA LEU C 301 20.08 29.23 16.15
C LEU C 301 20.17 28.71 17.58
N MET C 302 19.44 29.33 18.49
CA MET C 302 19.50 28.92 19.89
C MET C 302 18.99 27.49 20.09
N ARG C 303 17.84 27.18 19.49
CA ARG C 303 17.22 25.87 19.69
C ARG C 303 18.15 24.76 19.21
N SER C 304 18.74 24.92 18.03
CA SER C 304 19.60 23.87 17.52
C SER C 304 20.99 23.91 18.11
N ARG C 305 21.42 25.02 18.69
CA ARG C 305 22.64 24.97 19.51
C ARG C 305 22.42 24.07 20.71
N VAL C 306 21.25 24.19 21.35
CA VAL C 306 20.91 23.29 22.45
C VAL C 306 20.85 21.84 21.96
N ALA C 307 20.21 21.62 20.80
CA ALA C 307 20.11 20.27 20.25
C ALA C 307 21.47 19.67 19.95
N ALA C 308 22.38 20.46 19.35
CA ALA C 308 23.71 19.97 19.03
C ALA C 308 24.51 19.67 20.30
N ARG C 309 24.34 20.50 21.34
CA ARG C 309 24.99 20.20 22.62
C ARG C 309 24.52 18.86 23.17
N ARG C 310 23.21 18.62 23.12
CA ARG C 310 22.68 17.34 23.58
C ARG C 310 23.23 16.17 22.77
N LEU C 311 23.29 16.34 21.44
CA LEU C 311 23.82 15.28 20.60
C LEU C 311 25.27 14.99 20.91
N LEU C 312 26.10 16.03 21.08
CA LEU C 312 27.50 15.80 21.39
C LEU C 312 27.66 15.11 22.74
N GLU C 313 26.88 15.52 23.74
CA GLU C 313 26.96 14.83 25.02
C GLU C 313 26.45 13.40 24.94
N LEU C 314 25.61 13.09 23.94
CA LEU C 314 25.23 11.70 23.72
C LEU C 314 26.34 10.89 23.08
N THR C 315 27.05 11.47 22.11
CA THR C 315 28.08 10.72 21.39
C THR C 315 29.25 10.35 22.30
N THR C 316 29.70 11.27 23.14
CA THR C 316 30.86 11.05 24.01
C THR C 316 30.44 11.08 25.48
N PRO C 317 30.18 9.94 26.09
CA PRO C 317 29.88 9.90 27.52
C PRO C 317 31.13 9.61 28.35
N THR C 318 31.00 9.85 29.66
CA THR C 318 32.10 9.57 30.56
C THR C 318 32.25 8.06 30.77
N PRO C 319 33.46 7.53 30.71
CA PRO C 319 33.65 6.10 30.89
C PRO C 319 33.40 5.65 32.32
N LEU C 320 33.02 4.40 32.48
CA LEU C 320 32.87 3.79 33.78
C LEU C 320 34.22 3.23 34.23
N ARG C 321 34.21 2.43 35.30
CA ARG C 321 35.43 1.79 35.76
C ARG C 321 35.87 0.72 34.76
N SER C 322 37.11 0.27 34.91
CA SER C 322 37.70 -0.71 34.00
C SER C 322 37.65 -2.09 34.63
N ARG C 323 37.37 -3.09 33.81
CA ARG C 323 37.35 -4.47 34.29
C ARG C 323 38.75 -4.88 34.74
N PRO C 324 38.86 -5.69 35.79
CA PRO C 324 40.18 -6.04 36.33
C PRO C 324 41.03 -6.81 35.32
N ASP C 325 42.34 -6.63 35.43
CA ASP C 325 43.26 -7.42 34.63
C ASP C 325 43.17 -8.89 35.02
N VAL C 326 43.35 -9.77 34.04
CA VAL C 326 43.25 -11.21 34.23
C VAL C 326 44.49 -11.88 33.67
N ALA C 327 44.78 -13.07 34.20
CA ALA C 327 45.95 -13.81 33.78
C ALA C 327 45.79 -14.30 32.34
N THR C 328 46.87 -14.18 31.57
CA THR C 328 46.86 -14.65 30.19
C THR C 328 46.78 -16.17 30.14
N VAL C 329 46.00 -16.69 29.19
CA VAL C 329 45.81 -18.12 29.02
C VAL C 329 46.25 -18.50 27.61
N ASP C 330 47.14 -19.48 27.52
CA ASP C 330 47.60 -19.97 26.23
C ASP C 330 46.58 -20.96 25.67
N LEU C 331 46.26 -20.79 24.39
CA LEU C 331 45.25 -21.62 23.73
C LEU C 331 45.88 -22.36 22.56
N ALA C 332 45.39 -23.58 22.32
CA ALA C 332 45.84 -24.41 21.22
C ALA C 332 44.72 -24.59 20.20
N PRO C 333 45.05 -24.75 18.92
CA PRO C 333 44.01 -24.90 17.90
C PRO C 333 43.30 -26.24 17.97
N GLY C 334 42.34 -26.36 18.89
CA GLY C 334 41.62 -27.60 19.09
C GLY C 334 41.43 -27.91 20.56
N ASP C 335 41.85 -26.99 21.42
CA ASP C 335 41.76 -27.18 22.85
C ASP C 335 40.33 -26.97 23.34
N ARG C 336 40.05 -27.51 24.53
CA ARG C 336 38.79 -27.30 25.22
C ARG C 336 39.09 -26.76 26.61
N LEU C 337 38.41 -25.69 27.00
CA LEU C 337 38.67 -25.02 28.26
C LEU C 337 37.39 -24.89 29.07
N ALA C 338 37.53 -24.87 30.39
CA ALA C 338 36.43 -24.89 31.33
C ALA C 338 36.62 -23.85 32.42
N VAL C 339 36.89 -22.61 32.03
CA VAL C 339 37.07 -21.49 32.96
C VAL C 339 35.93 -21.47 33.98
N VAL C 340 36.28 -21.53 35.26
CA VAL C 340 35.30 -21.57 36.34
C VAL C 340 35.74 -20.58 37.41
N GLY C 341 34.96 -20.52 38.49
CA GLY C 341 35.25 -19.64 39.60
C GLY C 341 33.99 -19.14 40.27
N PRO C 342 34.16 -18.27 41.28
CA PRO C 342 32.98 -17.69 41.95
C PRO C 342 32.22 -16.71 41.06
N SER C 343 31.18 -16.10 41.61
CA SER C 343 30.26 -15.27 40.84
C SER C 343 30.72 -13.81 40.73
N GLY C 344 31.97 -13.53 41.05
CA GLY C 344 32.49 -12.19 40.86
C GLY C 344 33.95 -12.19 40.45
N SER C 345 34.46 -13.36 40.07
CA SER C 345 35.89 -13.54 39.86
C SER C 345 36.38 -12.91 38.56
N GLY C 346 35.60 -12.96 37.49
CA GLY C 346 36.03 -12.38 36.24
C GLY C 346 36.18 -13.36 35.09
N LYS C 347 35.33 -14.38 35.04
CA LYS C 347 35.37 -15.34 33.94
C LYS C 347 35.03 -14.67 32.61
N THR C 348 33.99 -13.83 32.58
CA THR C 348 33.66 -13.10 31.36
C THR C 348 34.79 -12.16 30.96
N THR C 349 35.41 -11.51 31.94
CA THR C 349 36.55 -10.65 31.66
C THR C 349 37.69 -11.43 31.03
N MET C 350 37.96 -12.63 31.55
CA MET C 350 39.02 -13.45 30.96
C MET C 350 38.66 -13.92 29.55
N LEU C 351 37.39 -14.26 29.33
CA LEU C 351 36.96 -14.63 27.98
C LEU C 351 37.19 -13.49 27.00
N MET C 352 36.81 -12.27 27.40
CA MET C 352 37.00 -11.12 26.52
C MET C 352 38.48 -10.82 26.32
N ALA C 353 39.31 -11.00 27.35
CA ALA C 353 40.74 -10.78 27.20
C ALA C 353 41.34 -11.80 26.24
N ILE C 354 40.92 -13.06 26.34
CA ILE C 354 41.40 -14.09 25.43
C ILE C 354 41.00 -13.76 23.99
N ALA C 355 39.75 -13.33 23.80
CA ALA C 355 39.31 -12.96 22.46
C ALA C 355 40.10 -11.78 21.91
N ASP C 356 40.38 -10.78 22.75
CA ASP C 356 41.15 -9.63 22.32
C ASP C 356 42.58 -10.04 21.95
N ARG C 357 43.18 -10.93 22.73
CA ARG C 357 44.52 -11.43 22.42
C ARG C 357 44.53 -12.17 21.09
N LEU C 358 43.54 -13.04 20.88
CA LEU C 358 43.52 -13.84 19.65
C LEU C 358 43.26 -12.99 18.42
N ASN C 359 42.33 -12.02 18.53
CA ASN C 359 42.01 -11.19 17.38
C ASN C 359 43.19 -10.28 17.02
N GLY C 360 44.00 -9.90 17.99
CA GLY C 360 45.16 -9.05 17.71
C GLY C 360 44.79 -7.68 17.18
N ALA C 361 43.75 -7.06 17.76
CA ALA C 361 43.29 -5.73 17.37
C ALA C 361 42.92 -5.68 15.89
N GLY C 362 42.76 -4.48 15.36
CA GLY C 362 42.42 -4.32 13.96
C GLY C 362 43.59 -4.62 13.04
N GLY C 363 43.25 -4.79 11.76
CA GLY C 363 44.24 -5.08 10.73
C GLY C 363 44.15 -6.48 10.14
N GLU C 364 43.23 -7.31 10.61
CA GLU C 364 43.04 -8.65 10.08
C GLU C 364 41.57 -8.87 9.77
N THR C 365 41.30 -9.44 8.60
CA THR C 365 39.93 -9.70 8.17
C THR C 365 39.31 -10.92 8.84
N PRO C 366 39.96 -12.11 8.86
CA PRO C 366 39.28 -13.29 9.41
C PRO C 366 39.36 -13.33 10.94
N GLN C 367 38.41 -12.67 11.60
CA GLN C 367 38.34 -12.62 13.05
C GLN C 367 38.46 -14.02 13.64
N ARG C 368 39.50 -14.23 14.44
CA ARG C 368 39.80 -15.58 14.94
C ARG C 368 38.83 -16.01 16.03
N ALA C 369 38.48 -15.10 16.94
CA ALA C 369 37.70 -15.44 18.12
C ALA C 369 36.49 -14.53 18.24
N ALA C 370 35.43 -15.08 18.83
CA ALA C 370 34.22 -14.32 19.12
C ALA C 370 33.65 -14.79 20.45
N VAL C 371 33.18 -13.84 21.25
CA VAL C 371 32.56 -14.14 22.55
C VAL C 371 31.05 -14.10 22.36
N PHE C 372 30.39 -15.18 22.80
CA PHE C 372 28.93 -15.26 22.77
C PHE C 372 28.44 -15.03 24.20
N ALA C 373 28.24 -13.77 24.54
CA ALA C 373 27.89 -13.39 25.91
C ALA C 373 26.49 -13.89 26.26
N GLU C 374 26.29 -14.12 27.56
CA GLU C 374 25.03 -14.72 28.02
C GLU C 374 23.86 -13.78 27.77
N ASP C 375 24.08 -12.46 27.88
CA ASP C 375 23.04 -11.47 27.69
C ASP C 375 22.97 -10.97 26.24
N ALA C 376 23.33 -11.82 25.28
CA ALA C 376 23.26 -11.43 23.88
C ALA C 376 21.82 -11.10 23.47
N HIS C 377 21.70 -10.25 22.46
CA HIS C 377 20.42 -9.69 22.06
C HIS C 377 19.67 -10.62 21.13
N LEU C 378 18.37 -10.77 21.38
CA LEU C 378 17.43 -11.39 20.46
C LEU C 378 16.61 -10.29 19.81
N PHE C 379 16.78 -10.11 18.50
CA PHE C 379 16.18 -8.99 17.81
C PHE C 379 14.70 -9.25 17.54
N ASP C 380 14.00 -8.19 17.16
CA ASP C 380 12.58 -8.26 16.81
C ASP C 380 12.39 -8.54 15.33
N THR C 381 13.03 -9.61 14.85
CA THR C 381 12.99 -10.00 13.46
C THR C 381 12.77 -11.51 13.40
N THR C 382 12.71 -12.05 12.18
CA THR C 382 12.40 -13.46 12.00
C THR C 382 13.47 -14.34 12.64
N VAL C 383 13.12 -15.61 12.85
CA VAL C 383 14.06 -16.56 13.43
C VAL C 383 15.28 -16.72 12.53
N ARG C 384 15.05 -16.80 11.21
CA ARG C 384 16.16 -16.91 10.27
C ARG C 384 17.06 -15.69 10.34
N ASP C 385 16.47 -14.49 10.38
CA ASP C 385 17.28 -13.28 10.48
C ASP C 385 18.00 -13.19 11.82
N ASN C 386 17.39 -13.71 12.89
CA ASN C 386 18.07 -13.75 14.18
C ASN C 386 19.27 -14.67 14.14
N LEU C 387 19.15 -15.81 13.45
CA LEU C 387 20.27 -16.74 13.33
C LEU C 387 21.33 -16.28 12.34
N LEU C 388 20.96 -15.45 11.36
CA LEU C 388 21.89 -15.01 10.32
C LEU C 388 22.71 -13.80 10.73
N VAL C 389 22.53 -13.28 11.95
CA VAL C 389 23.34 -12.16 12.38
C VAL C 389 24.81 -12.52 12.54
N VAL C 390 25.13 -13.81 12.57
CA VAL C 390 26.50 -14.26 12.73
C VAL C 390 27.10 -14.55 11.36
N ARG C 391 26.48 -15.47 10.62
CA ARG C 391 26.90 -15.82 9.27
C ARG C 391 25.74 -15.54 8.33
N GLY C 392 25.94 -14.61 7.39
CA GLY C 392 24.88 -14.19 6.50
C GLY C 392 24.64 -15.07 5.29
N ASP C 393 25.51 -16.05 5.06
CA ASP C 393 25.43 -16.92 3.88
C ASP C 393 25.18 -18.37 4.30
N ALA C 394 24.27 -18.56 5.24
CA ALA C 394 23.90 -19.89 5.73
C ALA C 394 22.57 -20.29 5.14
N THR C 395 22.53 -21.47 4.50
CA THR C 395 21.31 -21.96 3.89
C THR C 395 20.32 -22.41 4.96
N ASP C 396 19.05 -22.51 4.57
CA ASP C 396 18.01 -22.89 5.51
C ASP C 396 18.20 -24.31 6.03
N THR C 397 18.82 -25.19 5.24
CA THR C 397 19.09 -26.54 5.72
C THR C 397 20.04 -26.52 6.92
N GLU C 398 21.08 -25.69 6.86
CA GLU C 398 22.00 -25.57 7.99
C GLU C 398 21.31 -25.00 9.21
N LEU C 399 20.45 -23.99 9.01
CA LEU C 399 19.72 -23.41 10.13
C LEU C 399 18.82 -24.44 10.78
N VAL C 400 18.10 -25.22 9.98
CA VAL C 400 17.19 -26.23 10.53
C VAL C 400 17.97 -27.33 11.24
N ALA C 401 19.12 -27.72 10.68
CA ALA C 401 19.94 -28.73 11.35
C ALA C 401 20.45 -28.23 12.70
N ALA C 402 20.91 -26.98 12.75
CA ALA C 402 21.38 -26.43 14.02
C ALA C 402 20.25 -26.34 15.04
N LEU C 403 19.07 -25.88 14.60
CA LEU C 403 17.93 -25.77 15.51
C LEU C 403 17.52 -27.14 16.03
N ASP C 404 17.53 -28.16 15.16
CA ASP C 404 17.18 -29.50 15.58
C ASP C 404 18.20 -30.07 16.56
N ARG C 405 19.48 -29.78 16.34
CA ARG C 405 20.51 -30.36 17.20
C ARG C 405 20.69 -29.60 18.51
N VAL C 406 20.17 -28.37 18.63
CA VAL C 406 20.17 -27.68 19.92
C VAL C 406 18.89 -27.91 20.70
N GLY C 407 17.96 -28.72 20.19
CA GLY C 407 16.75 -29.05 20.91
C GLY C 407 15.53 -28.22 20.57
N LEU C 408 15.55 -27.49 19.46
CA LEU C 408 14.43 -26.63 19.06
C LEU C 408 13.72 -27.13 17.81
N GLY C 409 13.84 -28.43 17.51
CA GLY C 409 13.14 -28.96 16.35
C GLY C 409 11.63 -28.94 16.52
N GLU C 410 11.15 -29.37 17.70
CA GLU C 410 9.71 -29.36 17.96
C GLU C 410 9.18 -27.95 18.12
N TRP C 411 9.99 -27.04 18.68
CA TRP C 411 9.59 -25.65 18.76
C TRP C 411 9.43 -25.04 17.37
N LEU C 412 10.38 -25.34 16.48
CA LEU C 412 10.30 -24.81 15.12
C LEU C 412 9.15 -25.43 14.33
N ALA C 413 8.85 -26.71 14.56
CA ALA C 413 7.75 -27.35 13.85
C ALA C 413 6.41 -26.72 14.21
N GLY C 414 6.27 -26.18 15.41
CA GLY C 414 5.06 -25.54 15.85
C GLY C 414 4.96 -24.06 15.56
N LEU C 415 5.94 -23.49 14.87
CA LEU C 415 5.90 -22.07 14.55
C LEU C 415 4.97 -21.83 13.36
N PRO C 416 4.16 -20.77 13.40
CA PRO C 416 3.22 -20.53 12.29
C PRO C 416 3.90 -20.36 10.94
N ASP C 417 5.07 -19.73 10.88
CA ASP C 417 5.78 -19.49 9.64
C ASP C 417 7.15 -20.17 9.62
N GLY C 418 7.38 -21.14 10.48
CA GLY C 418 8.67 -21.82 10.49
C GLY C 418 9.79 -20.86 10.80
N LEU C 419 10.79 -20.79 9.91
CA LEU C 419 11.92 -19.89 10.09
C LEU C 419 11.57 -18.44 9.82
N SER C 420 10.33 -18.14 9.42
CA SER C 420 9.91 -16.79 9.09
C SER C 420 9.03 -16.17 10.17
N THR C 421 8.90 -16.81 11.32
CA THR C 421 8.12 -16.24 12.41
C THR C 421 8.82 -15.00 12.96
N VAL C 422 8.05 -13.93 13.18
CA VAL C 422 8.62 -12.61 13.39
C VAL C 422 9.25 -12.44 14.77
N LEU C 423 8.85 -13.23 15.76
CA LEU C 423 9.37 -13.10 17.14
C LEU C 423 9.15 -11.69 17.67
N VAL C 424 7.88 -11.33 17.82
CA VAL C 424 7.51 -9.99 18.27
C VAL C 424 7.90 -9.83 19.73
N GLY C 425 8.74 -8.83 20.01
CA GLY C 425 9.23 -8.58 21.34
C GLY C 425 10.65 -9.03 21.60
N GLY C 426 11.24 -9.80 20.70
CA GLY C 426 12.58 -10.31 20.88
C GLY C 426 12.65 -11.46 21.85
N ALA C 427 13.28 -11.25 23.00
CA ALA C 427 13.34 -12.28 24.03
C ALA C 427 12.01 -12.51 24.73
N ALA C 428 11.03 -11.63 24.51
CA ALA C 428 9.71 -11.79 25.11
C ALA C 428 8.81 -12.74 24.34
N ALA C 429 9.20 -13.12 23.12
CA ALA C 429 8.40 -14.02 22.30
C ALA C 429 8.79 -15.49 22.47
N VAL C 430 9.76 -15.78 23.33
CA VAL C 430 10.23 -17.13 23.59
C VAL C 430 10.35 -17.32 25.09
N SER C 431 10.86 -18.51 25.48
CA SER C 431 11.07 -18.83 26.91
C SER C 431 12.57 -18.78 27.20
N ALA C 432 12.97 -18.76 28.45
CA ALA C 432 14.37 -18.59 28.84
C ALA C 432 15.24 -19.70 28.25
N GLY C 433 14.81 -20.95 28.41
CA GLY C 433 15.57 -22.06 27.85
C GLY C 433 15.61 -22.04 26.33
N GLN C 434 14.48 -21.67 25.71
CA GLN C 434 14.45 -21.56 24.26
C GLN C 434 15.38 -20.46 23.76
N ARG C 435 15.43 -19.33 24.46
CA ARG C 435 16.36 -18.27 24.09
C ARG C 435 17.81 -18.73 24.26
N ARG C 436 18.10 -19.45 25.35
CA ARG C 436 19.45 -19.99 25.53
C ARG C 436 19.82 -20.93 24.40
N ARG C 437 18.90 -21.81 24.00
CA ARG C 437 19.16 -22.72 22.89
C ARG C 437 19.35 -21.97 21.59
N LEU C 438 18.60 -20.88 21.39
CA LEU C 438 18.78 -20.05 20.20
C LEU C 438 20.18 -19.44 20.16
N LEU C 439 20.67 -18.97 21.32
CA LEU C 439 22.03 -18.43 21.36
C LEU C 439 23.08 -19.52 21.09
N ILE C 440 22.84 -20.73 21.62
CA ILE C 440 23.74 -21.84 21.32
C ILE C 440 23.73 -22.16 19.83
N ALA C 441 22.56 -22.09 19.20
CA ALA C 441 22.48 -22.32 17.76
C ALA C 441 23.22 -21.23 16.99
N ARG C 442 23.12 -19.98 17.44
CA ARG C 442 23.93 -18.91 16.87
C ARG C 442 25.41 -19.26 16.92
N ALA C 443 25.86 -19.75 18.08
CA ALA C 443 27.27 -20.12 18.21
C ALA C 443 27.63 -21.26 17.27
N LEU C 444 26.74 -22.25 17.13
CA LEU C 444 27.01 -23.40 16.26
C LEU C 444 27.11 -22.99 14.80
N ILE C 445 26.21 -22.09 14.35
CA ILE C 445 26.19 -21.69 12.95
C ILE C 445 27.44 -20.91 12.58
N SER C 446 28.08 -20.26 13.57
CA SER C 446 29.24 -19.41 13.32
C SER C 446 30.36 -20.19 12.64
N ALA C 447 31.28 -19.44 12.01
CA ALA C 447 32.44 -20.00 11.34
C ALA C 447 33.74 -19.58 12.02
N PHE C 448 33.67 -19.09 13.25
CA PHE C 448 34.86 -18.63 13.94
C PHE C 448 35.73 -19.81 14.35
N PRO C 449 37.04 -19.76 14.11
CA PRO C 449 37.91 -20.86 14.57
C PRO C 449 37.87 -21.07 16.07
N VAL C 450 37.74 -19.98 16.85
CA VAL C 450 37.68 -20.05 18.31
C VAL C 450 36.32 -19.52 18.75
N VAL C 451 35.61 -20.30 19.54
CA VAL C 451 34.30 -19.93 20.06
C VAL C 451 34.40 -19.86 21.58
N LEU C 452 34.05 -18.70 22.14
CA LEU C 452 34.11 -18.47 23.58
C LEU C 452 32.68 -18.30 24.09
N LEU C 453 32.19 -19.28 24.83
CA LEU C 453 30.82 -19.29 25.31
C LEU C 453 30.77 -18.88 26.78
N ASP C 454 29.77 -18.08 27.13
CA ASP C 454 29.61 -17.52 28.47
C ASP C 454 28.34 -18.08 29.09
N GLN C 455 28.50 -19.01 30.03
CA GLN C 455 27.39 -19.66 30.72
C GLN C 455 26.36 -20.16 29.72
N PRO C 456 26.70 -21.15 28.87
CA PRO C 456 25.80 -21.54 27.79
C PRO C 456 24.68 -22.47 28.21
N THR C 457 24.73 -23.06 29.40
CA THR C 457 23.70 -24.00 29.86
C THR C 457 22.89 -23.44 31.01
N GLU C 458 22.68 -22.12 31.03
CA GLU C 458 21.83 -21.49 32.03
C GLU C 458 20.38 -21.54 31.58
N ASN C 459 19.48 -21.74 32.53
CA ASN C 459 18.03 -21.83 32.29
C ASN C 459 17.68 -23.02 31.40
N LEU C 460 18.57 -24.00 31.28
CA LEU C 460 18.31 -25.16 30.45
C LEU C 460 17.63 -26.26 31.25
N ASP C 461 17.18 -27.28 30.53
CA ASP C 461 16.44 -28.38 31.12
C ASP C 461 17.33 -29.23 32.01
N ALA C 462 16.69 -29.92 32.96
CA ALA C 462 17.43 -30.82 33.85
C ALA C 462 18.06 -31.97 33.07
N GLY C 463 17.32 -32.53 32.11
CA GLY C 463 17.82 -33.63 31.31
C GLY C 463 18.67 -33.27 30.13
N ASP C 464 18.81 -31.98 29.81
CA ASP C 464 19.57 -31.55 28.65
C ASP C 464 20.77 -30.68 28.99
N ALA C 465 20.83 -30.08 30.18
CA ALA C 465 21.92 -29.16 30.50
C ALA C 465 23.26 -29.89 30.57
N ARG C 466 23.31 -30.98 31.33
CA ARG C 466 24.58 -31.69 31.51
C ARG C 466 25.07 -32.28 30.19
N GLN C 467 24.16 -32.88 29.42
CA GLN C 467 24.55 -33.44 28.12
C GLN C 467 25.05 -32.35 27.18
N MET C 468 24.37 -31.20 27.16
CA MET C 468 24.80 -30.11 26.30
C MET C 468 26.18 -29.58 26.71
N LEU C 469 26.42 -29.43 28.00
CA LEU C 469 27.72 -28.96 28.46
C LEU C 469 28.82 -29.96 28.12
N GLU C 470 28.56 -31.25 28.36
CA GLU C 470 29.55 -32.27 28.02
C GLU C 470 29.83 -32.29 26.52
N GLY C 471 28.79 -32.16 25.70
CA GLY C 471 29.00 -32.10 24.27
C GLY C 471 29.77 -30.87 23.83
N LEU C 472 29.53 -29.74 24.49
CA LEU C 472 30.31 -28.54 24.20
C LEU C 472 31.77 -28.75 24.53
N LEU C 473 32.06 -29.41 25.65
CA LEU C 473 33.44 -29.65 26.05
C LEU C 473 33.99 -30.98 25.51
N THR C 474 33.21 -31.71 24.73
CA THR C 474 33.71 -32.91 24.04
C THR C 474 34.28 -32.52 22.69
N PRO C 475 35.51 -32.94 22.36
CA PRO C 475 36.16 -32.43 21.14
C PRO C 475 35.55 -32.92 19.84
N GLY C 476 34.42 -33.62 19.89
CA GLY C 476 33.81 -34.10 18.66
C GLY C 476 32.29 -34.15 18.64
N ALA C 477 31.64 -33.55 19.64
CA ALA C 477 30.20 -33.69 19.76
C ALA C 477 29.43 -32.60 19.01
N LEU C 478 29.66 -31.33 19.36
CA LEU C 478 29.02 -30.21 18.69
C LEU C 478 30.00 -29.39 17.87
N PHE C 479 31.15 -29.04 18.43
CA PHE C 479 32.24 -28.42 17.69
C PHE C 479 33.32 -29.47 17.46
N ALA C 480 33.69 -29.69 16.21
CA ALA C 480 34.49 -30.84 15.81
C ALA C 480 35.91 -30.44 15.44
N ALA C 481 36.88 -31.17 15.98
CA ALA C 481 38.26 -31.16 15.52
C ALA C 481 38.95 -29.81 15.66
N ASP C 482 39.01 -29.04 14.57
CA ASP C 482 39.86 -27.87 14.48
C ASP C 482 39.25 -26.61 15.10
N ARG C 483 38.26 -26.75 15.98
CA ARG C 483 37.63 -25.62 16.63
C ARG C 483 37.99 -25.61 18.10
N THR C 484 38.50 -24.46 18.57
CA THR C 484 38.75 -24.26 19.98
C THR C 484 37.50 -23.71 20.66
N VAL C 485 37.14 -24.32 21.79
CA VAL C 485 35.94 -23.92 22.53
C VAL C 485 36.36 -23.61 23.96
N VAL C 486 36.05 -22.41 24.41
CA VAL C 486 36.27 -21.97 25.79
C VAL C 486 34.93 -21.69 26.41
N VAL C 487 34.62 -22.36 27.52
CA VAL C 487 33.32 -22.26 28.16
C VAL C 487 33.53 -21.80 29.61
N ALA C 488 32.91 -20.67 29.95
CA ALA C 488 32.87 -20.18 31.32
C ALA C 488 31.55 -20.63 31.93
N THR C 489 31.62 -21.53 32.90
CA THR C 489 30.43 -22.20 33.39
C THR C 489 30.42 -22.24 34.91
N HIS C 490 29.23 -22.45 35.47
CA HIS C 490 29.03 -22.59 36.90
C HIS C 490 28.61 -23.99 37.31
N HIS C 491 28.31 -24.87 36.37
CA HIS C 491 27.77 -26.20 36.65
C HIS C 491 28.60 -27.28 35.99
N LEU C 492 29.92 -27.20 36.12
CA LEU C 492 30.79 -28.25 35.62
C LEU C 492 30.58 -29.52 36.44
N PRO C 493 30.35 -30.68 35.81
CA PRO C 493 30.13 -31.89 36.58
C PRO C 493 31.35 -32.24 37.40
N PRO C 494 31.16 -32.80 38.60
CA PRO C 494 32.33 -33.15 39.43
C PRO C 494 33.27 -34.14 38.77
N GLY C 495 32.74 -35.11 38.03
CA GLY C 495 33.59 -36.04 37.30
C GLY C 495 33.59 -35.78 35.82
N PHE C 496 34.65 -35.16 35.31
CA PHE C 496 34.72 -34.78 33.91
C PHE C 496 36.19 -34.64 33.52
N ASP C 497 36.43 -33.99 32.38
CA ASP C 497 37.76 -33.87 31.80
C ASP C 497 38.02 -32.43 31.39
N CYS C 498 39.08 -32.21 30.59
CA CYS C 498 39.50 -30.94 30.00
C CYS C 498 40.05 -29.99 31.05
N PRO C 499 41.00 -29.13 30.68
CA PRO C 499 41.67 -28.28 31.68
C PRO C 499 40.73 -27.26 32.31
N ILE C 500 41.09 -26.84 33.52
CA ILE C 500 40.33 -25.86 34.28
C ILE C 500 41.23 -24.65 34.53
N VAL C 501 40.66 -23.45 34.38
CA VAL C 501 41.39 -22.21 34.55
C VAL C 501 40.71 -21.41 35.65
N ARG C 502 40.25 -22.10 36.69
CA ARG C 502 39.49 -21.48 37.78
C ARG C 502 40.12 -20.17 38.24
N CYS C 503 39.26 -19.21 38.54
CA CYS C 503 39.67 -17.87 38.96
C CYS C 503 39.58 -17.74 40.48
N THR C 504 39.81 -16.54 40.98
CA THR C 504 39.75 -16.27 42.41
C THR C 504 38.83 -15.10 42.72
N SER D 1 -12.32 33.14 24.09
CA SER D 1 -12.36 31.94 23.27
C SER D 1 -11.94 32.24 21.83
N TYR D 2 -12.16 31.27 20.94
CA TYR D 2 -11.88 31.49 19.52
C TYR D 2 -12.79 32.56 18.94
N PHE D 3 -14.07 32.55 19.33
CA PHE D 3 -15.06 33.38 18.68
C PHE D 3 -14.78 34.87 18.90
N GLN D 4 -14.54 35.27 20.15
CA GLN D 4 -14.34 36.69 20.44
C GLN D 4 -13.09 37.22 19.76
N SER D 5 -11.97 36.50 19.87
CA SER D 5 -10.73 36.95 19.25
C SER D 5 -10.84 36.99 17.74
N ASN D 6 -11.48 35.99 17.14
CA ASN D 6 -11.62 35.97 15.69
C ASN D 6 -12.56 37.07 15.20
N VAL D 7 -13.61 37.37 15.97
CA VAL D 7 -14.49 38.48 15.62
C VAL D 7 -13.71 39.79 15.67
N VAL D 8 -12.89 39.97 16.70
CA VAL D 8 -12.07 41.19 16.80
C VAL D 8 -11.13 41.29 15.61
N ILE D 9 -10.47 40.18 15.25
CA ILE D 9 -9.51 40.21 14.15
C ILE D 9 -10.21 40.53 12.84
N ALA D 10 -11.34 39.89 12.57
CA ALA D 10 -12.07 40.13 11.33
C ALA D 10 -12.56 41.57 11.25
N GLY D 11 -13.12 42.08 12.35
CA GLY D 11 -13.57 43.47 12.35
C GLY D 11 -12.44 44.44 12.13
N CYS D 12 -11.29 44.19 12.77
CA CYS D 12 -10.13 45.06 12.59
C CYS D 12 -9.66 45.04 11.14
N THR D 13 -9.61 43.85 10.53
CA THR D 13 -9.16 43.76 9.14
C THR D 13 -10.10 44.49 8.20
N ILE D 14 -11.41 44.29 8.37
CA ILE D 14 -12.39 44.95 7.50
C ILE D 14 -12.31 46.46 7.67
N ALA D 15 -12.25 46.93 8.92
CA ALA D 15 -12.21 48.36 9.17
C ALA D 15 -10.92 48.97 8.63
N SER D 16 -9.79 48.28 8.77
CA SER D 16 -8.54 48.79 8.24
C SER D 16 -8.60 48.90 6.73
N ALA D 17 -9.15 47.88 6.05
CA ALA D 17 -9.27 47.94 4.60
C ALA D 17 -10.16 49.10 4.17
N VAL D 18 -11.30 49.27 4.83
CA VAL D 18 -12.22 50.34 4.46
C VAL D 18 -11.58 51.71 4.70
N VAL D 19 -10.90 51.87 5.83
CA VAL D 19 -10.27 53.14 6.16
C VAL D 19 -9.17 53.46 5.17
N LEU D 20 -8.34 52.47 4.82
CA LEU D 20 -7.28 52.70 3.84
C LEU D 20 -7.87 53.08 2.49
N ALA D 21 -8.93 52.39 2.06
CA ALA D 21 -9.54 52.71 0.77
C ALA D 21 -10.08 54.14 0.77
N HIS D 22 -10.76 54.54 1.84
CA HIS D 22 -11.29 55.90 1.93
C HIS D 22 -10.17 56.92 1.94
N ILE D 23 -9.06 56.62 2.64
CA ILE D 23 -7.96 57.57 2.71
C ILE D 23 -7.33 57.77 1.34
N VAL D 24 -7.09 56.68 0.60
CA VAL D 24 -6.51 56.83 -0.73
C VAL D 24 -7.48 57.51 -1.66
N ALA D 25 -8.78 57.24 -1.52
CA ALA D 25 -9.76 57.92 -2.37
C ALA D 25 -9.76 59.42 -2.11
N GLY D 26 -9.71 59.83 -0.84
CA GLY D 26 -9.64 61.25 -0.53
C GLY D 26 -8.36 61.89 -1.02
N ILE D 27 -7.24 61.18 -0.91
CA ILE D 27 -5.97 61.72 -1.39
C ILE D 27 -5.99 61.89 -2.90
N ILE D 28 -6.57 60.92 -3.62
CA ILE D 28 -6.63 61.01 -5.08
C ILE D 28 -7.56 62.14 -5.51
N THR D 29 -8.75 62.22 -4.90
CA THR D 29 -9.70 63.27 -5.25
C THR D 29 -9.22 64.65 -4.82
N ASN D 30 -8.32 64.72 -3.83
CA ASN D 30 -7.73 65.98 -3.36
C ASN D 30 -6.22 65.81 -3.38
N PRO D 31 -5.59 65.88 -4.55
CA PRO D 31 -4.16 65.56 -4.66
C PRO D 31 -3.27 66.42 -3.77
N ALA D 32 -3.33 67.73 -3.94
CA ALA D 32 -2.48 68.65 -3.19
C ALA D 32 -3.25 69.56 -2.23
N THR D 33 -4.57 69.40 -2.14
CA THR D 33 -5.39 70.22 -1.27
C THR D 33 -5.63 69.49 0.05
N ALA D 34 -6.53 70.05 0.87
CA ALA D 34 -6.95 69.55 2.18
C ALA D 34 -5.84 69.59 3.22
N LEU D 35 -4.64 70.08 2.88
CA LEU D 35 -3.56 70.18 3.85
C LEU D 35 -3.77 71.40 4.74
N GLY D 36 -3.62 71.21 6.05
CA GLY D 36 -3.80 72.29 7.00
C GLY D 36 -5.14 72.26 7.70
N GLY D 37 -5.55 71.07 8.14
CA GLY D 37 -6.83 70.90 8.81
C GLY D 37 -7.70 69.90 8.11
N GLU D 38 -8.09 68.84 8.83
CA GLU D 38 -8.82 67.71 8.25
C GLU D 38 -8.11 67.17 7.02
N THR D 39 -6.80 66.90 7.18
CA THR D 39 -5.96 66.50 6.07
C THR D 39 -6.36 65.14 5.50
N ASP D 40 -7.05 64.30 6.28
CA ASP D 40 -7.42 62.94 5.91
C ASP D 40 -6.22 62.07 5.58
N TRP D 41 -5.02 62.51 5.95
CA TRP D 41 -3.80 61.74 5.79
C TRP D 41 -3.04 61.57 7.10
N ALA D 42 -3.06 62.57 7.95
CA ALA D 42 -2.47 62.50 9.29
C ALA D 42 -3.37 61.74 10.27
N PRO D 43 -4.66 62.09 10.43
CA PRO D 43 -5.45 61.42 11.48
C PRO D 43 -5.92 60.02 11.10
N GLY D 44 -5.90 59.65 9.82
CA GLY D 44 -6.26 58.29 9.45
C GLY D 44 -5.17 57.29 9.74
N LEU D 45 -3.91 57.72 9.68
CA LEU D 45 -2.81 56.82 9.97
C LEU D 45 -2.82 56.36 11.42
N VAL D 46 -3.23 57.23 12.35
CA VAL D 46 -3.28 56.82 13.74
C VAL D 46 -4.37 55.77 13.96
N ALA D 47 -5.51 55.91 13.26
CA ALA D 47 -6.55 54.90 13.35
C ALA D 47 -6.08 53.58 12.74
N LEU D 48 -5.37 53.65 11.61
CA LEU D 48 -4.83 52.44 11.00
C LEU D 48 -3.86 51.73 11.94
N ALA D 49 -2.97 52.50 12.57
CA ALA D 49 -2.00 51.91 13.50
C ALA D 49 -2.70 51.33 14.72
N VAL D 50 -3.72 52.00 15.24
CA VAL D 50 -4.46 51.49 16.39
C VAL D 50 -5.14 50.17 16.04
N LEU D 51 -5.77 50.10 14.87
CA LEU D 51 -6.40 48.86 14.44
C LEU D 51 -5.39 47.74 14.28
N TRP D 52 -4.22 48.06 13.70
CA TRP D 52 -3.17 47.05 13.56
C TRP D 52 -2.70 46.54 14.92
N SER D 53 -2.52 47.45 15.88
CA SER D 53 -2.10 47.05 17.22
C SER D 53 -3.15 46.16 17.90
N VAL D 54 -4.42 46.53 17.75
CA VAL D 54 -5.49 45.71 18.35
C VAL D 54 -5.50 44.32 17.74
N ARG D 55 -5.34 44.24 16.41
CA ARG D 55 -5.29 42.93 15.75
C ARG D 55 -4.11 42.11 16.25
N VAL D 56 -2.95 42.73 16.41
CA VAL D 56 -1.77 42.01 16.90
C VAL D 56 -2.01 41.49 18.31
N VAL D 57 -2.60 42.32 19.18
CA VAL D 57 -2.86 41.90 20.55
C VAL D 57 -3.83 40.72 20.58
N ALA D 58 -4.89 40.80 19.76
CA ALA D 58 -5.86 39.70 19.70
C ALA D 58 -5.20 38.42 19.21
N GLN D 59 -4.32 38.53 18.21
CA GLN D 59 -3.61 37.35 17.71
C GLN D 59 -2.73 36.75 18.79
N TRP D 60 -2.04 37.59 19.56
CA TRP D 60 -1.19 37.09 20.64
C TRP D 60 -2.01 36.33 21.68
N PHE D 61 -3.14 36.91 22.15
CA PHE D 61 -3.94 36.29 23.25
C PHE D 61 -4.79 35.11 22.73
N GLN D 62 -5.22 35.18 21.47
CA GLN D 62 -5.91 33.99 20.90
C GLN D 62 -4.82 32.94 20.70
N GLY D 63 -3.58 33.38 20.48
CA GLY D 63 -2.47 32.41 20.39
C GLY D 63 -2.43 31.68 21.72
N ARG D 64 -2.60 32.41 22.82
CA ARG D 64 -2.66 31.79 24.17
C ARG D 64 -3.81 30.79 24.20
N LEU D 65 -5.01 31.25 23.83
CA LEU D 65 -6.20 30.35 23.86
C LEU D 65 -5.92 29.07 23.06
N SER D 66 -5.11 29.14 21.99
CA SER D 66 -4.86 27.99 21.10
C SER D 66 -3.79 27.06 21.66
N GLN D 67 -2.72 27.62 22.22
CA GLN D 67 -1.60 26.77 22.69
C GLN D 67 -2.01 26.00 23.94
N ARG D 68 -1.95 26.65 25.09
CA ARG D 68 -2.29 25.99 26.35
C ARG D 68 -3.28 24.85 26.13
N GLY D 69 -4.31 25.08 25.31
CA GLY D 69 -5.28 24.03 25.04
C GLY D 69 -4.65 22.83 24.33
N ALA D 70 -3.78 23.09 23.36
CA ALA D 70 -3.11 22.00 22.66
C ALA D 70 -2.25 21.18 23.60
N THR D 71 -1.52 21.84 24.50
CA THR D 71 -0.71 21.12 25.47
C THR D 71 -1.58 20.22 26.34
N ALA D 72 -2.70 20.77 26.84
CA ALA D 72 -3.58 19.98 27.70
C ALA D 72 -4.13 18.77 26.96
N VAL D 73 -4.59 18.96 25.73
CA VAL D 73 -5.20 17.87 24.98
C VAL D 73 -4.16 16.79 24.66
N ILE D 74 -2.96 17.20 24.25
CA ILE D 74 -1.91 16.22 23.93
C ILE D 74 -1.54 15.43 25.17
N GLY D 75 -1.42 16.11 26.31
CA GLY D 75 -1.11 15.39 27.55
C GLY D 75 -2.18 14.39 27.92
N GLU D 76 -3.45 14.78 27.80
CA GLU D 76 -4.53 13.85 28.13
C GLU D 76 -4.53 12.64 27.20
N LEU D 77 -4.32 12.86 25.90
CA LEU D 77 -4.30 11.75 24.96
C LEU D 77 -3.14 10.80 25.23
N SER D 78 -1.96 11.35 25.51
CA SER D 78 -0.81 10.51 25.83
C SER D 78 -1.04 9.71 27.10
N ARG D 79 -1.65 10.34 28.11
CA ARG D 79 -1.95 9.62 29.34
C ARG D 79 -2.94 8.49 29.08
N GLN D 80 -3.96 8.74 28.25
CA GLN D 80 -4.92 7.69 27.92
C GLN D 80 -4.23 6.51 27.23
N VAL D 81 -3.37 6.80 26.25
CA VAL D 81 -2.69 5.73 25.53
C VAL D 81 -1.80 4.92 26.46
N LEU D 82 -1.04 5.61 27.31
CA LEU D 82 -0.15 4.91 28.24
C LEU D 82 -0.93 4.08 29.23
N SER D 83 -2.03 4.62 29.78
CA SER D 83 -2.80 3.87 30.76
C SER D 83 -3.53 2.69 30.14
N SER D 84 -3.84 2.76 28.84
CA SER D 84 -4.54 1.65 28.20
C SER D 84 -3.55 0.55 27.79
N VAL D 85 -2.45 0.93 27.15
CA VAL D 85 -1.55 -0.08 26.59
C VAL D 85 -0.80 -0.82 27.69
N THR D 86 -0.29 -0.09 28.69
CA THR D 86 0.60 -0.69 29.68
C THR D 86 -0.14 -1.60 30.66
N THR D 87 -1.45 -1.47 30.79
CA THR D 87 -2.23 -2.27 31.73
C THR D 87 -2.94 -3.43 31.05
N SER D 88 -2.32 -4.03 30.04
CA SER D 88 -2.87 -5.16 29.32
C SER D 88 -1.98 -6.38 29.51
N SER D 89 -2.38 -7.49 28.89
CA SER D 89 -1.61 -8.71 28.99
C SER D 89 -0.24 -8.53 28.35
N PRO D 90 0.79 -9.21 28.87
CA PRO D 90 2.16 -9.00 28.34
C PRO D 90 2.29 -9.30 26.86
N ARG D 91 1.55 -10.28 26.34
CA ARG D 91 1.65 -10.59 24.91
C ARG D 91 1.08 -9.47 24.06
N ARG D 92 -0.10 -8.95 24.43
CA ARG D 92 -0.66 -7.83 23.70
C ARG D 92 0.22 -6.59 23.82
N LEU D 93 0.79 -6.36 25.01
CA LEU D 93 1.67 -5.23 25.22
C LEU D 93 2.90 -5.33 24.31
N ALA D 94 3.53 -6.50 24.25
CA ALA D 94 4.66 -6.68 23.36
C ALA D 94 4.25 -6.57 21.90
N ALA D 95 3.00 -6.91 21.58
CA ALA D 95 2.53 -6.82 20.21
C ALA D 95 2.38 -5.37 19.76
N ASP D 96 1.76 -4.53 20.59
CA ASP D 96 1.45 -3.17 20.17
C ASP D 96 2.36 -2.11 20.78
N ARG D 97 3.36 -2.50 21.58
CA ARG D 97 4.38 -1.52 21.92
C ARG D 97 5.33 -1.35 20.75
N ASP D 98 6.11 -0.26 20.79
CA ASP D 98 6.94 0.22 19.68
C ASP D 98 6.04 0.83 18.61
N SER D 99 4.72 0.71 18.78
CA SER D 99 3.74 1.47 18.04
C SER D 99 3.00 2.48 18.90
N ALA D 100 2.71 2.13 20.16
CA ALA D 100 2.24 3.12 21.11
C ALA D 100 3.35 4.07 21.50
N ALA D 101 4.59 3.59 21.54
CA ALA D 101 5.72 4.45 21.87
C ALA D 101 5.88 5.56 20.84
N ALA D 102 5.73 5.23 19.56
CA ALA D 102 5.86 6.25 18.52
C ALA D 102 4.77 7.31 18.64
N VAL D 103 3.51 6.90 18.73
CA VAL D 103 2.43 7.88 18.83
C VAL D 103 2.48 8.65 20.14
N VAL D 104 3.12 8.10 21.17
CA VAL D 104 3.19 8.83 22.44
C VAL D 104 4.33 9.82 22.44
N THR D 105 5.48 9.44 21.86
CA THR D 105 6.66 10.30 21.88
C THR D 105 6.68 11.28 20.71
N ARG D 106 6.65 10.78 19.48
CA ARG D 106 6.83 11.61 18.31
C ARG D 106 5.55 11.83 17.49
N GLY D 107 4.46 11.13 17.81
CA GLY D 107 3.26 11.21 17.01
C GLY D 107 2.27 12.25 17.47
N LEU D 108 1.87 12.20 18.74
CA LEU D 108 0.87 13.12 19.27
C LEU D 108 1.37 14.56 19.36
N ASP D 109 2.69 14.79 19.24
CA ASP D 109 3.20 16.14 19.24
C ASP D 109 2.84 16.91 17.97
N GLY D 110 2.39 16.20 16.93
CA GLY D 110 1.96 16.84 15.71
C GLY D 110 0.57 17.42 15.76
N LEU D 111 -0.12 17.26 16.90
CA LEU D 111 -1.43 17.84 17.08
C LEU D 111 -1.39 19.32 17.43
N ARG D 112 -0.21 19.88 17.68
CA ARG D 112 -0.10 21.31 17.98
C ARG D 112 -0.54 22.18 16.81
N PRO D 113 -0.13 21.94 15.56
CA PRO D 113 -0.67 22.76 14.46
C PRO D 113 -2.17 22.65 14.30
N TYR D 114 -2.77 21.55 14.73
CA TYR D 114 -4.22 21.39 14.62
C TYR D 114 -4.95 22.42 15.49
N PHE D 115 -4.45 22.65 16.71
CA PHE D 115 -5.10 23.56 17.64
C PHE D 115 -4.55 24.98 17.56
N THR D 116 -3.37 25.16 16.99
CA THR D 116 -2.69 26.46 17.04
C THR D 116 -2.45 27.01 15.64
N GLY D 117 -3.49 27.00 14.81
CA GLY D 117 -3.35 27.51 13.46
C GLY D 117 -4.21 26.85 12.41
N TYR D 118 -4.90 25.76 12.77
CA TYR D 118 -5.88 25.15 11.87
C TYR D 118 -7.30 25.48 12.30
N LEU D 119 -7.66 25.16 13.54
CA LEU D 119 -8.98 25.54 14.04
C LEU D 119 -9.17 27.05 14.07
N PRO D 120 -8.23 27.86 14.57
CA PRO D 120 -8.41 29.32 14.44
C PRO D 120 -8.54 29.77 13.01
N ALA D 121 -7.81 29.14 12.08
CA ALA D 121 -7.94 29.49 10.67
C ALA D 121 -9.33 29.17 10.16
N VAL D 122 -9.89 28.03 10.55
CA VAL D 122 -11.23 27.65 10.11
C VAL D 122 -12.26 28.63 10.66
N VAL D 123 -12.13 29.00 11.94
CA VAL D 123 -13.08 29.94 12.53
C VAL D 123 -12.98 31.30 11.84
N LEU D 124 -11.77 31.78 11.60
CA LEU D 124 -11.59 33.05 10.92
C LEU D 124 -12.13 33.02 9.51
N ALA D 125 -11.95 31.90 8.81
CA ALA D 125 -12.52 31.77 7.47
C ALA D 125 -14.04 31.80 7.51
N GLY D 126 -14.63 31.15 8.51
CA GLY D 126 -16.08 31.14 8.63
C GLY D 126 -16.66 32.49 9.03
N ILE D 127 -15.87 33.31 9.72
CA ILE D 127 -16.37 34.60 10.19
C ILE D 127 -16.09 35.71 9.16
N LEU D 128 -14.80 35.91 8.83
CA LEU D 128 -14.40 37.08 8.06
C LEU D 128 -14.97 37.06 6.64
N THR D 129 -14.97 35.89 5.99
CA THR D 129 -15.35 35.84 4.58
C THR D 129 -16.78 36.30 4.33
N PRO D 130 -17.81 35.79 5.01
CA PRO D 130 -19.15 36.36 4.80
C PRO D 130 -19.24 37.82 5.18
N ALA D 131 -18.54 38.24 6.23
CA ALA D 131 -18.55 39.64 6.62
C ALA D 131 -17.91 40.52 5.56
N ALA D 132 -16.79 40.09 5.01
CA ALA D 132 -16.15 40.85 3.93
C ALA D 132 -17.05 40.92 2.70
N LEU D 133 -17.71 39.82 2.37
CA LEU D 133 -18.64 39.83 1.24
C LEU D 133 -19.79 40.80 1.49
N VAL D 134 -20.33 40.81 2.71
CA VAL D 134 -21.45 41.70 3.03
C VAL D 134 -21.01 43.15 2.94
N VAL D 135 -19.84 43.48 3.48
CA VAL D 135 -19.38 44.87 3.42
C VAL D 135 -19.12 45.29 1.98
N MET D 136 -18.51 44.42 1.18
CA MET D 136 -18.27 44.75 -0.22
C MET D 136 -19.58 44.95 -0.97
N ALA D 137 -20.57 44.09 -0.71
CA ALA D 137 -21.88 44.24 -1.36
C ALA D 137 -22.55 45.55 -0.94
N ALA D 138 -22.43 45.91 0.32
CA ALA D 138 -22.99 47.18 0.78
C ALA D 138 -22.32 48.36 0.08
N TYR D 139 -20.99 48.31 -0.06
CA TYR D 139 -20.30 49.40 -0.74
C TYR D 139 -20.49 49.34 -2.25
N ASP D 140 -20.40 48.14 -2.82
CA ASP D 140 -20.55 47.97 -4.27
C ASP D 140 -21.02 46.53 -4.52
N TRP D 141 -22.34 46.35 -4.69
CA TRP D 141 -22.90 45.01 -4.78
C TRP D 141 -22.44 44.28 -6.03
N GLN D 142 -22.16 45.01 -7.11
CA GLN D 142 -21.71 44.37 -8.35
C GLN D 142 -20.40 43.63 -8.12
N ALA D 143 -19.47 44.25 -7.39
CA ALA D 143 -18.19 43.61 -7.12
C ALA D 143 -18.37 42.35 -6.29
N ALA D 144 -19.25 42.38 -5.30
CA ALA D 144 -19.46 41.20 -4.46
C ALA D 144 -20.12 40.07 -5.26
N ALA D 145 -21.12 40.40 -6.08
CA ALA D 145 -21.77 39.38 -6.90
C ALA D 145 -20.80 38.79 -7.92
N ILE D 146 -19.89 39.62 -8.43
CA ILE D 146 -18.87 39.15 -9.36
C ILE D 146 -17.86 38.27 -8.64
N VAL D 147 -17.52 38.61 -7.39
CA VAL D 147 -16.54 37.85 -6.62
C VAL D 147 -17.09 36.48 -6.25
N VAL D 148 -18.35 36.42 -5.84
CA VAL D 148 -18.93 35.17 -5.33
C VAL D 148 -18.92 34.05 -6.37
N ILE D 149 -18.57 34.35 -7.62
CA ILE D 149 -18.54 33.33 -8.65
C ILE D 149 -17.39 32.35 -8.43
N ALA D 150 -16.22 32.86 -8.08
CA ALA D 150 -15.04 32.01 -7.90
C ALA D 150 -14.97 31.35 -6.54
N LEU D 151 -15.89 31.65 -5.63
CA LEU D 151 -15.82 31.11 -4.28
C LEU D 151 -15.95 29.59 -4.21
N PRO D 152 -16.95 28.95 -4.84
CA PRO D 152 -17.16 27.51 -4.59
C PRO D 152 -16.01 26.61 -5.05
N LEU D 153 -15.13 27.10 -5.93
CA LEU D 153 -14.06 26.26 -6.47
C LEU D 153 -13.09 25.81 -5.38
N ILE D 154 -12.72 26.74 -4.49
CA ILE D 154 -11.68 26.44 -3.51
C ILE D 154 -12.08 25.33 -2.53
N PRO D 155 -13.30 25.32 -1.97
CA PRO D 155 -13.69 24.17 -1.13
C PRO D 155 -13.65 22.84 -1.87
N ILE D 156 -14.04 22.82 -3.14
CA ILE D 156 -13.98 21.57 -3.90
C ILE D 156 -12.54 21.11 -4.06
N PHE D 157 -11.64 22.05 -4.32
CA PHE D 157 -10.22 21.70 -4.41
C PHE D 157 -9.70 21.16 -3.08
N MET D 158 -10.11 21.76 -1.96
CA MET D 158 -9.72 21.24 -0.66
C MET D 158 -10.23 19.81 -0.46
N VAL D 159 -11.48 19.55 -0.85
CA VAL D 159 -12.05 18.22 -0.69
C VAL D 159 -11.23 17.20 -1.47
N LEU D 160 -10.89 17.54 -2.72
CA LEU D 160 -10.09 16.64 -3.54
C LEU D 160 -8.72 16.38 -2.91
N ILE D 161 -8.07 17.44 -2.43
CA ILE D 161 -6.72 17.30 -1.87
C ILE D 161 -6.75 16.46 -0.60
N GLY D 162 -7.73 16.70 0.28
CA GLY D 162 -7.83 15.89 1.48
C GLY D 162 -8.09 14.42 1.17
N LEU D 163 -9.00 14.16 0.22
CA LEU D 163 -9.25 12.78 -0.20
C LEU D 163 -7.97 12.13 -0.71
N LEU D 164 -7.13 12.89 -1.39
CA LEU D 164 -5.92 12.31 -1.98
C LEU D 164 -4.73 12.26 -1.04
N THR D 165 -4.77 12.94 0.10
CA THR D 165 -3.65 12.91 1.05
C THR D 165 -3.93 12.13 2.33
N ALA D 166 -5.19 11.76 2.59
CA ALA D 166 -5.50 11.02 3.81
C ALA D 166 -4.68 9.74 3.93
N GLU D 167 -4.49 9.01 2.83
CA GLU D 167 -3.77 7.74 2.89
C GLU D 167 -2.27 7.95 3.05
N ARG D 168 -1.72 8.96 2.37
CA ARG D 168 -0.29 9.24 2.51
C ARG D 168 0.07 9.63 3.93
N SER D 169 -0.85 10.30 4.64
CA SER D 169 -0.59 10.60 6.04
C SER D 169 -0.34 9.34 6.86
N ALA D 170 -1.23 8.34 6.71
CA ALA D 170 -1.07 7.10 7.45
C ALA D 170 0.17 6.33 7.03
N ALA D 171 0.49 6.37 5.73
CA ALA D 171 1.71 5.71 5.26
C ALA D 171 2.95 6.32 5.92
N ALA D 172 3.01 7.65 5.99
CA ALA D 172 4.13 8.31 6.63
C ALA D 172 4.20 7.96 8.12
N LEU D 173 3.05 7.91 8.79
CA LEU D 173 3.05 7.55 10.21
C LEU D 173 3.60 6.14 10.43
N THR D 174 3.16 5.19 9.60
CA THR D 174 3.66 3.82 9.74
C THR D 174 5.15 3.75 9.47
N ALA D 175 5.63 4.47 8.46
CA ALA D 175 7.07 4.49 8.19
C ALA D 175 7.85 5.04 9.38
N MET D 176 7.34 6.10 10.01
CA MET D 176 8.02 6.68 11.17
C MET D 176 8.08 5.68 12.33
N THR D 177 6.96 5.01 12.61
CA THR D 177 6.97 4.03 13.70
C THR D 177 7.97 2.90 13.42
N THR D 178 7.97 2.40 12.18
CA THR D 178 8.90 1.32 11.83
C THR D 178 10.35 1.77 11.98
N LEU D 179 10.67 2.97 11.50
CA LEU D 179 12.04 3.46 11.60
C LEU D 179 12.48 3.60 13.05
N GLN D 180 11.63 4.21 13.88
CA GLN D 180 12.00 4.41 15.28
C GLN D 180 12.20 3.07 15.99
N GLY D 181 11.27 2.13 15.78
CA GLY D 181 11.39 0.84 16.44
C GLY D 181 12.64 0.08 16.02
N ARG D 182 12.92 0.06 14.71
CA ARG D 182 14.10 -0.67 14.25
C ARG D 182 15.39 -0.01 14.72
N MET D 183 15.43 1.32 14.74
CA MET D 183 16.62 2.00 15.24
C MET D 183 16.86 1.70 16.71
N LEU D 184 15.79 1.72 17.52
CA LEU D 184 15.93 1.39 18.93
C LEU D 184 16.41 -0.05 19.11
N ASP D 185 15.84 -0.99 18.36
CA ASP D 185 16.26 -2.38 18.46
C ASP D 185 17.71 -2.56 18.05
N LEU D 186 18.14 -1.89 16.99
CA LEU D 186 19.53 -2.01 16.54
C LEU D 186 20.49 -1.42 17.55
N ILE D 187 20.13 -0.31 18.17
CA ILE D 187 21.00 0.27 19.20
C ILE D 187 21.06 -0.64 20.41
N ALA D 188 19.96 -1.31 20.75
CA ALA D 188 19.95 -2.22 21.89
C ALA D 188 20.87 -3.40 21.68
N GLY D 189 21.15 -3.77 20.43
CA GLY D 189 21.96 -4.93 20.14
C GLY D 189 23.36 -4.65 19.63
N ILE D 190 23.87 -3.44 19.90
CA ILE D 190 25.22 -3.09 19.46
C ILE D 190 26.29 -4.01 20.07
N PRO D 191 26.28 -4.31 21.38
CA PRO D 191 27.33 -5.21 21.90
C PRO D 191 27.36 -6.57 21.22
N THR D 192 26.19 -7.13 20.88
CA THR D 192 26.16 -8.42 20.20
C THR D 192 26.79 -8.35 18.83
N LEU D 193 26.40 -7.34 18.04
CA LEU D 193 26.94 -7.19 16.70
C LEU D 193 28.44 -6.93 16.73
N ARG D 194 28.90 -6.15 17.72
CA ARG D 194 30.33 -5.91 17.84
C ARG D 194 31.08 -7.17 18.27
N ALA D 195 30.46 -8.00 19.12
CA ALA D 195 31.08 -9.26 19.52
C ALA D 195 31.23 -10.21 18.34
N VAL D 196 30.21 -10.31 17.50
CA VAL D 196 30.32 -11.17 16.32
C VAL D 196 31.08 -10.50 15.18
N GLY D 197 31.40 -9.22 15.31
CA GLY D 197 32.16 -8.51 14.31
C GLY D 197 31.35 -7.87 13.20
N ARG D 198 30.04 -8.07 13.17
CA ARG D 198 29.19 -7.50 12.13
C ARG D 198 28.51 -6.22 12.63
N ALA D 199 29.34 -5.27 13.03
CA ALA D 199 28.85 -3.99 13.54
C ALA D 199 28.63 -2.97 12.44
N GLY D 200 29.49 -2.97 11.43
CA GLY D 200 29.37 -2.02 10.33
C GLY D 200 28.29 -2.34 9.32
N GLY D 201 27.69 -3.53 9.40
CA GLY D 201 26.61 -3.88 8.49
C GLY D 201 25.24 -3.38 8.86
N SER D 202 25.07 -2.89 10.08
CA SER D 202 23.78 -2.33 10.49
C SER D 202 23.63 -0.86 10.10
N VAL D 203 24.75 -0.16 9.93
CA VAL D 203 24.70 1.22 9.45
C VAL D 203 24.03 1.27 8.08
N GLN D 204 24.27 0.25 7.26
CA GLN D 204 23.67 0.22 5.92
C GLN D 204 22.16 0.15 5.99
N ARG D 205 21.61 -0.76 6.81
CA ARG D 205 20.16 -0.85 6.90
C ARG D 205 19.55 0.36 7.58
N ILE D 206 20.27 0.96 8.53
CA ILE D 206 19.83 2.25 9.07
C ILE D 206 19.73 3.29 7.96
N ALA D 207 20.73 3.30 7.06
CA ALA D 207 20.71 4.23 5.94
C ALA D 207 19.53 3.98 5.02
N GLU D 208 19.23 2.70 4.72
CA GLU D 208 18.07 2.41 3.87
C GLU D 208 16.77 2.89 4.51
N LEU D 209 16.61 2.64 5.81
CA LEU D 209 15.39 3.09 6.48
C LEU D 209 15.28 4.61 6.47
N SER D 210 16.39 5.30 6.74
CA SER D 210 16.38 6.76 6.73
C SER D 210 16.06 7.29 5.34
N ALA D 211 16.62 6.68 4.30
CA ALA D 211 16.34 7.12 2.93
C ALA D 211 14.87 6.91 2.58
N SER D 212 14.29 5.78 2.98
CA SER D 212 12.88 5.55 2.71
C SER D 212 12.01 6.59 3.40
N HIS D 213 12.30 6.88 4.67
CA HIS D 213 11.56 7.90 5.40
C HIS D 213 11.68 9.26 4.73
N ARG D 214 12.89 9.61 4.31
CA ARG D 214 13.11 10.90 3.65
C ARG D 214 12.34 10.98 2.34
N ARG D 215 12.33 9.90 1.56
CA ARG D 215 11.60 9.91 0.29
C ARG D 215 10.10 10.09 0.52
N SER D 216 9.54 9.37 1.51
CA SER D 216 8.12 9.53 1.79
C SER D 216 7.79 10.95 2.22
N THR D 217 8.62 11.52 3.11
CA THR D 217 8.38 12.89 3.56
C THR D 217 8.49 13.87 2.40
N MET D 218 9.47 13.67 1.52
CA MET D 218 9.62 14.58 0.38
C MET D 218 8.42 14.51 -0.55
N ALA D 219 7.89 13.31 -0.77
CA ALA D 219 6.71 13.19 -1.62
C ALA D 219 5.52 13.92 -1.02
N THR D 220 5.28 13.74 0.29
CA THR D 220 4.14 14.42 0.90
C THR D 220 4.33 15.93 0.90
N LEU D 221 5.58 16.41 1.06
CA LEU D 221 5.83 17.84 1.02
C LEU D 221 5.65 18.40 -0.38
N ARG D 222 6.03 17.64 -1.41
CA ARG D 222 5.78 18.05 -2.77
C ARG D 222 4.30 18.23 -3.02
N ILE D 223 3.49 17.26 -2.58
CA ILE D 223 2.05 17.35 -2.77
C ILE D 223 1.49 18.58 -2.05
N SER D 224 1.93 18.80 -0.81
CA SER D 224 1.43 19.93 -0.03
C SER D 224 1.77 21.27 -0.70
N PHE D 225 3.01 21.41 -1.15
CA PHE D 225 3.42 22.68 -1.76
C PHE D 225 2.73 22.90 -3.10
N LEU D 226 2.50 21.84 -3.87
CA LEU D 226 1.75 21.98 -5.11
C LEU D 226 0.32 22.44 -4.83
N SER D 227 -0.32 21.86 -3.81
CA SER D 227 -1.67 22.29 -3.46
C SER D 227 -1.69 23.75 -3.02
N ALA D 228 -0.68 24.17 -2.25
CA ALA D 228 -0.62 25.56 -1.82
C ALA D 228 -0.47 26.50 -3.01
N LEU D 229 0.37 26.13 -3.98
CA LEU D 229 0.54 26.94 -5.18
C LEU D 229 -0.77 27.04 -5.96
N VAL D 230 -1.49 25.93 -6.09
CA VAL D 230 -2.76 25.96 -6.81
C VAL D 230 -3.76 26.87 -6.11
N LEU D 231 -3.83 26.79 -4.78
CA LEU D 231 -4.74 27.66 -4.04
C LEU D 231 -4.38 29.14 -4.21
N GLU D 232 -3.08 29.45 -4.17
CA GLU D 232 -2.64 30.82 -4.37
C GLU D 232 -3.05 31.32 -5.75
N LEU D 233 -2.86 30.51 -6.79
CA LEU D 233 -3.26 30.91 -8.14
C LEU D 233 -4.77 31.11 -8.22
N LEU D 234 -5.54 30.22 -7.60
CA LEU D 234 -7.00 30.36 -7.61
C LEU D 234 -7.43 31.69 -7.00
N ALA D 235 -6.90 31.99 -5.81
CA ALA D 235 -7.29 33.23 -5.12
C ALA D 235 -6.84 34.45 -5.91
N THR D 236 -5.63 34.42 -6.48
CA THR D 236 -5.14 35.56 -7.23
C THR D 236 -5.99 35.81 -8.47
N LEU D 237 -6.38 34.76 -9.18
CA LEU D 237 -7.24 34.92 -10.35
C LEU D 237 -8.61 35.46 -9.95
N GLY D 238 -9.16 34.94 -8.85
CA GLY D 238 -10.44 35.44 -8.38
C GLY D 238 -10.40 36.91 -8.00
N VAL D 239 -9.28 37.36 -7.44
CA VAL D 239 -9.14 38.78 -7.13
C VAL D 239 -8.98 39.60 -8.40
N ALA D 240 -8.16 39.12 -9.34
CA ALA D 240 -7.87 39.88 -10.55
C ALA D 240 -9.12 40.05 -11.41
N LEU D 241 -10.04 39.09 -11.38
CA LEU D 241 -11.26 39.21 -12.17
C LEU D 241 -12.09 40.41 -11.71
N VAL D 242 -12.33 40.53 -10.40
CA VAL D 242 -13.07 41.69 -9.91
C VAL D 242 -12.25 42.97 -10.05
N ALA D 243 -10.92 42.86 -10.01
CA ALA D 243 -10.08 44.04 -10.24
C ALA D 243 -10.31 44.58 -11.65
N VAL D 244 -10.33 43.68 -12.64
CA VAL D 244 -10.60 44.09 -14.01
C VAL D 244 -12.00 44.69 -14.13
N SER D 245 -12.99 44.05 -13.51
CA SER D 245 -14.35 44.55 -13.60
C SER D 245 -14.45 45.97 -13.07
N VAL D 246 -13.94 46.21 -11.86
CA VAL D 246 -14.07 47.53 -11.26
C VAL D 246 -13.22 48.55 -12.00
N GLY D 247 -12.04 48.15 -12.47
CA GLY D 247 -11.22 49.07 -13.24
C GLY D 247 -11.89 49.54 -14.51
N LEU D 248 -12.51 48.60 -15.24
CA LEU D 248 -13.27 49.00 -16.43
C LEU D 248 -14.44 49.89 -16.07
N ARG D 249 -15.17 49.55 -15.00
CA ARG D 249 -16.33 50.37 -14.63
C ARG D 249 -15.91 51.72 -14.05
N LEU D 250 -14.65 51.89 -13.66
CA LEU D 250 -14.14 53.15 -13.14
C LEU D 250 -13.53 54.02 -14.22
N VAL D 251 -12.92 53.43 -15.25
CA VAL D 251 -12.32 54.23 -16.31
C VAL D 251 -13.38 55.05 -17.04
N PHE D 252 -14.53 54.44 -17.32
CA PHE D 252 -15.61 55.11 -18.02
C PHE D 252 -16.49 55.94 -17.08
N GLY D 253 -16.22 55.93 -15.78
CA GLY D 253 -16.92 56.83 -14.87
C GLY D 253 -18.26 56.37 -14.39
N ASP D 254 -18.54 55.06 -14.43
CA ASP D 254 -19.84 54.56 -13.99
C ASP D 254 -19.98 54.56 -12.47
N MET D 255 -18.88 54.43 -11.74
CA MET D 255 -18.92 54.24 -10.30
C MET D 255 -18.09 55.31 -9.60
N THR D 256 -18.39 55.51 -8.32
CA THR D 256 -17.61 56.42 -7.50
C THR D 256 -16.24 55.81 -7.20
N LEU D 257 -15.28 56.69 -6.90
CA LEU D 257 -13.89 56.25 -6.75
C LEU D 257 -13.70 55.47 -5.45
N ALA D 258 -14.28 55.95 -4.36
CA ALA D 258 -14.10 55.33 -3.06
C ALA D 258 -14.67 53.91 -3.03
N ALA D 259 -15.83 53.70 -3.65
CA ALA D 259 -16.38 52.36 -3.72
C ALA D 259 -15.43 51.43 -4.47
N GLY D 260 -14.76 51.95 -5.50
CA GLY D 260 -13.81 51.14 -6.23
C GLY D 260 -12.64 50.71 -5.38
N LEU D 261 -12.04 51.64 -4.64
CA LEU D 261 -10.96 51.25 -3.74
C LEU D 261 -11.44 50.31 -2.65
N THR D 262 -12.64 50.53 -2.12
CA THR D 262 -13.15 49.63 -1.09
C THR D 262 -13.30 48.22 -1.62
N ALA D 263 -13.85 48.05 -2.82
CA ALA D 263 -13.98 46.72 -3.41
C ALA D 263 -12.62 46.10 -3.67
N LEU D 264 -11.68 46.86 -4.23
CA LEU D 264 -10.35 46.31 -4.52
C LEU D 264 -9.62 45.90 -3.25
N LEU D 265 -9.78 46.65 -2.17
CA LEU D 265 -9.09 46.33 -0.93
C LEU D 265 -9.77 45.17 -0.20
N LEU D 266 -11.09 45.05 -0.30
CA LEU D 266 -11.81 43.98 0.38
C LEU D 266 -11.83 42.68 -0.41
N ALA D 267 -11.47 42.70 -1.69
CA ALA D 267 -11.42 41.46 -2.46
C ALA D 267 -10.41 40.45 -1.92
N PRO D 268 -9.14 40.80 -1.65
CA PRO D 268 -8.22 39.80 -1.12
C PRO D 268 -8.60 39.26 0.25
N GLU D 269 -9.38 40.01 1.02
CA GLU D 269 -9.83 39.54 2.33
C GLU D 269 -10.83 38.40 2.22
N VAL D 270 -11.52 38.28 1.10
CA VAL D 270 -12.44 37.16 0.90
C VAL D 270 -11.66 35.86 0.74
N PHE D 271 -10.51 35.92 0.07
CA PHE D 271 -9.79 34.72 -0.33
C PHE D 271 -8.62 34.37 0.57
N TRP D 272 -8.09 35.33 1.35
CA TRP D 272 -6.96 35.02 2.22
C TRP D 272 -7.26 33.95 3.27
N PRO D 273 -8.36 34.01 4.02
CA PRO D 273 -8.60 32.95 5.02
C PRO D 273 -8.72 31.55 4.41
N LEU D 274 -9.24 31.43 3.20
CA LEU D 274 -9.30 30.12 2.56
C LEU D 274 -7.91 29.59 2.26
N ARG D 275 -7.01 30.46 1.80
CA ARG D 275 -5.62 30.05 1.61
C ARG D 275 -4.98 29.63 2.92
N ARG D 276 -5.25 30.37 4.01
CA ARG D 276 -4.70 29.99 5.30
C ARG D 276 -5.22 28.64 5.76
N VAL D 277 -6.52 28.38 5.56
CA VAL D 277 -7.09 27.08 5.91
C VAL D 277 -6.45 25.96 5.10
N GLY D 278 -6.27 26.20 3.80
CA GLY D 278 -5.63 25.20 2.95
C GLY D 278 -4.20 24.92 3.36
N ALA D 279 -3.49 25.95 3.82
CA ALA D 279 -2.12 25.74 4.30
C ALA D 279 -2.10 24.99 5.61
N ALA D 280 -3.06 25.28 6.50
CA ALA D 280 -3.06 24.67 7.83
C ALA D 280 -3.54 23.22 7.80
N PHE D 281 -4.36 22.86 6.80
CA PHE D 281 -4.88 21.49 6.74
C PHE D 281 -3.76 20.47 6.59
N HIS D 282 -2.79 20.75 5.71
CA HIS D 282 -1.68 19.83 5.50
C HIS D 282 -0.83 19.69 6.76
N ALA D 283 -0.60 20.79 7.47
CA ALA D 283 0.14 20.73 8.72
C ALA D 283 -0.61 19.89 9.76
N ALA D 284 -1.93 20.04 9.83
CA ALA D 284 -2.70 19.34 10.85
C ALA D 284 -2.98 17.88 10.51
N GLN D 285 -2.77 17.48 9.25
CA GLN D 285 -3.08 16.11 8.85
C GLN D 285 -2.25 15.07 9.61
N ASP D 286 -0.97 15.35 9.84
CA ASP D 286 -0.12 14.40 10.56
C ASP D 286 -0.60 14.21 11.99
N GLY D 287 -0.93 15.31 12.67
CA GLY D 287 -1.50 15.20 14.01
C GLY D 287 -2.83 14.47 14.00
N LYS D 288 -3.64 14.69 12.97
CA LYS D 288 -4.93 14.01 12.87
C LYS D 288 -4.74 12.50 12.78
N THR D 289 -3.84 12.05 11.91
CA THR D 289 -3.64 10.60 11.77
C THR D 289 -2.98 10.00 13.00
N ALA D 290 -2.06 10.74 13.64
CA ALA D 290 -1.47 10.24 14.88
C ALA D 290 -2.52 10.10 15.97
N ALA D 291 -3.44 11.07 16.08
CA ALA D 291 -4.51 10.97 17.06
C ALA D 291 -5.45 9.82 16.75
N GLU D 292 -5.75 9.60 15.46
CA GLU D 292 -6.60 8.48 15.09
C GLU D 292 -5.95 7.15 15.49
N GLN D 293 -4.64 7.03 15.23
CA GLN D 293 -3.93 5.82 15.66
C GLN D 293 -3.92 5.69 17.18
N ALA D 294 -3.80 6.81 17.89
CA ALA D 294 -3.80 6.76 19.35
C ALA D 294 -5.13 6.25 19.89
N LEU D 295 -6.25 6.78 19.37
CA LEU D 295 -7.55 6.27 19.79
C LEU D 295 -7.76 4.82 19.36
N ARG D 296 -7.22 4.42 18.21
CA ARG D 296 -7.31 3.02 17.81
C ARG D 296 -6.58 2.11 18.80
N LEU D 297 -5.39 2.53 19.23
CA LEU D 297 -4.65 1.76 20.24
C LEU D 297 -5.40 1.72 21.56
N CYS D 298 -5.94 2.87 21.99
CA CYS D 298 -6.60 2.94 23.29
C CYS D 298 -7.93 2.19 23.31
N ALA D 299 -8.66 2.18 22.19
CA ALA D 299 -9.98 1.55 22.13
C ALA D 299 -9.82 0.04 22.03
N GLU D 300 -9.67 -0.59 23.19
CA GLU D 300 -9.56 -2.03 23.29
C GLU D 300 -10.07 -2.45 24.66
N PRO D 301 -10.96 -3.43 24.74
CA PRO D 301 -11.50 -3.83 26.04
C PRO D 301 -10.55 -4.75 26.79
N HIS D 302 -10.41 -4.47 28.09
CA HIS D 302 -9.61 -5.31 28.96
C HIS D 302 -10.50 -6.23 29.78
N PRO D 303 -10.05 -7.44 30.09
CA PRO D 303 -10.85 -8.36 30.91
C PRO D 303 -11.15 -7.75 32.26
N PRO D 304 -12.38 -7.88 32.75
CA PRO D 304 -12.73 -7.29 34.05
C PRO D 304 -12.24 -8.14 35.21
N THR D 305 -12.06 -7.48 36.35
CA THR D 305 -11.63 -8.14 37.57
C THR D 305 -12.55 -7.72 38.72
N GLY D 306 -12.76 -8.64 39.65
CA GLY D 306 -13.68 -8.41 40.75
C GLY D 306 -13.04 -7.64 41.89
N HIS D 307 -13.77 -7.60 43.00
CA HIS D 307 -13.34 -6.89 44.20
C HIS D 307 -13.08 -7.84 45.37
N GLU D 308 -12.96 -9.13 45.10
CA GLU D 308 -12.71 -10.10 46.17
C GLU D 308 -11.33 -9.89 46.77
N VAL D 309 -11.23 -10.04 48.08
CA VAL D 309 -10.00 -9.85 48.82
C VAL D 309 -9.72 -11.12 49.62
N VAL D 310 -8.49 -11.62 49.52
CA VAL D 310 -8.07 -12.82 50.24
C VAL D 310 -8.02 -12.51 51.73
N PRO D 311 -8.26 -13.48 52.60
CA PRO D 311 -8.20 -13.22 54.04
C PRO D 311 -6.76 -12.96 54.49
N ALA D 312 -6.66 -12.48 55.74
CA ALA D 312 -5.35 -12.15 56.30
C ALA D 312 -4.50 -13.40 56.49
N GLY D 313 -3.19 -13.22 56.37
CA GLY D 313 -2.25 -14.32 56.50
C GLY D 313 -1.87 -14.91 55.16
N ALA D 314 -0.94 -15.86 55.22
CA ALA D 314 -0.46 -16.52 54.01
C ALA D 314 -1.56 -17.44 53.47
N PRO D 315 -1.99 -17.26 52.23
CA PRO D 315 -3.10 -18.04 51.70
C PRO D 315 -2.64 -19.41 51.19
N VAL D 316 -3.58 -20.14 50.61
CA VAL D 316 -3.33 -21.45 50.02
C VAL D 316 -3.63 -21.35 48.53
N ILE D 317 -2.67 -21.76 47.71
CA ILE D 317 -2.80 -21.70 46.26
C ILE D 317 -2.94 -23.13 45.74
N GLU D 318 -3.99 -23.39 44.99
CA GLU D 318 -4.28 -24.71 44.45
C GLU D 318 -4.45 -24.62 42.94
N VAL D 319 -3.79 -25.52 42.22
CA VAL D 319 -3.98 -25.66 40.77
C VAL D 319 -4.46 -27.08 40.51
N PRO D 320 -5.77 -27.31 40.44
CA PRO D 320 -6.27 -28.70 40.30
C PRO D 320 -5.83 -29.39 39.02
N ALA D 321 -5.46 -28.65 37.98
CA ALA D 321 -5.06 -29.27 36.72
C ALA D 321 -3.81 -30.13 36.90
N LEU D 322 -2.84 -29.64 37.67
CA LEU D 322 -1.62 -30.38 37.95
C LEU D 322 -1.64 -31.02 39.33
N LYS D 323 -2.79 -31.01 40.01
CA LYS D 323 -2.92 -31.57 41.35
C LYS D 323 -1.88 -30.98 42.31
N ALA D 324 -1.64 -29.68 42.18
CA ALA D 324 -0.63 -28.97 42.96
C ALA D 324 -1.31 -28.11 44.01
N VAL D 325 -0.85 -28.23 45.25
CA VAL D 325 -1.33 -27.41 46.36
C VAL D 325 -0.11 -26.81 47.05
N MET D 326 -0.01 -25.49 47.04
CA MET D 326 1.11 -24.78 47.65
C MET D 326 0.66 -24.27 49.02
N GLU D 327 1.05 -25.00 50.07
CA GLU D 327 0.64 -24.65 51.42
C GLU D 327 1.53 -23.55 52.00
N PRO D 328 1.00 -22.75 52.93
CA PRO D 328 1.83 -21.73 53.58
C PRO D 328 2.89 -22.37 54.47
N GLY D 329 4.01 -21.68 54.58
CA GLY D 329 5.12 -22.15 55.39
C GLY D 329 5.98 -23.21 54.74
N ARG D 330 5.69 -23.60 53.50
CA ARG D 330 6.43 -24.63 52.80
C ARG D 330 6.89 -24.11 51.45
N VAL D 331 8.00 -24.64 50.97
CA VAL D 331 8.55 -24.28 49.67
C VAL D 331 8.05 -25.27 48.63
N THR D 332 7.45 -24.77 47.57
CA THR D 332 6.97 -25.60 46.47
C THR D 332 7.79 -25.26 45.23
N VAL D 333 8.40 -26.29 44.63
CA VAL D 333 9.26 -26.12 43.47
C VAL D 333 8.51 -26.61 42.24
N LEU D 334 8.44 -25.75 41.22
CA LEU D 334 7.82 -26.08 39.95
C LEU D 334 8.92 -26.44 38.95
N THR D 335 8.85 -27.64 38.40
CA THR D 335 9.85 -28.10 37.45
C THR D 335 9.18 -28.73 36.24
N GLY D 336 9.89 -28.72 35.11
CA GLY D 336 9.40 -29.28 33.89
C GLY D 336 10.34 -28.97 32.73
N PRO D 337 10.00 -29.46 31.54
CA PRO D 337 10.84 -29.18 30.37
C PRO D 337 10.82 -27.69 30.01
N ASN D 338 11.70 -27.34 29.07
CA ASN D 338 11.91 -25.95 28.68
C ASN D 338 10.78 -25.51 27.76
N GLY D 339 9.71 -24.99 28.34
CA GLY D 339 8.65 -24.41 27.54
C GLY D 339 7.25 -24.77 27.98
N VAL D 340 7.11 -25.53 29.06
CA VAL D 340 5.79 -25.96 29.53
C VAL D 340 5.33 -24.92 30.55
N GLY D 341 4.87 -23.78 30.03
CA GLY D 341 4.10 -22.80 30.78
C GLY D 341 4.40 -22.58 32.25
N LYS D 342 5.68 -22.58 32.63
CA LYS D 342 6.01 -22.39 34.04
C LYS D 342 5.98 -20.92 34.43
N SER D 343 6.72 -20.09 33.69
CA SER D 343 6.63 -18.65 33.89
C SER D 343 5.23 -18.16 33.58
N THR D 344 4.56 -18.76 32.59
CA THR D 344 3.18 -18.43 32.31
C THR D 344 2.27 -18.81 33.48
N LEU D 345 2.56 -19.93 34.14
CA LEU D 345 1.80 -20.31 35.33
C LEU D 345 2.01 -19.28 36.45
N LEU D 346 3.25 -18.82 36.61
CA LEU D 346 3.54 -17.78 37.64
C LEU D 346 2.73 -16.53 37.32
N GLN D 347 2.78 -16.07 36.06
CA GLN D 347 2.08 -14.86 35.67
C GLN D 347 0.57 -15.01 35.73
N ALA D 348 0.06 -16.24 35.61
CA ALA D 348 -1.36 -16.48 35.79
C ALA D 348 -1.75 -16.45 37.26
N ILE D 349 -0.87 -16.96 38.12
CA ILE D 349 -1.09 -16.83 39.57
C ILE D 349 -1.11 -15.36 39.98
N LEU D 350 -0.22 -14.55 39.37
CA LEU D 350 -0.25 -13.12 39.62
C LEU D 350 -1.55 -12.50 39.15
N GLY D 351 -2.07 -12.95 38.01
CA GLY D 351 -3.24 -12.37 37.40
C GLY D 351 -2.97 -11.55 36.15
N LEU D 352 -1.75 -11.59 35.62
CA LEU D 352 -1.44 -10.80 34.44
C LEU D 352 -2.02 -11.42 33.17
N GLN D 353 -2.22 -12.73 33.14
CA GLN D 353 -2.79 -13.40 31.99
C GLN D 353 -3.59 -14.61 32.46
N GLU D 354 -4.11 -15.36 31.48
CA GLU D 354 -4.95 -16.51 31.78
C GLU D 354 -4.10 -17.73 32.10
N SER D 355 -4.71 -18.66 32.82
CA SER D 355 -3.99 -19.84 33.31
C SER D 355 -3.82 -20.86 32.20
N PRO D 356 -2.59 -21.32 31.93
CA PRO D 356 -2.41 -22.37 30.92
C PRO D 356 -3.08 -23.68 31.27
N CYS D 357 -3.16 -24.02 32.57
CA CYS D 357 -3.66 -25.32 33.00
C CYS D 357 -4.80 -25.11 34.00
N GLY D 358 -6.03 -25.11 33.48
CA GLY D 358 -7.21 -25.08 34.31
C GLY D 358 -7.36 -23.79 35.09
N PRO D 359 -8.17 -23.83 36.15
CA PRO D 359 -8.32 -22.64 37.01
C PRO D 359 -7.37 -22.64 38.18
N ILE D 360 -7.07 -21.44 38.66
CA ILE D 360 -6.21 -21.22 39.81
C ILE D 360 -7.05 -20.65 40.94
N LEU D 361 -6.95 -21.25 42.12
CA LEU D 361 -7.71 -20.83 43.29
C LEU D 361 -6.74 -20.41 44.38
N VAL D 362 -6.94 -19.20 44.91
CA VAL D 362 -6.14 -18.67 46.01
C VAL D 362 -7.07 -18.55 47.22
N ALA D 363 -6.85 -19.39 48.22
CA ALA D 363 -7.67 -19.43 49.43
C ALA D 363 -9.15 -19.61 49.08
N GLY D 364 -9.42 -20.46 48.10
CA GLY D 364 -10.78 -20.74 47.69
C GLY D 364 -11.26 -19.87 46.55
N VAL D 365 -11.21 -18.55 46.74
CA VAL D 365 -11.70 -17.62 45.73
C VAL D 365 -10.77 -17.65 44.52
N GLU D 366 -11.36 -17.67 43.32
CA GLU D 366 -10.59 -17.74 42.09
C GLU D 366 -9.74 -16.50 41.90
N VAL D 367 -8.66 -16.66 41.14
CA VAL D 367 -7.76 -15.54 40.86
C VAL D 367 -8.45 -14.51 39.98
N GLY D 368 -9.25 -14.97 39.01
CA GLY D 368 -9.91 -14.06 38.09
C GLY D 368 -10.86 -13.09 38.75
N ALA D 369 -11.37 -13.42 39.92
CA ALA D 369 -12.28 -12.54 40.66
C ALA D 369 -11.58 -11.74 41.74
N LEU D 370 -10.27 -11.89 41.89
CA LEU D 370 -9.53 -11.20 42.94
C LEU D 370 -9.29 -9.74 42.56
N ASP D 371 -9.26 -8.89 43.57
CA ASP D 371 -8.90 -7.49 43.38
C ASP D 371 -7.39 -7.40 43.14
N ARG D 372 -7.01 -7.08 41.90
CA ARG D 372 -5.60 -7.17 41.52
C ARG D 372 -4.74 -6.20 42.31
N SER D 373 -5.22 -4.99 42.53
CA SER D 373 -4.43 -3.98 43.24
C SER D 373 -4.07 -4.45 44.65
N ALA D 374 -5.05 -5.00 45.38
CA ALA D 374 -4.80 -5.48 46.72
C ALA D 374 -4.07 -6.82 46.72
N TRP D 375 -4.34 -7.66 45.72
CA TRP D 375 -3.68 -8.96 45.63
C TRP D 375 -2.18 -8.80 45.41
N TRP D 376 -1.79 -7.84 44.55
CA TRP D 376 -0.37 -7.63 44.27
C TRP D 376 0.36 -7.03 45.46
N GLY D 377 -0.34 -6.50 46.45
CA GLY D 377 0.30 -6.01 47.65
C GLY D 377 0.76 -7.08 48.61
N ARG D 378 0.33 -8.32 48.41
CA ARG D 378 0.73 -9.46 49.22
C ARG D 378 1.69 -10.38 48.49
N LEU D 379 2.24 -9.96 47.35
CA LEU D 379 3.11 -10.78 46.53
C LEU D 379 4.47 -10.12 46.39
N ALA D 380 5.49 -10.96 46.21
CA ALA D 380 6.83 -10.54 45.81
C ALA D 380 7.25 -11.42 44.66
N TRP D 381 7.39 -10.83 43.47
CA TRP D 381 7.62 -11.57 42.24
C TRP D 381 9.00 -11.25 41.69
N MET D 382 9.77 -12.28 41.37
CA MET D 382 11.09 -12.13 40.77
C MET D 382 11.11 -12.81 39.42
N PRO D 383 11.04 -12.06 38.31
CA PRO D 383 11.03 -12.70 36.99
C PRO D 383 12.40 -13.22 36.57
N HIS D 384 12.50 -13.68 35.32
CA HIS D 384 13.76 -14.23 34.84
C HIS D 384 14.87 -13.18 34.82
N ARG D 385 14.58 -12.02 34.24
CA ARG D 385 15.55 -10.92 34.20
C ARG D 385 15.00 -9.74 34.98
N PRO D 386 15.51 -9.46 36.18
CA PRO D 386 15.02 -8.31 36.94
C PRO D 386 15.31 -7.00 36.21
N VAL D 387 14.41 -6.03 36.41
CA VAL D 387 14.55 -4.73 35.77
C VAL D 387 15.73 -3.99 36.36
N LEU D 388 16.63 -3.51 35.50
CA LEU D 388 17.79 -2.73 35.93
C LEU D 388 17.94 -1.58 34.94
N VAL D 389 17.43 -0.41 35.30
CA VAL D 389 17.46 0.78 34.45
C VAL D 389 18.79 1.49 34.63
N PRO D 390 19.20 2.34 33.69
CA PRO D 390 20.43 3.12 33.90
C PRO D 390 20.31 4.01 35.12
N GLY D 391 21.43 4.17 35.81
CA GLY D 391 21.48 4.94 37.03
C GLY D 391 22.49 4.33 37.99
N THR D 392 22.30 4.61 39.27
CA THR D 392 23.18 4.07 40.29
C THR D 392 22.63 2.77 40.85
N VAL D 393 23.44 2.12 41.69
CA VAL D 393 22.98 0.91 42.35
C VAL D 393 21.88 1.23 43.37
N ARG D 394 22.01 2.35 44.07
CA ARG D 394 21.00 2.76 45.03
C ARG D 394 19.67 3.06 44.34
N GLU D 395 19.71 3.71 43.18
CA GLU D 395 18.47 4.00 42.45
C GLU D 395 17.81 2.72 41.95
N ASN D 396 18.62 1.73 41.55
CA ASN D 396 18.05 0.46 41.08
C ASN D 396 17.51 -0.37 42.24
N LEU D 397 18.10 -0.26 43.42
CA LEU D 397 17.57 -0.96 44.59
C LEU D 397 16.22 -0.42 45.03
N GLU D 398 15.93 0.83 44.73
CA GLU D 398 14.66 1.46 45.07
C GLU D 398 13.70 1.56 43.88
N LEU D 399 13.98 0.83 42.80
CA LEU D 399 13.15 0.93 41.61
C LEU D 399 11.73 0.41 41.88
N LEU D 400 11.62 -0.77 42.46
CA LEU D 400 10.32 -1.38 42.76
C LEU D 400 9.93 -1.11 44.21
N GLY D 401 9.85 0.17 44.55
CA GLY D 401 9.47 0.58 45.89
C GLY D 401 10.61 0.51 46.87
N PRO D 402 10.34 0.85 48.13
CA PRO D 402 11.38 0.83 49.15
C PRO D 402 11.56 -0.54 49.77
N VAL D 403 12.78 -0.78 50.28
CA VAL D 403 13.15 -2.03 50.92
C VAL D 403 13.30 -1.76 52.42
N PRO D 404 12.40 -2.26 53.27
CA PRO D 404 12.53 -2.03 54.71
C PRO D 404 13.49 -3.01 55.37
N GLY D 405 14.77 -2.64 55.46
CA GLY D 405 15.76 -3.55 56.00
C GLY D 405 16.85 -3.91 55.01
N LEU D 406 17.20 -2.95 54.17
CA LEU D 406 18.14 -3.19 53.06
C LEU D 406 19.42 -3.86 53.54
N ASP D 407 19.95 -3.45 54.68
CA ASP D 407 21.22 -4.00 55.15
C ASP D 407 21.10 -5.49 55.48
N GLU D 408 20.05 -5.86 56.22
CA GLU D 408 19.87 -7.26 56.59
C GLU D 408 19.63 -8.13 55.37
N VAL D 409 18.81 -7.65 54.43
CA VAL D 409 18.54 -8.43 53.21
C VAL D 409 19.81 -8.59 52.40
N CYS D 410 20.61 -7.53 52.29
CA CYS D 410 21.87 -7.63 51.57
C CYS D 410 22.81 -8.63 52.24
N ARG D 411 22.85 -8.63 53.57
CA ARG D 411 23.69 -9.59 54.28
C ARG D 411 23.21 -11.02 54.05
N SER D 412 21.89 -11.23 54.07
CA SER D 412 21.37 -12.59 53.93
C SER D 412 21.57 -13.12 52.51
N VAL D 413 21.23 -12.32 51.50
CA VAL D 413 21.37 -12.75 50.11
C VAL D 413 22.84 -12.87 49.73
N GLY D 414 23.67 -11.96 50.21
CA GLY D 414 25.06 -11.90 49.79
C GLY D 414 25.42 -10.68 48.98
N PHE D 415 24.55 -9.67 48.92
CA PHE D 415 24.83 -8.45 48.18
C PHE D 415 25.75 -7.50 48.93
N ASP D 416 25.98 -7.73 50.23
CA ASP D 416 26.90 -6.87 50.97
C ASP D 416 28.32 -7.03 50.48
N GLU D 417 28.71 -8.24 50.07
CA GLU D 417 30.02 -8.47 49.50
C GLU D 417 30.14 -7.90 48.09
N VAL D 418 29.05 -7.51 47.46
CA VAL D 418 29.08 -6.83 46.17
C VAL D 418 29.27 -5.33 46.35
N LEU D 419 28.53 -4.72 47.28
CA LEU D 419 28.69 -3.30 47.54
C LEU D 419 30.07 -2.99 48.09
N GLY D 420 30.66 -3.91 48.86
CA GLY D 420 31.98 -3.66 49.41
C GLY D 420 33.06 -3.58 48.36
N GLU D 421 33.00 -4.45 47.34
CA GLU D 421 34.02 -4.47 46.31
C GLU D 421 33.88 -3.33 45.31
N LEU D 422 32.72 -2.69 45.24
CA LEU D 422 32.56 -1.53 44.37
C LEU D 422 33.27 -0.33 44.98
N PRO D 423 34.12 0.37 44.22
CA PRO D 423 34.86 1.50 44.81
C PRO D 423 33.97 2.61 45.34
N ASP D 424 32.84 2.87 44.71
CA ASP D 424 31.94 3.95 45.12
C ASP D 424 30.78 3.48 45.98
N GLY D 425 30.79 2.21 46.40
CA GLY D 425 29.69 1.71 47.20
C GLY D 425 28.41 1.63 46.38
N SER D 426 27.29 1.92 47.03
CA SER D 426 25.99 1.88 46.37
C SER D 426 25.73 3.16 45.59
N GLU D 427 26.73 3.63 44.86
CA GLU D 427 26.60 4.83 44.04
C GLU D 427 27.24 4.68 42.67
N THR D 428 27.75 3.51 42.33
CA THR D 428 28.39 3.33 41.04
C THR D 428 27.36 3.44 39.92
N PRO D 429 27.64 4.20 38.86
CA PRO D 429 26.69 4.26 37.74
C PRO D 429 26.56 2.91 37.05
N LEU D 430 25.36 2.66 36.54
CA LEU D 430 25.07 1.42 35.82
C LEU D 430 24.53 1.76 34.44
N GLY D 431 24.82 0.89 33.48
CA GLY D 431 24.35 1.05 32.12
C GLY D 431 22.95 0.46 31.94
N ARG D 432 22.56 0.34 30.68
CA ARG D 432 21.24 -0.19 30.36
C ARG D 432 21.21 -1.70 30.59
N GLY D 433 20.23 -2.15 31.37
CA GLY D 433 20.09 -3.56 31.65
C GLY D 433 21.03 -4.09 32.70
N GLY D 434 21.76 -3.23 33.40
CA GLY D 434 22.69 -3.65 34.42
C GLY D 434 24.15 -3.63 34.03
N VAL D 435 24.49 -3.02 32.89
CA VAL D 435 25.88 -2.94 32.49
C VAL D 435 26.67 -2.19 33.55
N GLY D 436 27.86 -2.71 33.88
CA GLY D 436 28.62 -2.27 35.02
C GLY D 436 28.53 -3.20 36.21
N LEU D 437 27.63 -4.19 36.16
CA LEU D 437 27.49 -5.20 37.19
C LEU D 437 27.56 -6.57 36.54
N SER D 438 28.04 -7.55 37.30
CA SER D 438 28.09 -8.92 36.82
C SER D 438 26.70 -9.54 36.82
N LEU D 439 26.56 -10.64 36.09
CA LEU D 439 25.27 -11.32 36.00
C LEU D 439 24.83 -11.88 37.34
N GLY D 440 25.76 -12.48 38.09
CA GLY D 440 25.44 -12.91 39.44
C GLY D 440 25.11 -11.76 40.36
N GLN D 441 25.81 -10.63 40.17
CA GLN D 441 25.53 -9.45 40.98
C GLN D 441 24.18 -8.82 40.61
N ARG D 442 23.82 -8.84 39.32
CA ARG D 442 22.49 -8.41 38.92
C ARG D 442 21.42 -9.31 39.54
N GLN D 443 21.67 -10.62 39.53
CA GLN D 443 20.73 -11.56 40.14
C GLN D 443 20.59 -11.31 41.63
N ARG D 444 21.69 -11.01 42.31
CA ARG D 444 21.62 -10.73 43.74
C ARG D 444 20.93 -9.40 44.03
N LEU D 445 21.09 -8.41 43.15
CA LEU D 445 20.32 -7.17 43.31
C LEU D 445 18.83 -7.43 43.18
N GLY D 446 18.44 -8.22 42.18
CA GLY D 446 17.03 -8.59 42.04
C GLY D 446 16.52 -9.38 43.24
N LEU D 447 17.36 -10.28 43.76
CA LEU D 447 16.96 -11.06 44.93
C LEU D 447 16.82 -10.19 46.18
N VAL D 448 17.67 -9.17 46.32
CA VAL D 448 17.52 -8.23 47.42
C VAL D 448 16.22 -7.46 47.28
N ARG D 449 15.89 -7.03 46.07
CA ARG D 449 14.64 -6.31 45.86
C ARG D 449 13.43 -7.19 46.16
N ALA D 450 13.50 -8.47 45.78
CA ALA D 450 12.32 -9.34 45.91
C ALA D 450 12.18 -9.91 47.31
N LEU D 451 13.24 -10.54 47.84
CA LEU D 451 13.15 -11.21 49.13
C LEU D 451 12.87 -10.22 50.26
N GLY D 452 13.52 -9.07 50.24
CA GLY D 452 13.28 -8.07 51.27
C GLY D 452 12.14 -7.15 50.92
N ALA D 453 10.95 -7.47 51.44
CA ALA D 453 9.73 -6.73 51.16
C ALA D 453 8.61 -7.32 52.02
N PRO D 454 7.59 -6.54 52.38
CA PRO D 454 6.46 -7.09 53.13
C PRO D 454 5.52 -7.84 52.18
N ALA D 455 5.55 -9.18 52.27
CA ALA D 455 4.76 -10.01 51.38
C ALA D 455 4.48 -11.34 52.05
N ASP D 456 3.35 -11.95 51.67
CA ASP D 456 2.97 -13.26 52.17
C ASP D 456 3.21 -14.38 51.16
N VAL D 457 3.25 -14.05 49.86
CA VAL D 457 3.45 -15.03 48.80
C VAL D 457 4.70 -14.65 48.03
N LEU D 458 5.59 -15.61 47.82
CA LEU D 458 6.83 -15.39 47.08
C LEU D 458 6.79 -16.21 45.80
N LEU D 459 6.99 -15.55 44.66
CA LEU D 459 7.07 -16.20 43.36
C LEU D 459 8.43 -15.90 42.77
N LEU D 460 9.23 -16.94 42.56
CA LEU D 460 10.61 -16.79 42.09
C LEU D 460 10.82 -17.66 40.86
N ASP D 461 11.21 -17.00 39.75
CA ASP D 461 11.48 -17.70 38.48
C ASP D 461 12.98 -18.02 38.39
N GLN D 462 13.38 -19.21 38.84
CA GLN D 462 14.78 -19.64 38.83
C GLN D 462 15.64 -18.63 39.56
N PRO D 463 15.52 -18.52 40.88
CA PRO D 463 16.18 -17.42 41.58
C PRO D 463 17.69 -17.54 41.66
N THR D 464 18.25 -18.76 41.67
CA THR D 464 19.68 -18.97 41.87
C THR D 464 20.44 -19.11 40.56
N ALA D 465 20.01 -18.42 39.51
CA ALA D 465 20.74 -18.42 38.26
C ALA D 465 22.00 -17.56 38.36
N HIS D 466 23.03 -17.96 37.63
CA HIS D 466 24.33 -17.27 37.56
C HIS D 466 25.04 -17.23 38.91
N LEU D 467 24.69 -18.13 39.83
CA LEU D 467 25.31 -18.18 41.15
C LEU D 467 26.05 -19.49 41.32
N ASP D 468 27.20 -19.44 41.99
CA ASP D 468 28.00 -20.62 42.25
C ASP D 468 27.38 -21.42 43.40
N GLY D 469 28.06 -22.49 43.84
CA GLY D 469 27.48 -23.38 44.82
C GLY D 469 27.27 -22.73 46.18
N ALA D 470 28.25 -21.99 46.67
CA ALA D 470 28.12 -21.36 47.98
C ALA D 470 27.02 -20.31 47.99
N LEU D 471 26.99 -19.46 46.96
CA LEU D 471 25.93 -18.45 46.86
C LEU D 471 24.57 -19.11 46.66
N GLU D 472 24.53 -20.20 45.89
CA GLU D 472 23.27 -20.93 45.74
C GLU D 472 22.77 -21.43 47.08
N ASP D 473 23.66 -22.02 47.88
CA ASP D 473 23.25 -22.52 49.20
C ASP D 473 22.78 -21.39 50.10
N ARG D 474 23.49 -20.25 50.09
CA ARG D 474 23.07 -19.13 50.92
C ARG D 474 21.71 -18.59 50.50
N VAL D 475 21.49 -18.45 49.20
CA VAL D 475 20.22 -17.93 48.70
C VAL D 475 19.08 -18.89 49.02
N LEU D 476 19.32 -20.20 48.86
CA LEU D 476 18.29 -21.18 49.17
C LEU D 476 17.99 -21.19 50.67
N ALA D 477 19.02 -21.02 51.50
CA ALA D 477 18.80 -20.93 52.93
C ALA D 477 17.96 -19.70 53.28
N ALA D 478 18.23 -18.57 52.63
CA ALA D 478 17.42 -17.38 52.85
C ALA D 478 15.97 -17.60 52.44
N ILE D 479 15.76 -18.25 51.29
CA ILE D 479 14.40 -18.52 50.82
C ILE D 479 13.68 -19.45 51.79
N VAL D 480 14.37 -20.50 52.27
CA VAL D 480 13.76 -21.43 53.20
C VAL D 480 13.44 -20.74 54.53
N ALA D 481 14.30 -19.81 54.96
CA ALA D 481 14.01 -19.05 56.17
C ALA D 481 12.78 -18.17 55.98
N ARG D 482 12.66 -17.53 54.82
CA ARG D 482 11.47 -16.73 54.54
C ARG D 482 10.21 -17.59 54.55
N ALA D 483 10.31 -18.80 53.99
CA ALA D 483 9.16 -19.71 54.03
C ALA D 483 8.83 -20.13 55.47
N ARG D 484 9.86 -20.41 56.27
CA ARG D 484 9.65 -20.74 57.67
C ARG D 484 9.04 -19.59 58.45
N ALA D 485 9.23 -18.36 57.99
CA ALA D 485 8.61 -17.20 58.62
C ALA D 485 7.11 -17.10 58.33
N GLY D 486 6.49 -18.12 57.75
CA GLY D 486 5.07 -18.10 57.50
C GLY D 486 4.69 -17.45 56.18
N ALA D 487 5.24 -17.96 55.09
CA ALA D 487 4.96 -17.42 53.76
C ALA D 487 4.86 -18.55 52.76
N THR D 488 4.17 -18.28 51.66
CA THR D 488 4.04 -19.23 50.56
C THR D 488 5.13 -18.92 49.54
N VAL D 489 5.98 -19.91 49.27
CA VAL D 489 7.09 -19.76 48.33
C VAL D 489 6.90 -20.73 47.17
N VAL D 490 6.99 -20.22 45.95
CA VAL D 490 6.80 -21.02 44.74
C VAL D 490 8.03 -20.77 43.87
N MET D 491 9.02 -21.66 43.98
CA MET D 491 10.20 -21.60 43.13
C MET D 491 9.97 -22.34 41.83
N VAL D 492 10.69 -21.92 40.79
CA VAL D 492 10.57 -22.54 39.47
C VAL D 492 11.95 -23.04 39.04
N GLY D 493 12.76 -23.47 40.01
CA GLY D 493 14.03 -24.07 39.69
C GLY D 493 13.89 -25.53 39.30
N HIS D 494 14.79 -25.99 38.42
CA HIS D 494 14.82 -27.37 37.97
C HIS D 494 16.24 -27.91 37.98
N ARG D 495 16.93 -27.72 39.09
CA ARG D 495 18.26 -28.29 39.29
C ARG D 495 18.29 -28.99 40.64
N ALA D 496 19.32 -29.84 40.82
CA ALA D 496 19.37 -30.69 42.01
C ALA D 496 19.42 -29.91 43.31
N PRO D 497 20.27 -28.88 43.50
CA PRO D 497 20.21 -28.14 44.76
C PRO D 497 18.87 -27.46 45.01
N VAL D 498 18.22 -26.96 43.96
CA VAL D 498 16.92 -26.33 44.12
C VAL D 498 15.85 -27.39 44.41
N LEU D 499 15.90 -28.52 43.70
CA LEU D 499 14.90 -29.57 43.90
C LEU D 499 14.99 -30.15 45.31
N ALA D 500 16.21 -30.41 45.78
CA ALA D 500 16.39 -30.92 47.15
C ALA D 500 16.50 -29.77 48.14
N ALA D 501 15.54 -28.84 48.06
CA ALA D 501 15.44 -27.74 49.00
C ALA D 501 13.99 -27.38 49.29
N ALA D 502 13.03 -28.18 48.82
CA ALA D 502 11.62 -27.87 48.95
C ALA D 502 10.88 -29.04 49.57
N ASP D 503 9.81 -28.72 50.29
CA ASP D 503 8.97 -29.74 50.91
C ASP D 503 7.95 -30.33 49.93
N HIS D 504 7.84 -29.78 48.73
CA HIS D 504 6.93 -30.31 47.72
C HIS D 504 7.48 -29.97 46.34
N VAL D 505 7.38 -30.92 45.42
CA VAL D 505 7.86 -30.75 44.06
C VAL D 505 6.72 -31.06 43.10
N VAL D 506 6.48 -30.16 42.15
CA VAL D 506 5.47 -30.33 41.12
C VAL D 506 6.19 -30.53 39.80
N THR D 507 5.84 -31.59 39.08
CA THR D 507 6.53 -32.01 37.87
C THR D 507 5.69 -31.73 36.63
N MET D 508 5.06 -30.55 36.62
CA MET D 508 4.20 -30.04 35.55
C MET D 508 4.73 -30.42 34.17
N GLU D 509 3.88 -31.09 33.39
CA GLU D 509 4.28 -31.71 32.13
C GLU D 509 3.66 -30.98 30.94
N SER D 510 3.89 -31.54 29.76
CA SER D 510 3.58 -30.85 28.50
C SER D 510 2.10 -31.04 28.12
N SER D 511 1.78 -30.68 26.88
CA SER D 511 0.42 -30.80 26.33
C SER D 511 -0.60 -30.03 27.17
N LEU D 512 -0.22 -28.84 27.63
CA LEU D 512 -1.16 -28.01 28.38
C LEU D 512 -1.85 -26.99 27.48
N VAL D 513 -1.09 -26.05 26.91
CA VAL D 513 -1.58 -25.15 25.88
C VAL D 513 -0.59 -25.13 24.73
N ALA D 514 0.65 -24.80 25.04
CA ALA D 514 1.73 -24.68 24.07
C ALA D 514 2.96 -25.42 24.56
N PRO D 515 3.76 -25.99 23.64
CA PRO D 515 4.98 -26.71 24.00
C PRO D 515 6.23 -25.84 23.91
MG MG E . -11.10 -43.45 -11.65
PG ATP F . -9.43 -46.21 -13.92
O1G ATP F . -8.87 -46.05 -15.28
O2G ATP F . -8.71 -47.23 -13.17
O3G ATP F . -9.53 -44.94 -13.20
PB ATP F . -12.22 -46.81 -13.20
O1B ATP F . -12.50 -48.21 -12.91
O2B ATP F . -12.04 -45.84 -12.12
O3B ATP F . -10.92 -46.74 -14.10
PA ATP F . -14.40 -45.04 -14.11
O1A ATP F . -13.65 -43.76 -14.02
O2A ATP F . -15.53 -45.24 -13.18
O3A ATP F . -13.39 -46.26 -14.13
O5' ATP F . -14.97 -45.17 -15.57
C5' ATP F . -15.90 -46.20 -15.92
C4' ATP F . -16.43 -45.86 -17.28
O4' ATP F . -17.21 -44.66 -17.15
C3' ATP F . -15.36 -45.54 -18.33
O3' ATP F . -15.69 -46.10 -19.59
C2' ATP F . -15.42 -44.02 -18.41
O2' ATP F . -14.92 -43.57 -19.64
C1' ATP F . -16.92 -43.85 -18.26
N9 ATP F . -17.48 -42.52 -18.05
C8 ATP F . -18.70 -42.10 -18.51
N7 ATP F . -18.95 -40.85 -18.21
C5 ATP F . -17.83 -40.44 -17.53
C6 ATP F . -17.49 -39.20 -16.96
N6 ATP F . -18.29 -38.14 -16.99
N1 ATP F . -16.28 -39.11 -16.36
C2 ATP F . -15.49 -40.19 -16.34
N3 ATP F . -15.71 -41.40 -16.84
C4 ATP F . -16.90 -41.45 -17.44
MG MG G . 7.82 -36.26 -10.70
PG ATP H . 8.07 -37.79 -7.44
O1G ATP H . 7.63 -37.62 -8.83
O2G ATP H . 7.25 -37.02 -6.49
O3G ATP H . 8.16 -39.20 -7.08
PB ATP H . 10.48 -36.48 -8.46
O1B ATP H . 11.71 -37.26 -8.36
O2B ATP H . 9.77 -36.41 -9.73
O3B ATP H . 9.48 -37.07 -7.38
PA ATP H . 10.56 -33.52 -8.60
O1A ATP H . 9.18 -33.38 -9.12
O2A ATP H . 11.63 -33.16 -9.54
O3A ATP H . 10.78 -34.98 -8.00
O5' ATP H . 10.68 -32.62 -7.31
C5' ATP H . 11.96 -32.15 -6.87
C4' ATP H . 11.74 -31.15 -5.77
O4' ATP H . 11.36 -29.88 -6.35
C3' ATP H . 10.62 -31.48 -4.77
O3' ATP H . 11.12 -31.33 -3.45
C2' ATP H . 9.58 -30.41 -5.06
O2' ATP H . 8.79 -30.14 -3.93
C1' ATP H . 10.52 -29.27 -5.41
N9 ATP H . 9.98 -28.04 -5.97
C8 ATP H . 10.00 -26.80 -5.37
N7 ATP H . 9.45 -25.87 -6.11
C5 ATP H . 9.05 -26.54 -7.25
C6 ATP H . 8.41 -26.11 -8.41
N6 ATP H . 8.02 -24.85 -8.62
N1 ATP H . 8.15 -27.03 -9.35
C2 ATP H . 8.53 -28.31 -9.14
N3 ATP H . 9.15 -28.82 -8.09
C4 ATP H . 9.38 -27.88 -7.17
MG MG I . 29.67 -12.83 33.22
PG ATP J . 29.28 -13.95 36.98
O1G ATP J . 28.47 -13.32 38.03
O2G ATP J . 29.38 -15.40 37.17
O3G ATP J . 28.85 -13.58 35.63
PB ATP J . 32.05 -13.28 36.23
O1B ATP J . 33.08 -14.15 36.81
O2B ATP J . 31.62 -13.47 34.85
O3B ATP J . 30.75 -13.37 37.14
PA ATP J . 32.74 -10.54 35.41
O1A ATP J . 31.48 -10.22 34.71
O2A ATP J . 33.96 -10.63 34.58
O3A ATP J . 32.55 -11.77 36.37
O5' ATP J . 32.99 -9.42 36.49
C5' ATP J . 34.23 -9.34 37.20
C4' ATP J . 34.22 -8.02 37.92
O4' ATP J . 34.26 -6.97 36.93
C3' ATP J . 32.96 -7.75 38.74
O3' ATP J . 33.26 -7.14 39.99
C2' ATP J . 32.19 -6.77 37.87
O2' ATP J . 31.30 -6.01 38.63
C1' ATP J . 33.38 -5.98 37.35
N9 ATP J . 33.17 -5.02 36.26
C8 ATP J . 33.87 -3.86 36.11
N7 ATP J . 33.48 -3.16 35.08
C5 ATP J . 32.47 -3.92 34.53
C6 ATP J . 31.65 -3.71 33.40
N6 ATP J . 31.75 -2.65 32.62
N1 ATP J . 30.73 -4.65 33.13
C2 ATP J . 30.66 -5.73 33.93
N3 ATP J . 31.36 -6.02 35.01
C4 ATP J . 32.26 -5.06 35.26
MG MG K . 10.44 -19.08 31.91
PG ATP L . 11.69 -22.11 30.40
O1G ATP L . 11.68 -20.93 31.26
O2G ATP L . 12.15 -21.81 29.03
O3G ATP L . 12.42 -23.22 30.99
PB ATP L . 8.79 -21.98 30.85
O1B ATP L . 8.22 -23.14 31.50
O2B ATP L . 9.10 -20.79 31.65
O3B ATP L . 10.15 -22.47 30.19
PA ATP L . 7.16 -20.18 29.18
O1A ATP L . 8.11 -19.05 29.22
O2A ATP L . 5.89 -19.95 29.89
O3A ATP L . 7.86 -21.52 29.66
O5' ATP L . 6.84 -20.50 27.66
C5' ATP L . 5.62 -21.15 27.29
C4' ATP L . 5.50 -21.12 25.80
O4' ATP L . 5.03 -19.82 25.39
C3' ATP L . 6.80 -21.34 25.01
O3' ATP L . 6.57 -22.32 24.01
C2' ATP L . 7.04 -19.98 24.37
O2' ATP L . 7.78 -20.09 23.18
C1' ATP L . 5.59 -19.58 24.13
N9 ATP L . 5.29 -18.22 23.69
C8 ATP L . 4.73 -17.87 22.49
N7 ATP L . 4.55 -16.58 22.37
C5 ATP L . 5.01 -16.07 23.57
C6 ATP L . 5.08 -14.77 24.07
N6 ATP L . 4.69 -13.69 23.39
N1 ATP L . 5.58 -14.60 25.32
C2 ATP L . 5.98 -15.69 25.99
N3 ATP L . 5.96 -16.96 25.63
C4 ATP L . 5.45 -17.08 24.40
#